data_1O4R
# 
_entry.id   1O4R 
# 
_audit_conform.dict_name       mmcif_pdbx.dic 
_audit_conform.dict_version    5.376 
_audit_conform.dict_location   http://mmcif.pdb.org/dictionaries/ascii/mmcif_pdbx.dic 
# 
loop_
_database_2.database_id 
_database_2.database_code 
_database_2.pdbx_database_accession 
_database_2.pdbx_DOI 
PDB   1O4R         pdb_00001o4r 10.2210/pdb1o4r/pdb 
RCSB  RCSB001802   ?            ?                   
WWPDB D_1000001802 ?            ?                   
# 
_pdbx_database_status.status_code                     REL 
_pdbx_database_status.entry_id                        1O4R 
_pdbx_database_status.recvd_initial_deposition_date   2003-06-15 
_pdbx_database_status.deposit_site                    RCSB 
_pdbx_database_status.process_site                    RCSB 
_pdbx_database_status.SG_entry                        . 
_pdbx_database_status.pdb_format_compatible           Y 
_pdbx_database_status.status_code_mr                  ? 
_pdbx_database_status.status_code_sf                  ? 
_pdbx_database_status.status_code_cs                  ? 
_pdbx_database_status.status_code_nmr_data            ? 
_pdbx_database_status.methods_development_category    ? 
# 
loop_
_audit_author.name 
_audit_author.pdbx_ordinal 
'Lange, G.'  1 
'Loenze, P.' 2 
'Liesum, A.' 3 
# 
_citation.id                        primary 
_citation.title                     
;Requirements for specific binding of low affinity inhibitor fragments to the SH2 domain of (pp60)Src are identical to those for high affinity binding of full length inhibitors.
;
_citation.journal_abbrev            J.Med.Chem. 
_citation.journal_volume            46 
_citation.page_first                5184 
_citation.page_last                 5195 
_citation.year                      2003 
_citation.journal_id_ASTM           JMCMAR 
_citation.country                   US 
_citation.journal_id_ISSN           0022-2623 
_citation.journal_id_CSD            0151 
_citation.book_publisher            ? 
_citation.pdbx_database_id_PubMed   14613321 
_citation.pdbx_database_id_DOI      10.1021/jm020970s 
# 
loop_
_citation_author.citation_id 
_citation_author.name 
_citation_author.ordinal 
_citation_author.identifier_ORCID 
primary 'Lange, G.'       1  ? 
primary 'Lesuisse, D.'    2  ? 
primary 'Deprez, P.'      3  ? 
primary 'Schoot, B.'      4  ? 
primary 'Loenze, P.'      5  ? 
primary 'Benard, D.'      6  ? 
primary 'Marquette, J.P.' 7  ? 
primary 'Broto, P.'       8  ? 
primary 'Sarubbi, E.'     9  ? 
primary 'Mandine, E.'     10 ? 
# 
_cell.entry_id           1O4R 
_cell.length_a           26.502 
_cell.length_b           58.758 
_cell.length_c           64.262 
_cell.angle_alpha        90.00 
_cell.angle_beta         90.00 
_cell.angle_gamma        90.00 
_cell.Z_PDB              4 
_cell.pdbx_unique_axis   ? 
# 
_symmetry.entry_id                         1O4R 
_symmetry.space_group_name_H-M             'P 21 21 21' 
_symmetry.pdbx_full_space_group_name_H-M   ? 
_symmetry.cell_setting                     ? 
_symmetry.Int_Tables_number                19 
# 
loop_
_entity.id 
_entity.type 
_entity.src_method 
_entity.pdbx_description 
_entity.formula_weight 
_entity.pdbx_number_of_molecules 
_entity.pdbx_ec 
_entity.pdbx_mutation 
_entity.pdbx_fragment 
_entity.details 
1 polymer     man 'PROTO-ONCOGENE TYROSINE-PROTEIN KINASE SRC' 12374.964 1   2.7.1.112 ? 'SH2 DOMAIN' ? 
2 non-polymer syn '(PHENYL-PHOSPHONO-METHYL)-PHOSPHONIC ACID'  252.098   1   ?         ? ?            ? 
3 water       nat water                                        18.015    172 ?         ? ?            ? 
# 
_entity_name_com.entity_id   1 
_entity_name_com.name        'P60-SRC, C-SRC' 
# 
_entity_poly.entity_id                      1 
_entity_poly.type                           'polypeptide(L)' 
_entity_poly.nstd_linkage                   no 
_entity_poly.nstd_monomer                   no 
_entity_poly.pdbx_seq_one_letter_code       
;SIQAEEWYFGKITRRESERLLLNAENPRGTFLVRESETTKGAYCLSVSDFDNAKGLNVKHYKIRKLDSGGFYITSRTQFN
SLQQLVAYYSKHADGLCHRLTTVCPTSK
;
_entity_poly.pdbx_seq_one_letter_code_can   
;SIQAEEWYFGKITRRESERLLLNAENPRGTFLVRESETTKGAYCLSVSDFDNAKGLNVKHYKIRKLDSGGFYITSRTQFN
SLQQLVAYYSKHADGLCHRLTTVCPTSK
;
_entity_poly.pdbx_strand_id                 A 
_entity_poly.pdbx_target_identifier         ? 
# 
loop_
_entity_poly_seq.entity_id 
_entity_poly_seq.num 
_entity_poly_seq.mon_id 
_entity_poly_seq.hetero 
1 1   SER n 
1 2   ILE n 
1 3   GLN n 
1 4   ALA n 
1 5   GLU n 
1 6   GLU n 
1 7   TRP n 
1 8   TYR n 
1 9   PHE n 
1 10  GLY n 
1 11  LYS n 
1 12  ILE n 
1 13  THR n 
1 14  ARG n 
1 15  ARG n 
1 16  GLU n 
1 17  SER n 
1 18  GLU n 
1 19  ARG n 
1 20  LEU n 
1 21  LEU n 
1 22  LEU n 
1 23  ASN n 
1 24  ALA n 
1 25  GLU n 
1 26  ASN n 
1 27  PRO n 
1 28  ARG n 
1 29  GLY n 
1 30  THR n 
1 31  PHE n 
1 32  LEU n 
1 33  VAL n 
1 34  ARG n 
1 35  GLU n 
1 36  SER n 
1 37  GLU n 
1 38  THR n 
1 39  THR n 
1 40  LYS n 
1 41  GLY n 
1 42  ALA n 
1 43  TYR n 
1 44  CYS n 
1 45  LEU n 
1 46  SER n 
1 47  VAL n 
1 48  SER n 
1 49  ASP n 
1 50  PHE n 
1 51  ASP n 
1 52  ASN n 
1 53  ALA n 
1 54  LYS n 
1 55  GLY n 
1 56  LEU n 
1 57  ASN n 
1 58  VAL n 
1 59  LYS n 
1 60  HIS n 
1 61  TYR n 
1 62  LYS n 
1 63  ILE n 
1 64  ARG n 
1 65  LYS n 
1 66  LEU n 
1 67  ASP n 
1 68  SER n 
1 69  GLY n 
1 70  GLY n 
1 71  PHE n 
1 72  TYR n 
1 73  ILE n 
1 74  THR n 
1 75  SER n 
1 76  ARG n 
1 77  THR n 
1 78  GLN n 
1 79  PHE n 
1 80  ASN n 
1 81  SER n 
1 82  LEU n 
1 83  GLN n 
1 84  GLN n 
1 85  LEU n 
1 86  VAL n 
1 87  ALA n 
1 88  TYR n 
1 89  TYR n 
1 90  SER n 
1 91  LYS n 
1 92  HIS n 
1 93  ALA n 
1 94  ASP n 
1 95  GLY n 
1 96  LEU n 
1 97  CYS n 
1 98  HIS n 
1 99  ARG n 
1 100 LEU n 
1 101 THR n 
1 102 THR n 
1 103 VAL n 
1 104 CYS n 
1 105 PRO n 
1 106 THR n 
1 107 SER n 
1 108 LYS n 
# 
_entity_src_gen.entity_id                          1 
_entity_src_gen.pdbx_src_id                        1 
_entity_src_gen.pdbx_alt_source_flag               sample 
_entity_src_gen.pdbx_seq_type                      ? 
_entity_src_gen.pdbx_beg_seq_num                   ? 
_entity_src_gen.pdbx_end_seq_num                   ? 
_entity_src_gen.gene_src_common_name               human 
_entity_src_gen.gene_src_genus                     Homo 
_entity_src_gen.pdbx_gene_src_gene                 SRC 
_entity_src_gen.gene_src_species                   ? 
_entity_src_gen.gene_src_strain                    ? 
_entity_src_gen.gene_src_tissue                    ? 
_entity_src_gen.gene_src_tissue_fraction           ? 
_entity_src_gen.gene_src_details                   ? 
_entity_src_gen.pdbx_gene_src_fragment             ? 
_entity_src_gen.pdbx_gene_src_scientific_name      'Homo sapiens' 
_entity_src_gen.pdbx_gene_src_ncbi_taxonomy_id     9606 
_entity_src_gen.pdbx_gene_src_variant              ? 
_entity_src_gen.pdbx_gene_src_cell_line            ? 
_entity_src_gen.pdbx_gene_src_atcc                 ? 
_entity_src_gen.pdbx_gene_src_organ                ? 
_entity_src_gen.pdbx_gene_src_organelle            ? 
_entity_src_gen.pdbx_gene_src_cell                 ? 
_entity_src_gen.pdbx_gene_src_cellular_location    ? 
_entity_src_gen.host_org_common_name               ? 
_entity_src_gen.pdbx_host_org_scientific_name      'Escherichia coli' 
_entity_src_gen.pdbx_host_org_ncbi_taxonomy_id     562 
_entity_src_gen.host_org_genus                     Escherichia 
_entity_src_gen.pdbx_host_org_gene                 ? 
_entity_src_gen.pdbx_host_org_organ                ? 
_entity_src_gen.host_org_species                   ? 
_entity_src_gen.pdbx_host_org_tissue               ? 
_entity_src_gen.pdbx_host_org_tissue_fraction      ? 
_entity_src_gen.pdbx_host_org_strain               ? 
_entity_src_gen.pdbx_host_org_variant              ? 
_entity_src_gen.pdbx_host_org_cell_line            ? 
_entity_src_gen.pdbx_host_org_atcc                 ? 
_entity_src_gen.pdbx_host_org_culture_collection   ? 
_entity_src_gen.pdbx_host_org_cell                 ? 
_entity_src_gen.pdbx_host_org_organelle            ? 
_entity_src_gen.pdbx_host_org_cellular_location    ? 
_entity_src_gen.pdbx_host_org_vector_type          ? 
_entity_src_gen.pdbx_host_org_vector               ? 
_entity_src_gen.host_org_details                   ? 
_entity_src_gen.expression_system_id               ? 
_entity_src_gen.plasmid_name                       'BL21 (DE3)' 
_entity_src_gen.plasmid_details                    ? 
_entity_src_gen.pdbx_description                   ? 
# 
_struct_ref.id                         1 
_struct_ref.db_name                    UNP 
_struct_ref.db_code                    SRC_HUMAN 
_struct_ref.pdbx_db_accession          P12931 
_struct_ref.entity_id                  1 
_struct_ref.pdbx_seq_one_letter_code   
;SIQAEEWYFGKITRRESERLLLNAENPRGTFLVRESETTKGAYCLSVSDFDNAKGLNVKHYKIRKLDSGGFYITSRTQFN
SLQQLVAYYSKHADGLCHRLTTVCPTSK
;
_struct_ref.pdbx_align_begin           144 
_struct_ref.pdbx_db_isoform            ? 
# 
_struct_ref_seq.align_id                      1 
_struct_ref_seq.ref_id                        1 
_struct_ref_seq.pdbx_PDB_id_code              1O4R 
_struct_ref_seq.pdbx_strand_id                A 
_struct_ref_seq.seq_align_beg                 1 
_struct_ref_seq.pdbx_seq_align_beg_ins_code   ? 
_struct_ref_seq.seq_align_end                 108 
_struct_ref_seq.pdbx_seq_align_end_ins_code   ? 
_struct_ref_seq.pdbx_db_accession             P12931 
_struct_ref_seq.db_align_beg                  144 
_struct_ref_seq.pdbx_db_align_beg_ins_code    ? 
_struct_ref_seq.db_align_end                  251 
_struct_ref_seq.pdbx_db_align_end_ins_code    ? 
_struct_ref_seq.pdbx_auth_seq_align_beg       1 
_struct_ref_seq.pdbx_auth_seq_align_end       108 
# 
loop_
_chem_comp.id 
_chem_comp.type 
_chem_comp.mon_nstd_flag 
_chem_comp.name 
_chem_comp.pdbx_synonyms 
_chem_comp.formula 
_chem_comp.formula_weight 
787 non-polymer         . '(PHENYL-PHOSPHONO-METHYL)-PHOSPHONIC ACID' RU78783 'C7 H10 O6 P2'   252.098 
ALA 'L-peptide linking' y ALANINE                                     ?       'C3 H7 N O2'     89.093  
ARG 'L-peptide linking' y ARGININE                                    ?       'C6 H15 N4 O2 1' 175.209 
ASN 'L-peptide linking' y ASPARAGINE                                  ?       'C4 H8 N2 O3'    132.118 
ASP 'L-peptide linking' y 'ASPARTIC ACID'                             ?       'C4 H7 N O4'     133.103 
CYS 'L-peptide linking' y CYSTEINE                                    ?       'C3 H7 N O2 S'   121.158 
GLN 'L-peptide linking' y GLUTAMINE                                   ?       'C5 H10 N2 O3'   146.144 
GLU 'L-peptide linking' y 'GLUTAMIC ACID'                             ?       'C5 H9 N O4'     147.129 
GLY 'peptide linking'   y GLYCINE                                     ?       'C2 H5 N O2'     75.067  
HIS 'L-peptide linking' y HISTIDINE                                   ?       'C6 H10 N3 O2 1' 156.162 
HOH non-polymer         . WATER                                       ?       'H2 O'           18.015  
ILE 'L-peptide linking' y ISOLEUCINE                                  ?       'C6 H13 N O2'    131.173 
LEU 'L-peptide linking' y LEUCINE                                     ?       'C6 H13 N O2'    131.173 
LYS 'L-peptide linking' y LYSINE                                      ?       'C6 H15 N2 O2 1' 147.195 
PHE 'L-peptide linking' y PHENYLALANINE                               ?       'C9 H11 N O2'    165.189 
PRO 'L-peptide linking' y PROLINE                                     ?       'C5 H9 N O2'     115.130 
SER 'L-peptide linking' y SERINE                                      ?       'C3 H7 N O3'     105.093 
THR 'L-peptide linking' y THREONINE                                   ?       'C4 H9 N O3'     119.119 
TRP 'L-peptide linking' y TRYPTOPHAN                                  ?       'C11 H12 N2 O2'  204.225 
TYR 'L-peptide linking' y TYROSINE                                    ?       'C9 H11 N O3'    181.189 
VAL 'L-peptide linking' y VALINE                                      ?       'C5 H11 N O2'    117.146 
# 
_exptl.entry_id          1O4R 
_exptl.method            'X-RAY DIFFRACTION' 
_exptl.crystals_number   1 
# 
_exptl_crystal.id                    1 
_exptl_crystal.density_meas          ? 
_exptl_crystal.density_Matthews      2.2 
_exptl_crystal.density_percent_sol   41.9 
_exptl_crystal.description           ? 
# 
_exptl_crystal_grow.crystal_id      1 
_exptl_crystal_grow.method          ? 
_exptl_crystal_grow.temp            ? 
_exptl_crystal_grow.temp_details    ? 
_exptl_crystal_grow.pH              5.50 
_exptl_crystal_grow.pdbx_pH_range   ? 
_exptl_crystal_grow.pdbx_details    'pH 5.50' 
# 
_diffrn.id                     1 
_diffrn.ambient_temp           100.0 
_diffrn.ambient_temp_details   ? 
_diffrn.crystal_id             1 
# 
_diffrn_detector.diffrn_id              1 
_diffrn_detector.detector               'IMAGE PLATE' 
_diffrn_detector.type                   'MAR scanner 345 mm plate' 
_diffrn_detector.pdbx_collection_date   1998-02-11 
_diffrn_detector.details                ? 
# 
_diffrn_radiation.diffrn_id                        1 
_diffrn_radiation.wavelength_id                    1 
_diffrn_radiation.pdbx_monochromatic_or_laue_m_l   M 
_diffrn_radiation.monochromator                    GRAPHITE 
_diffrn_radiation.pdbx_diffrn_protocol             'SINGLE WAVELENGTH' 
_diffrn_radiation.pdbx_scattering_type             x-ray 
# 
_diffrn_radiation_wavelength.id           1 
_diffrn_radiation_wavelength.wavelength   1.5418 
_diffrn_radiation_wavelength.wt           1.0 
# 
_diffrn_source.diffrn_id                   1 
_diffrn_source.source                      'ROTATING ANODE' 
_diffrn_source.type                        'ELLIOTT GX-21' 
_diffrn_source.pdbx_synchrotron_site       ? 
_diffrn_source.pdbx_synchrotron_beamline   ? 
_diffrn_source.pdbx_wavelength             1.5418 
_diffrn_source.pdbx_wavelength_list        ? 
# 
_reflns.entry_id                     1O4R 
_reflns.observed_criterion_sigma_I   -3.000 
_reflns.observed_criterion_sigma_F   ? 
_reflns.d_resolution_low             40.000 
_reflns.d_resolution_high            1.50 
_reflns.number_obs                   15179 
_reflns.number_all                   ? 
_reflns.percent_possible_obs         90.8 
_reflns.pdbx_Rmerge_I_obs            0.045 
_reflns.pdbx_Rsym_value              ? 
_reflns.pdbx_netI_over_sigmaI        25 
_reflns.B_iso_Wilson_estimate        ? 
_reflns.pdbx_redundancy              ? 
_reflns.pdbx_diffrn_id               1 
_reflns.pdbx_ordinal                 1 
# 
_reflns_shell.d_res_high             1.50 
_reflns_shell.d_res_low              1.55 
_reflns_shell.percent_possible_all   83.1 
_reflns_shell.Rmerge_I_obs           0.114 
_reflns_shell.pdbx_Rsym_value        ? 
_reflns_shell.meanI_over_sigI_obs    9 
_reflns_shell.pdbx_redundancy        ? 
_reflns_shell.pdbx_diffrn_id         ? 
_reflns_shell.pdbx_ordinal           1 
# 
_refine.entry_id                                 1O4R 
_refine.ls_number_reflns_obs                     15179 
_refine.ls_number_reflns_all                     ? 
_refine.pdbx_ls_sigma_I                          ? 
_refine.pdbx_ls_sigma_F                          ? 
_refine.pdbx_data_cutoff_high_absF               1000000.000 
_refine.pdbx_data_cutoff_low_absF                0.1000 
_refine.pdbx_data_cutoff_high_rms_absF           ? 
_refine.ls_d_res_low                             8.00 
_refine.ls_d_res_high                            1.50 
_refine.ls_percent_reflns_obs                    90.8 
_refine.ls_R_factor_obs                          0.19 
_refine.ls_R_factor_all                          ? 
_refine.ls_R_factor_R_work                       0.19 
_refine.ls_R_factor_R_free                       ? 
_refine.ls_R_factor_R_free_error                 ? 
_refine.ls_R_factor_R_free_error_details         ? 
_refine.ls_percent_reflns_R_free                 ? 
_refine.ls_number_reflns_R_free                  ? 
_refine.ls_number_parameters                     ? 
_refine.ls_number_restraints                     ? 
_refine.occupancy_min                            ? 
_refine.occupancy_max                            ? 
_refine.correlation_coeff_Fo_to_Fc               ? 
_refine.correlation_coeff_Fo_to_Fc_free          ? 
_refine.B_iso_mean                               16.1 
_refine.aniso_B[1][1]                            ? 
_refine.aniso_B[2][2]                            ? 
_refine.aniso_B[3][3]                            ? 
_refine.aniso_B[1][2]                            ? 
_refine.aniso_B[1][3]                            ? 
_refine.aniso_B[2][3]                            ? 
_refine.solvent_model_details                    ? 
_refine.solvent_model_param_ksol                 ? 
_refine.solvent_model_param_bsol                 ? 
_refine.pdbx_solvent_vdw_probe_radii             ? 
_refine.pdbx_solvent_ion_probe_radii             ? 
_refine.pdbx_solvent_shrinkage_radii             ? 
_refine.pdbx_ls_cross_valid_method               ? 
_refine.details                                  ? 
_refine.pdbx_starting_model                      1SHD 
_refine.pdbx_method_to_determine_struct          MR 
_refine.pdbx_isotropic_thermal_model             ? 
_refine.pdbx_stereochemistry_target_values       ? 
_refine.pdbx_stereochem_target_val_spec_case     ? 
_refine.pdbx_R_Free_selection_details            ? 
_refine.pdbx_overall_ESU_R                       ? 
_refine.pdbx_overall_ESU_R_Free                  ? 
_refine.overall_SU_ML                            ? 
_refine.overall_SU_B                             ? 
_refine.pdbx_refine_id                           'X-RAY DIFFRACTION' 
_refine.pdbx_diffrn_id                           1 
_refine.pdbx_TLS_residual_ADP_flag               ? 
_refine.pdbx_overall_phase_error                 ? 
_refine.overall_SU_R_Cruickshank_DPI             ? 
_refine.pdbx_overall_SU_R_free_Cruickshank_DPI   ? 
_refine.pdbx_overall_SU_R_Blow_DPI               ? 
_refine.pdbx_overall_SU_R_free_Blow_DPI          ? 
# 
_refine_hist.pdbx_refine_id                   'X-RAY DIFFRACTION' 
_refine_hist.cycle_id                         LAST 
_refine_hist.pdbx_number_atoms_protein        849 
_refine_hist.pdbx_number_atoms_nucleic_acid   0 
_refine_hist.pdbx_number_atoms_ligand         15 
_refine_hist.number_atoms_solvent             172 
_refine_hist.number_atoms_total               1036 
_refine_hist.d_res_high                       1.50 
_refine_hist.d_res_low                        8.00 
# 
loop_
_refine_ls_restr.type 
_refine_ls_restr.dev_ideal 
_refine_ls_restr.dev_ideal_target 
_refine_ls_restr.weight 
_refine_ls_restr.number 
_refine_ls_restr.pdbx_refine_id 
_refine_ls_restr.pdbx_restraint_function 
x_bond_d                0.009 ? ? ? 'X-RAY DIFFRACTION' ? 
x_bond_d_na             ?     ? ? ? 'X-RAY DIFFRACTION' ? 
x_bond_d_prot           ?     ? ? ? 'X-RAY DIFFRACTION' ? 
x_angle_d               ?     ? ? ? 'X-RAY DIFFRACTION' ? 
x_angle_d_na            ?     ? ? ? 'X-RAY DIFFRACTION' ? 
x_angle_d_prot          ?     ? ? ? 'X-RAY DIFFRACTION' ? 
x_angle_deg             1.3   ? ? ? 'X-RAY DIFFRACTION' ? 
x_angle_deg_na          ?     ? ? ? 'X-RAY DIFFRACTION' ? 
x_angle_deg_prot        ?     ? ? ? 'X-RAY DIFFRACTION' ? 
x_dihedral_angle_d      ?     ? ? ? 'X-RAY DIFFRACTION' ? 
x_dihedral_angle_d_na   ?     ? ? ? 'X-RAY DIFFRACTION' ? 
x_dihedral_angle_d_prot ?     ? ? ? 'X-RAY DIFFRACTION' ? 
x_improper_angle_d      ?     ? ? ? 'X-RAY DIFFRACTION' ? 
x_improper_angle_d_na   ?     ? ? ? 'X-RAY DIFFRACTION' ? 
x_improper_angle_d_prot ?     ? ? ? 'X-RAY DIFFRACTION' ? 
x_mcbond_it             ?     ? ? ? 'X-RAY DIFFRACTION' ? 
x_mcangle_it            ?     ? ? ? 'X-RAY DIFFRACTION' ? 
x_scbond_it             ?     ? ? ? 'X-RAY DIFFRACTION' ? 
x_scangle_it            ?     ? ? ? 'X-RAY DIFFRACTION' ? 
# 
_struct.entry_id                  1O4R 
_struct.title                     'CRYSTAL STRUCTURE OF SH2 IN COMPLEX WITH RU78783.' 
_struct.pdbx_model_details        ? 
_struct.pdbx_CASP_flag            ? 
_struct.pdbx_model_type_details   ? 
# 
_struct_keywords.entry_id        1O4R 
_struct_keywords.pdbx_keywords   'SIGNALING PROTEIN' 
_struct_keywords.text            'SH2 DOMAIN FRAGMENT APPROACH, SIGNALING PROTEIN' 
# 
loop_
_struct_asym.id 
_struct_asym.pdbx_blank_PDB_chainid_flag 
_struct_asym.pdbx_modified 
_struct_asym.entity_id 
_struct_asym.details 
A N N 1 ? 
B N N 2 ? 
C N N 3 ? 
# 
_struct_biol.id   1 
# 
loop_
_struct_conf.conf_type_id 
_struct_conf.id 
_struct_conf.pdbx_PDB_helix_id 
_struct_conf.beg_label_comp_id 
_struct_conf.beg_label_asym_id 
_struct_conf.beg_label_seq_id 
_struct_conf.pdbx_beg_PDB_ins_code 
_struct_conf.end_label_comp_id 
_struct_conf.end_label_asym_id 
_struct_conf.end_label_seq_id 
_struct_conf.pdbx_end_PDB_ins_code 
_struct_conf.beg_auth_comp_id 
_struct_conf.beg_auth_asym_id 
_struct_conf.beg_auth_seq_id 
_struct_conf.end_auth_comp_id 
_struct_conf.end_auth_asym_id 
_struct_conf.end_auth_seq_id 
_struct_conf.pdbx_PDB_helix_class 
_struct_conf.details 
_struct_conf.pdbx_PDB_helix_length 
HELX_P HELX_P1 1 SER A 1  ? GLU A 5  ? SER A 1  GLU A 5  5 ? 5  
HELX_P HELX_P2 2 THR A 13 ? LEU A 22 ? THR A 13 LEU A 22 1 ? 10 
HELX_P HELX_P3 3 SER A 81 ? SER A 90 ? SER A 81 SER A 90 1 ? 10 
# 
_struct_conf_type.id          HELX_P 
_struct_conf_type.criteria    ? 
_struct_conf_type.reference   ? 
# 
_struct_sheet.id               A 
_struct_sheet.type             ? 
_struct_sheet.number_strands   6 
_struct_sheet.details          ? 
# 
loop_
_struct_sheet_order.sheet_id 
_struct_sheet_order.range_id_1 
_struct_sheet_order.range_id_2 
_struct_sheet_order.offset 
_struct_sheet_order.sense 
A 1 2 ? parallel      
A 2 3 ? anti-parallel 
A 3 4 ? anti-parallel 
A 4 5 ? anti-parallel 
A 5 6 ? anti-parallel 
# 
loop_
_struct_sheet_range.sheet_id 
_struct_sheet_range.id 
_struct_sheet_range.beg_label_comp_id 
_struct_sheet_range.beg_label_asym_id 
_struct_sheet_range.beg_label_seq_id 
_struct_sheet_range.pdbx_beg_PDB_ins_code 
_struct_sheet_range.end_label_comp_id 
_struct_sheet_range.end_label_asym_id 
_struct_sheet_range.end_label_seq_id 
_struct_sheet_range.pdbx_end_PDB_ins_code 
_struct_sheet_range.beg_auth_comp_id 
_struct_sheet_range.beg_auth_asym_id 
_struct_sheet_range.beg_auth_seq_id 
_struct_sheet_range.end_auth_comp_id 
_struct_sheet_range.end_auth_asym_id 
_struct_sheet_range.end_auth_seq_id 
A 1 TYR A 8  ? GLY A 10 ? TYR A 8  GLY A 10 
A 2 PHE A 31 ? GLU A 35 ? PHE A 31 GLU A 35 
A 3 TYR A 43 ? ASP A 51 ? TYR A 43 ASP A 51 
A 4 GLY A 55 ? LYS A 65 ? GLY A 55 LYS A 65 
A 5 PHE A 71 ? TYR A 72 ? PHE A 71 TYR A 72 
A 6 GLN A 78 ? PHE A 79 ? GLN A 78 PHE A 79 
# 
loop_
_pdbx_struct_sheet_hbond.sheet_id 
_pdbx_struct_sheet_hbond.range_id_1 
_pdbx_struct_sheet_hbond.range_id_2 
_pdbx_struct_sheet_hbond.range_1_label_atom_id 
_pdbx_struct_sheet_hbond.range_1_label_comp_id 
_pdbx_struct_sheet_hbond.range_1_label_asym_id 
_pdbx_struct_sheet_hbond.range_1_label_seq_id 
_pdbx_struct_sheet_hbond.range_1_PDB_ins_code 
_pdbx_struct_sheet_hbond.range_1_auth_atom_id 
_pdbx_struct_sheet_hbond.range_1_auth_comp_id 
_pdbx_struct_sheet_hbond.range_1_auth_asym_id 
_pdbx_struct_sheet_hbond.range_1_auth_seq_id 
_pdbx_struct_sheet_hbond.range_2_label_atom_id 
_pdbx_struct_sheet_hbond.range_2_label_comp_id 
_pdbx_struct_sheet_hbond.range_2_label_asym_id 
_pdbx_struct_sheet_hbond.range_2_label_seq_id 
_pdbx_struct_sheet_hbond.range_2_PDB_ins_code 
_pdbx_struct_sheet_hbond.range_2_auth_atom_id 
_pdbx_struct_sheet_hbond.range_2_auth_comp_id 
_pdbx_struct_sheet_hbond.range_2_auth_asym_id 
_pdbx_struct_sheet_hbond.range_2_auth_seq_id 
A 1 2 N GLY A 10 ? N GLY A 10 O GLU A 35 ? O GLU A 35 
A 2 3 N ARG A 34 ? N ARG A 34 O CYS A 44 ? O CYS A 44 
A 3 4 N LEU A 45 ? N LEU A 45 O TYR A 61 ? O TYR A 61 
A 4 5 N ARG A 64 ? N ARG A 64 O TYR A 72 ? O TYR A 72 
A 5 6 N PHE A 71 ? N PHE A 71 O PHE A 79 ? O PHE A 79 
# 
_struct_site.id                   AC1 
_struct_site.pdbx_evidence_code   Software 
_struct_site.pdbx_auth_asym_id    A 
_struct_site.pdbx_auth_comp_id    787 
_struct_site.pdbx_auth_seq_id     300 
_struct_site.pdbx_auth_ins_code   ? 
_struct_site.pdbx_num_residues    12 
_struct_site.details              'BINDING SITE FOR RESIDUE 787 A 300' 
# 
loop_
_struct_site_gen.id 
_struct_site_gen.site_id 
_struct_site_gen.pdbx_num_res 
_struct_site_gen.label_comp_id 
_struct_site_gen.label_asym_id 
_struct_site_gen.label_seq_id 
_struct_site_gen.pdbx_auth_ins_code 
_struct_site_gen.auth_comp_id 
_struct_site_gen.auth_asym_id 
_struct_site_gen.auth_seq_id 
_struct_site_gen.label_atom_id 
_struct_site_gen.label_alt_id 
_struct_site_gen.symmetry 
_struct_site_gen.details 
1  AC1 12 ARG A 14 ? ARG A 14  . ? 1_555 ? 
2  AC1 12 ARG A 34 ? ARG A 34  . ? 1_555 ? 
3  AC1 12 SER A 36 ? SER A 36  . ? 1_555 ? 
4  AC1 12 GLU A 37 ? GLU A 37  . ? 1_555 ? 
5  AC1 12 THR A 38 ? THR A 38  . ? 1_555 ? 
6  AC1 12 THR A 39 ? THR A 39  . ? 1_555 ? 
7  AC1 12 CYS A 44 ? CYS A 44  . ? 1_555 ? 
8  AC1 12 HIS A 60 ? HIS A 60  . ? 1_555 ? 
9  AC1 12 LYS A 62 ? LYS A 62  . ? 1_555 ? 
10 AC1 12 HOH C .  ? HOH A 402 . ? 3_655 ? 
11 AC1 12 HOH C .  ? HOH A 410 . ? 1_555 ? 
12 AC1 12 HOH C .  ? HOH A 442 . ? 1_555 ? 
# 
_atom_sites.entry_id                    1O4R 
_atom_sites.fract_transf_matrix[1][1]   0.00346554 
_atom_sites.fract_transf_matrix[1][2]   -0.03753453 
_atom_sites.fract_transf_matrix[1][3]   0.00171133 
_atom_sites.fract_transf_matrix[2][1]   -0.01513622 
_atom_sites.fract_transf_matrix[2][2]   -0.00104599 
_atom_sites.fract_transf_matrix[2][3]   0.00771019 
_atom_sites.fract_transf_matrix[3][1]   -0.00696921 
_atom_sites.fract_transf_matrix[3][2]   -0.00127514 
_atom_sites.fract_transf_matrix[3][3]   -0.01385456 
_atom_sites.fract_transf_vector[1]      0.398926 
_atom_sites.fract_transf_vector[2]      0.323565 
_atom_sites.fract_transf_vector[3]      0.312766 
# 
loop_
_atom_type.symbol 
C 
N 
O 
P 
S 
# 
loop_
_atom_site.group_PDB 
_atom_site.id 
_atom_site.type_symbol 
_atom_site.label_atom_id 
_atom_site.label_alt_id 
_atom_site.label_comp_id 
_atom_site.label_asym_id 
_atom_site.label_entity_id 
_atom_site.label_seq_id 
_atom_site.pdbx_PDB_ins_code 
_atom_site.Cartn_x 
_atom_site.Cartn_y 
_atom_site.Cartn_z 
_atom_site.occupancy 
_atom_site.B_iso_or_equiv 
_atom_site.pdbx_formal_charge 
_atom_site.auth_seq_id 
_atom_site.auth_comp_id 
_atom_site.auth_asym_id 
_atom_site.auth_atom_id 
_atom_site.pdbx_PDB_model_num 
ATOM   1    N N   . SER A 1 1   ? 10.671  7.185   10.085  1.00 53.29 ? 1   SER A N   1 
ATOM   2    C CA  . SER A 1 1   ? 9.616   8.106   10.658  1.00 53.08 ? 1   SER A CA  1 
ATOM   3    C C   . SER A 1 1   ? 8.483   8.282   9.628   1.00 52.41 ? 1   SER A C   1 
ATOM   4    O O   . SER A 1 1   ? 8.384   9.286   8.881   1.00 52.27 ? 1   SER A O   1 
ATOM   5    C CB  . SER A 1 1   ? 10.215  9.444   11.121  1.00 54.94 ? 1   SER A CB  1 
ATOM   6    O OG  . SER A 1 1   ? 10.061  9.594   12.536  1.00 58.09 ? 1   SER A OG  1 
ATOM   7    N N   . ILE A 1 2   ? 7.579   7.308   9.729   1.00 50.63 ? 2   ILE A N   1 
ATOM   8    C CA  . ILE A 1 2   ? 6.442   7.090   8.850   1.00 48.66 ? 2   ILE A CA  1 
ATOM   9    C C   . ILE A 1 2   ? 5.201   7.968   8.929   1.00 47.13 ? 2   ILE A C   1 
ATOM   10   O O   . ILE A 1 2   ? 4.470   8.109   7.952   1.00 46.74 ? 2   ILE A O   1 
ATOM   11   C CB  . ILE A 1 2   ? 6.035   5.582   8.901   1.00 49.09 ? 2   ILE A CB  1 
ATOM   12   C CG1 . ILE A 1 2   ? 5.318   5.272   10.212  1.00 49.58 ? 2   ILE A CG1 1 
ATOM   13   C CG2 . ILE A 1 2   ? 7.313   4.693   8.813   1.00 48.74 ? 2   ILE A CG2 1 
ATOM   14   C CD1 . ILE A 1 2   ? 4.415   4.102   10.131  1.00 49.70 ? 2   ILE A CD1 1 
ATOM   15   N N   . GLN A 1 3   ? 4.922   8.521   10.091  1.00 45.36 ? 3   GLN A N   1 
ATOM   16   C CA  . GLN A 1 3   ? 3.755   9.371   10.203  1.00 43.71 ? 3   GLN A CA  1 
ATOM   17   C C   . GLN A 1 3   ? 3.920   10.662  9.456   1.00 40.99 ? 3   GLN A C   1 
ATOM   18   O O   . GLN A 1 3   ? 2.952   11.337  9.159   1.00 41.98 ? 3   GLN A O   1 
ATOM   19   C CB  . GLN A 1 3   ? 3.465   9.701   11.656  1.00 47.85 ? 3   GLN A CB  1 
ATOM   20   C CG  . GLN A 1 3   ? 2.334   8.901   12.250  1.00 53.11 ? 3   GLN A CG  1 
ATOM   21   C CD  . GLN A 1 3   ? 2.652   8.456   13.663  1.00 59.78 ? 3   GLN A CD  1 
ATOM   22   O OE1 . GLN A 1 3   ? 2.346   7.313   14.045  1.00 60.97 ? 3   GLN A OE1 1 
ATOM   23   N NE2 . GLN A 1 3   ? 3.303   9.347   14.450  1.00 62.54 ? 3   GLN A NE2 1 
ATOM   24   N N   . ALA A 1 4   ? 5.157   11.037  9.208   1.00 37.66 ? 4   ALA A N   1 
ATOM   25   C CA  . ALA A 1 4   ? 5.424   12.268  8.494   1.00 34.28 ? 4   ALA A CA  1 
ATOM   26   C C   . ALA A 1 4   ? 4.971   12.172  7.008   1.00 30.73 ? 4   ALA A C   1 
ATOM   27   O O   . ALA A 1 4   ? 4.667   13.177  6.360   1.00 30.98 ? 4   ALA A O   1 
ATOM   28   C CB  . ALA A 1 4   ? 6.960   12.567  8.567   1.00 35.13 ? 4   ALA A CB  1 
ATOM   29   N N   . GLU A 1 5   ? 4.868   10.944  6.512   1.00 26.89 ? 5   GLU A N   1 
ATOM   30   C CA  . GLU A 1 5   ? 4.569   10.689  5.116   1.00 22.14 ? 5   GLU A CA  1 
ATOM   31   C C   . GLU A 1 5   ? 3.157   10.969  4.686   1.00 18.68 ? 5   GLU A C   1 
ATOM   32   O O   . GLU A 1 5   ? 2.233   10.504  5.299   1.00 16.75 ? 5   GLU A O   1 
ATOM   33   C CB  . GLU A 1 5   ? 4.941   9.257   4.814   1.00 22.82 ? 5   GLU A CB  1 
ATOM   34   C CG  . GLU A 1 5   ? 6.282   8.879   5.405   1.00 26.67 ? 5   GLU A CG  1 
ATOM   35   C CD  . GLU A 1 5   ? 7.401   9.616   4.725   1.00 29.05 ? 5   GLU A CD  1 
ATOM   36   O OE1 . GLU A 1 5   ? 8.402   9.910   5.394   1.00 30.70 ? 5   GLU A OE1 1 
ATOM   37   O OE2 . GLU A 1 5   ? 7.281   9.895   3.515   1.00 29.66 ? 5   GLU A OE2 1 
ATOM   38   N N   . GLU A 1 6   ? 3.006   11.695  3.577   1.00 15.87 ? 6   GLU A N   1 
ATOM   39   C CA  . GLU A 1 6   ? 1.693   12.033  3.043   1.00 14.08 ? 6   GLU A CA  1 
ATOM   40   C C   . GLU A 1 6   ? 0.897   10.806  2.526   1.00 12.53 ? 6   GLU A C   1 
ATOM   41   O O   . GLU A 1 6   ? -0.335  10.870  2.456   1.00 12.88 ? 6   GLU A O   1 
ATOM   42   C CB  . GLU A 1 6   ? 1.778   13.165  2.002   1.00 14.76 ? 6   GLU A CB  1 
ATOM   43   C CG  . GLU A 1 6   ? 2.220   12.793  0.598   1.00 14.14 ? 6   GLU A CG  1 
ATOM   44   C CD  . GLU A 1 6   ? 3.744   12.442  0.427   1.00 16.18 ? 6   GLU A CD  1 
ATOM   45   O OE1 . GLU A 1 6   ? 4.077   11.972  -0.707  1.00 16.77 ? 6   GLU A OE1 1 
ATOM   46   O OE2 . GLU A 1 6   ? 4.581   12.631  1.360   1.00 12.79 ? 6   GLU A OE2 1 
ATOM   47   N N   . TRP A 1 7   ? 1.582   9.713   2.160   1.00 9.90  ? 7   TRP A N   1 
ATOM   48   C CA  . TRP A 1 7   ? 0.887   8.495   1.728   1.00 9.14  ? 7   TRP A CA  1 
ATOM   49   C C   . TRP A 1 7   ? 0.529   7.625   2.932   1.00 8.66  ? 7   TRP A C   1 
ATOM   50   O O   . TRP A 1 7   ? -0.081  6.566   2.771   1.00 8.55  ? 7   TRP A O   1 
ATOM   51   C CB  . TRP A 1 7   ? 1.711   7.647   0.739   1.00 8.60  ? 7   TRP A CB  1 
ATOM   52   C CG  . TRP A 1 7   ? 3.142   7.644   1.000   1.00 8.38  ? 7   TRP A CG  1 
ATOM   53   C CD1 . TRP A 1 7   ? 4.102   8.399   0.345   1.00 9.20  ? 7   TRP A CD1 1 
ATOM   54   C CD2 . TRP A 1 7   ? 3.846   6.840   1.963   1.00 9.00  ? 7   TRP A CD2 1 
ATOM   55   N NE1 . TRP A 1 7   ? 5.349   8.118   0.844   1.00 9.24  ? 7   TRP A NE1 1 
ATOM   56   C CE2 . TRP A 1 7   ? 5.232   7.166   1.834   1.00 9.91  ? 7   TRP A CE2 1 
ATOM   57   C CE3 . TRP A 1 7   ? 3.450   5.899   2.934   1.00 10.34 ? 7   TRP A CE3 1 
ATOM   58   C CZ2 . TRP A 1 7   ? 6.229   6.561   2.626   1.00 11.52 ? 7   TRP A CZ2 1 
ATOM   59   C CZ3 . TRP A 1 7   ? 4.444   5.289   3.742   1.00 11.23 ? 7   TRP A CZ3 1 
ATOM   60   C CH2 . TRP A 1 7   ? 5.829   5.640   3.585   1.00 12.45 ? 7   TRP A CH2 1 
ATOM   61   N N   . TYR A 1 8   ? 0.944   8.039   4.118   1.00 8.68  ? 8   TYR A N   1 
ATOM   62   C CA  . TYR A 1 8   ? 0.613   7.257   5.334   1.00 10.11 ? 8   TYR A CA  1 
ATOM   63   C C   . TYR A 1 8   ? -0.667  7.775   5.947   1.00 10.79 ? 8   TYR A C   1 
ATOM   64   O O   . TYR A 1 8   ? -0.687  8.879   6.522   1.00 12.23 ? 8   TYR A O   1 
ATOM   65   C CB  . TYR A 1 8   ? 1.705   7.308   6.407   1.00 9.97  ? 8   TYR A CB  1 
ATOM   66   C CG  . TYR A 1 8   ? 1.396   6.341   7.537   1.00 10.54 ? 8   TYR A CG  1 
ATOM   67   C CD1 . TYR A 1 8   ? 1.393   4.944   7.311   1.00 11.32 ? 8   TYR A CD1 1 
ATOM   68   C CD2 . TYR A 1 8   ? 1.095   6.812   8.818   1.00 10.68 ? 8   TYR A CD2 1 
ATOM   69   C CE1 . TYR A 1 8   ? 1.095   4.043   8.322   1.00 10.39 ? 8   TYR A CE1 1 
ATOM   70   C CE2 . TYR A 1 8   ? 0.813   5.908   9.856   1.00 10.85 ? 8   TYR A CE2 1 
ATOM   71   C CZ  . TYR A 1 8   ? 0.806   4.549   9.581   1.00 11.01 ? 8   TYR A CZ  1 
ATOM   72   O OH  . TYR A 1 8   ? 0.438   3.664   10.546  1.00 15.57 ? 8   TYR A OH  1 
ATOM   73   N N   . PHE A 1 9   ? -1.711  6.959   5.882   1.00 9.90  ? 9   PHE A N   1 
ATOM   74   C CA  . PHE A 1 9   ? -3.029  7.335   6.388   1.00 10.51 ? 9   PHE A CA  1 
ATOM   75   C C   . PHE A 1 9   ? -3.318  6.869   7.812   1.00 10.50 ? 9   PHE A C   1 
ATOM   76   O O   . PHE A 1 9   ? -4.389  7.151   8.309   1.00 11.02 ? 9   PHE A O   1 
ATOM   77   C CB  . PHE A 1 9   ? -4.160  6.914   5.434   1.00 9.47  ? 9   PHE A CB  1 
ATOM   78   C CG  . PHE A 1 9   ? -4.285  7.787   4.199   1.00 10.53 ? 9   PHE A CG  1 
ATOM   79   C CD1 . PHE A 1 9   ? -3.182  8.083   3.401   1.00 11.61 ? 9   PHE A CD1 1 
ATOM   80   C CD2 . PHE A 1 9   ? -5.521  8.282   3.808   1.00 13.37 ? 9   PHE A CD2 1 
ATOM   81   C CE1 . PHE A 1 9   ? -3.308  8.833   2.202   1.00 10.20 ? 9   PHE A CE1 1 
ATOM   82   C CE2 . PHE A 1 9   ? -5.659  9.026   2.620   1.00 15.64 ? 9   PHE A CE2 1 
ATOM   83   C CZ  . PHE A 1 9   ? -4.534  9.307   1.822   1.00 12.12 ? 9   PHE A CZ  1 
ATOM   84   N N   . GLY A 1 10  ? -2.370  6.170   8.432   1.00 10.33 ? 10  GLY A N   1 
ATOM   85   C CA  . GLY A 1 10  ? -2.514  5.740   9.810   1.00 9.87  ? 10  GLY A CA  1 
ATOM   86   C C   . GLY A 1 10  ? -3.697  4.861   10.084  1.00 9.21  ? 10  GLY A C   1 
ATOM   87   O O   . GLY A 1 10  ? -4.020  3.969   9.307   1.00 9.11  ? 10  GLY A O   1 
ATOM   88   N N   . LYS A 1 11  ? -4.404  5.173   11.167  1.00 9.45  ? 11  LYS A N   1 
ATOM   89   C CA  . LYS A 1 11  ? -5.539  4.348   11.585  1.00 8.83  ? 11  LYS A CA  1 
ATOM   90   C C   . LYS A 1 11  ? -6.862  4.630   10.849  1.00 8.97  ? 11  LYS A C   1 
ATOM   91   O O   . LYS A 1 11  ? -7.655  5.477   11.287  1.00 9.05  ? 11  LYS A O   1 
ATOM   92   C CB  . LYS A 1 11  ? -5.732  4.465   13.117  1.00 9.61  ? 11  LYS A CB  1 
ATOM   93   C CG  . LYS A 1 11  ? -6.691  3.414   13.694  1.00 13.31 ? 11  LYS A CG  1 
ATOM   94   C CD  . LYS A 1 11  ? -7.100  3.813   15.127  1.00 14.35 ? 11  LYS A CD  1 
ATOM   95   C CE  . LYS A 1 11  ? -8.005  2.749   15.709  1.00 14.55 ? 11  LYS A CE  1 
ATOM   96   N NZ  . LYS A 1 11  ? -8.645  3.286   16.938  1.00 13.12 ? 11  LYS A NZ  1 
ATOM   97   N N   . ILE A 1 12  ? -7.005  4.034   9.652   1.00 7.21  ? 12  ILE A N   1 
ATOM   98   C CA  . ILE A 1 12  ? -8.244  4.080   8.861   1.00 6.64  ? 12  ILE A CA  1 
ATOM   99   C C   . ILE A 1 12  ? -8.577  2.624   8.561   1.00 6.53  ? 12  ILE A C   1 
ATOM   100  O O   . ILE A 1 12  ? -7.697  1.747   8.586   1.00 7.07  ? 12  ILE A O   1 
ATOM   101  C CB  . ILE A 1 12  ? -8.199  4.958   7.555   1.00 8.81  ? 12  ILE A CB  1 
ATOM   102  C CG1 . ILE A 1 12  ? -7.169  4.446   6.549   1.00 7.29  ? 12  ILE A CG1 1 
ATOM   103  C CG2 . ILE A 1 12  ? -7.978  6.410   7.945   1.00 8.26  ? 12  ILE A CG2 1 
ATOM   104  C CD1 . ILE A 1 12  ? -7.447  4.958   5.155   1.00 8.12  ? 12  ILE A CD1 1 
ATOM   105  N N   . THR A 1 13  ? -9.870  2.353   8.335   1.00 6.05  ? 13  THR A N   1 
ATOM   106  C CA  . THR A 1 13  ? -10.316 0.979   8.095   1.00 5.62  ? 13  THR A CA  1 
ATOM   107  C C   . THR A 1 13  ? -10.081 0.542   6.624   1.00 5.68  ? 13  THR A C   1 
ATOM   108  O O   . THR A 1 13  ? -9.864  1.374   5.718   1.00 5.79  ? 13  THR A O   1 
ATOM   109  C CB  . THR A 1 13  ? -11.869 0.847   8.351   1.00 5.00  ? 13  THR A CB  1 
ATOM   110  O OG1 . THR A 1 13  ? -12.579 1.689   7.420   1.00 6.39  ? 13  THR A OG1 1 
ATOM   111  C CG2 . THR A 1 13  ? -12.220 1.236   9.818   1.00 5.01  ? 13  THR A CG2 1 
ATOM   112  N N   . ARG A 1 14  ? -10.234 -0.768  6.405   1.00 6.26  ? 14  ARG A N   1 
ATOM   113  C CA  . ARG A 1 14  ? -10.187 -1.349  5.078   1.00 5.95  ? 14  ARG A CA  1 
ATOM   114  C C   . ARG A 1 14  ? -11.289 -0.671  4.228   1.00 7.26  ? 14  ARG A C   1 
ATOM   115  O O   . ARG A 1 14  ? -11.024 -0.209  3.091   1.00 7.50  ? 14  ARG A O   1 
ATOM   116  C CB  . ARG A 1 14  ? -10.486 -2.849  5.123   1.00 7.34  ? 14  ARG A CB  1 
ATOM   117  C CG  . ARG A 1 14  ? -10.754 -3.414  3.736   1.00 8.39  ? 14  ARG A CG  1 
ATOM   118  C CD  . ARG A 1 14  ? -11.022 -4.912  3.748   1.00 10.97 ? 14  ARG A CD  1 
ATOM   119  N NE  . ARG A 1 14  ? -9.758  -5.607  3.924   1.00 13.13 ? 14  ARG A NE  1 
ATOM   120  C CZ  . ARG A 1 14  ? -9.358  -6.702  3.277   1.00 14.85 ? 14  ARG A CZ  1 
ATOM   121  N NH1 . ARG A 1 14  ? -10.132 -7.305  2.377   1.00 15.90 ? 14  ARG A NH1 1 
ATOM   122  N NH2 . ARG A 1 14  ? -8.115  -7.124  3.440   1.00 13.22 ? 14  ARG A NH2 1 
ATOM   123  N N   . ARG A 1 15  ? -12.505 -0.552  4.778   1.00 5.99  ? 15  ARG A N   1 
ATOM   124  C CA  . ARG A 1 15  ? -13.614 0.036   4.008   1.00 6.50  ? 15  ARG A CA  1 
ATOM   125  C C   . ARG A 1 15  ? -13.355 1.487   3.612   1.00 5.92  ? 15  ARG A C   1 
ATOM   126  O O   . ARG A 1 15  ? -13.671 1.908   2.487   1.00 6.39  ? 15  ARG A O   1 
ATOM   127  C CB  . ARG A 1 15  ? -14.941 -0.066  4.795   1.00 7.82  ? 15  ARG A CB  1 
ATOM   128  C CG  . ARG A 1 15  ? -16.119 0.506   4.041   1.00 11.07 ? 15  ARG A CG  1 
ATOM   129  C CD  . ARG A 1 15  ? -17.459 -0.015  4.589   1.00 11.51 ? 15  ARG A CD  1 
ATOM   130  N NE  . ARG A 1 15  ? -18.544 0.685   3.927   1.00 13.20 ? 15  ARG A NE  1 
ATOM   131  C CZ  . ARG A 1 15  ? -19.221 0.170   2.902   1.00 14.76 ? 15  ARG A CZ  1 
ATOM   132  N NH1 . ARG A 1 15  ? -18.929 -1.049  2.479   1.00 12.66 ? 15  ARG A NH1 1 
ATOM   133  N NH2 . ARG A 1 15  ? -20.126 0.899   2.236   1.00 18.05 ? 15  ARG A NH2 1 
ATOM   134  N N   . GLU A 1 16  ? -12.742 2.232   4.537   1.00 5.55  ? 16  GLU A N   1 
ATOM   135  C CA  . GLU A 1 16  ? -12.412 3.619   4.263   1.00 6.25  ? 16  GLU A CA  1 
ATOM   136  C C   . GLU A 1 16  ? -11.336 3.725   3.152   1.00 6.74  ? 16  GLU A C   1 
ATOM   137  O O   . GLU A 1 16  ? -11.481 4.538   2.222   1.00 7.47  ? 16  GLU A O   1 
ATOM   138  C CB  . GLU A 1 16  ? -11.961 4.344   5.511   1.00 8.35  ? 16  GLU A CB  1 
ATOM   139  C CG  . GLU A 1 16  ? -11.447 5.751   5.261   1.00 8.90  ? 16  GLU A CG  1 
ATOM   140  C CD  . GLU A 1 16  ? -12.502 6.769   4.822   1.00 9.59  ? 16  GLU A CD  1 
ATOM   141  O OE1 . GLU A 1 16  ? -12.094 7.926   4.683   1.00 13.21 ? 16  GLU A OE1 1 
ATOM   142  O OE2 . GLU A 1 16  ? -13.695 6.453   4.599   1.00 9.81  ? 16  GLU A OE2 1 
ATOM   143  N N   . SER A 1 17  ? -10.320 2.871   3.214   1.00 6.68  ? 17  SER A N   1 
ATOM   144  C CA  . SER A 1 17  ? -9.283  2.891   2.167   1.00 6.22  ? 17  SER A CA  1 
ATOM   145  C C   . SER A 1 17  ? -9.952  2.580   0.828   1.00 6.60  ? 17  SER A C   1 
ATOM   146  O O   . SER A 1 17  ? -9.593  3.187   -0.208  1.00 5.90  ? 17  SER A O   1 
ATOM   147  C CB  . SER A 1 17  ? -8.163  1.863   2.448   1.00 7.82  ? 17  SER A CB  1 
ATOM   148  O OG  . SER A 1 17  ? -8.586  0.524   2.270   1.00 8.66  ? 17  SER A OG  1 
ATOM   149  N N   . GLU A 1 18  ? -10.897 1.642   0.825   1.00 5.09  ? 18  GLU A N   1 
ATOM   150  C CA  . GLU A 1 18  ? -11.597 1.323   -0.436  1.00 6.25  ? 18  GLU A CA  1 
ATOM   151  C C   . GLU A 1 18  ? -12.466 2.507   -0.904  1.00 7.06  ? 18  GLU A C   1 
ATOM   152  O O   . GLU A 1 18  ? -12.503 2.787   -2.098  1.00 9.13  ? 18  GLU A O   1 
ATOM   153  C CB  . GLU A 1 18  ? -12.408 0.048   -0.290  1.00 5.48  ? 18  GLU A CB  1 
ATOM   154  C CG  . GLU A 1 18  ? -11.494 -1.134  -0.052  1.00 8.28  ? 18  GLU A CG  1 
ATOM   155  C CD  . GLU A 1 18  ? -12.214 -2.450  0.315   1.00 12.19 ? 18  GLU A CD  1 
ATOM   156  O OE1 . GLU A 1 18  ? -11.570 -3.509  0.204   1.00 9.26  ? 18  GLU A OE1 1 
ATOM   157  O OE2 . GLU A 1 18  ? -13.426 -2.434  0.667   1.00 12.43 ? 18  GLU A OE2 1 
ATOM   158  N N   . ARG A 1 19  ? -13.133 3.219   0.010   1.00 7.08  ? 19  ARG A N   1 
ATOM   159  C CA  . ARG A 1 19  ? -13.951 4.356   -0.384  1.00 7.43  ? 19  ARG A CA  1 
ATOM   160  C C   . ARG A 1 19  ? -13.064 5.409   -1.107  1.00 6.49  ? 19  ARG A C   1 
ATOM   161  O O   . ARG A 1 19  ? -13.444 5.975   -2.138  1.00 7.62  ? 19  ARG A O   1 
ATOM   162  C CB  . ARG A 1 19  ? -14.613 5.011   0.840   1.00 8.18  ? 19  ARG A CB  1 
ATOM   163  C CG  . ARG A 1 19  ? -15.599 6.086   0.478   1.00 8.58  ? 19  ARG A CG  1 
ATOM   164  C CD  . ARG A 1 19  ? -16.053 6.868   1.697   1.00 8.73  ? 19  ARG A CD  1 
ATOM   165  N NE  . ARG A 1 19  ? -14.992 7.639   2.317   1.00 9.32  ? 19  ARG A NE  1 
ATOM   166  C CZ  . ARG A 1 19  ? -14.567 8.818   1.891   1.00 11.41 ? 19  ARG A CZ  1 
ATOM   167  N NH1 . ARG A 1 19  ? -15.108 9.390   0.810   1.00 12.84 ? 19  ARG A NH1 1 
ATOM   168  N NH2 . ARG A 1 19  ? -13.585 9.420   2.536   1.00 11.56 ? 19  ARG A NH2 1 
ATOM   169  N N   . LEU A 1 20  ? -11.903 5.669   -0.520  1.00 6.80  ? 20  LEU A N   1 
ATOM   170  C CA  . LEU A 1 20  ? -10.951 6.631   -1.075  1.00 6.35  ? 20  LEU A CA  1 
ATOM   171  C C   . LEU A 1 20  ? -10.357 6.152   -2.407  1.00 6.50  ? 20  LEU A C   1 
ATOM   172  O O   . LEU A 1 20  ? -10.189 6.927   -3.328  1.00 6.98  ? 20  LEU A O   1 
ATOM   173  C CB  . LEU A 1 20  ? -9.793  6.794   -0.102  1.00 7.58  ? 20  LEU A CB  1 
ATOM   174  C CG  . LEU A 1 20  ? -10.065 7.587   1.194   1.00 9.79  ? 20  LEU A CG  1 
ATOM   175  C CD1 . LEU A 1 20  ? -8.957  7.348   2.183   1.00 11.48 ? 20  LEU A CD1 1 
ATOM   176  C CD2 . LEU A 1 20  ? -10.239 9.043   0.860   1.00 11.28 ? 20  LEU A CD2 1 
ATOM   177  N N   . LEU A 1 21  ? -10.051 4.874   -2.519  1.00 5.98  ? 21  LEU A N   1 
ATOM   178  C CA  . LEU A 1 21  ? -9.399  4.389   -3.732  1.00 6.81  ? 21  LEU A CA  1 
ATOM   179  C C   . LEU A 1 21  ? -10.310 4.109   -4.914  1.00 7.38  ? 21  LEU A C   1 
ATOM   180  O O   . LEU A 1 21  ? -9.891  4.147   -6.074  1.00 7.71  ? 21  LEU A O   1 
ATOM   181  C CB  . LEU A 1 21  ? -8.529  3.174   -3.357  1.00 6.07  ? 21  LEU A CB  1 
ATOM   182  C CG  . LEU A 1 21  ? -7.277  3.515   -2.528  1.00 5.32  ? 21  LEU A CG  1 
ATOM   183  C CD1 . LEU A 1 21  ? -6.711  2.207   -1.911  1.00 7.05  ? 21  LEU A CD1 1 
ATOM   184  C CD2 . LEU A 1 21  ? -6.195  4.165   -3.386  1.00 6.43  ? 21  LEU A CD2 1 
ATOM   185  N N   . LEU A 1 22  ? -11.581 3.909   -4.621  1.00 7.50  ? 22  LEU A N   1 
ATOM   186  C CA  . LEU A 1 22  ? -12.569 3.627   -5.640  1.00 8.54  ? 22  LEU A CA  1 
ATOM   187  C C   . LEU A 1 22  ? -13.076 4.880   -6.343  1.00 10.94 ? 22  LEU A C   1 
ATOM   188  O O   . LEU A 1 22  ? -14.061 4.845   -7.043  1.00 15.26 ? 22  LEU A O   1 
ATOM   189  C CB  . LEU A 1 22  ? -13.722 2.779   -5.056  1.00 8.37  ? 22  LEU A CB  1 
ATOM   190  C CG  . LEU A 1 22  ? -13.420 1.300   -4.711  1.00 9.53  ? 22  LEU A CG  1 
ATOM   191  C CD1 . LEU A 1 22  ? -14.545 0.608   -3.963  1.00 8.02  ? 22  LEU A CD1 1 
ATOM   192  C CD2 . LEU A 1 22  ? -13.037 0.504   -5.971  1.00 12.90 ? 22  LEU A CD2 1 
ATOM   193  N N   . ASN A 1 23  ? -12.353 5.974   -6.279  1.00 11.84 ? 23  ASN A N   1 
ATOM   194  C CA  . ASN A 1 23  ? -12.782 7.167   -6.967  1.00 11.82 ? 23  ASN A CA  1 
ATOM   195  C C   . ASN A 1 23  ? -12.465 7.001   -8.455  1.00 11.99 ? 23  ASN A C   1 
ATOM   196  O O   . ASN A 1 23  ? -11.318 6.630   -8.810  1.00 11.82 ? 23  ASN A O   1 
ATOM   197  C CB  . ASN A 1 23  ? -12.055 8.344   -6.374  1.00 13.50 ? 23  ASN A CB  1 
ATOM   198  C CG  . ASN A 1 23  ? -12.587 9.651   -6.895  1.00 18.38 ? 23  ASN A CG  1 
ATOM   199  O OD1 . ASN A 1 23  ? -12.542 9.899   -8.093  1.00 13.09 ? 23  ASN A OD1 1 
ATOM   200  N ND2 . ASN A 1 23  ? -13.212 10.460  -6.006  1.00 20.62 ? 23  ASN A ND2 1 
ATOM   201  N N   . ALA A 1 24  ? -13.469 7.233   -9.330  1.00 11.14 ? 24  ALA A N   1 
ATOM   202  C CA  . ALA A 1 24  ? -13.310 7.109   -10.789 1.00 11.54 ? 24  ALA A CA  1 
ATOM   203  C C   . ALA A 1 24  ? -12.099 7.846   -11.383 1.00 10.55 ? 24  ALA A C   1 
ATOM   204  O O   . ALA A 1 24  ? -11.594 7.462   -12.453 1.00 11.58 ? 24  ALA A O   1 
ATOM   205  C CB  . ALA A 1 24  ? -14.609 7.560   -11.532 1.00 11.02 ? 24  ALA A CB  1 
ATOM   206  N N   . GLU A 1 25  ? -11.668 8.910   -10.721 1.00 9.01  ? 25  GLU A N   1 
ATOM   207  C CA  . GLU A 1 25  ? -10.527 9.698   -11.183 1.00 9.22  ? 25  GLU A CA  1 
ATOM   208  C C   . GLU A 1 25  ? -9.195  9.014   -10.925 1.00 8.91  ? 25  GLU A C   1 
ATOM   209  O O   . GLU A 1 25  ? -8.170  9.416   -11.491 1.00 8.85  ? 25  GLU A O   1 
ATOM   210  C CB  . GLU A 1 25  ? -10.486 11.037  -10.481 1.00 10.53 ? 25  GLU A CB  1 
ATOM   211  C CG  . GLU A 1 25  ? -11.709 11.871  -10.831 1.00 13.46 ? 25  GLU A CG  1 
ATOM   212  C CD  . GLU A 1 25  ? -11.627 13.292  -10.288 1.00 17.91 ? 25  GLU A CD  1 
ATOM   213  O OE1 . GLU A 1 25  ? -12.461 14.067  -10.757 1.00 20.20 ? 25  GLU A OE1 1 
ATOM   214  O OE2 . GLU A 1 25  ? -10.753 13.656  -9.436  1.00 18.64 ? 25  GLU A OE2 1 
ATOM   215  N N   . ASN A 1 26  ? -9.175  8.013   -10.059 1.00 7.63  ? 26  ASN A N   1 
ATOM   216  C CA  . ASN A 1 26  ? -7.895  7.374   -9.741  1.00 7.57  ? 26  ASN A CA  1 
ATOM   217  C C   . ASN A 1 26  ? -7.332  6.437   -10.815 1.00 7.11  ? 26  ASN A C   1 
ATOM   218  O O   . ASN A 1 26  ? -8.010  5.546   -11.242 1.00 8.29  ? 26  ASN A O   1 
ATOM   219  C CB  . ASN A 1 26  ? -7.981  6.546   -8.441  1.00 6.51  ? 26  ASN A CB  1 
ATOM   220  C CG  . ASN A 1 26  ? -8.228  7.409   -7.192  1.00 6.48  ? 26  ASN A CG  1 
ATOM   221  O OD1 . ASN A 1 26  ? -7.875  8.579   -7.140  1.00 7.81  ? 26  ASN A OD1 1 
ATOM   222  N ND2 . ASN A 1 26  ? -8.804  6.797   -6.158  1.00 6.41  ? 26  ASN A ND2 1 
ATOM   223  N N   . PRO A 1 27  ? -6.057  6.639   -11.231 1.00 7.46  ? 27  PRO A N   1 
ATOM   224  C CA  . PRO A 1 27  ? -5.467  5.742   -12.247 1.00 6.56  ? 27  PRO A CA  1 
ATOM   225  C C   . PRO A 1 27  ? -4.955  4.489   -11.503 1.00 6.26  ? 27  PRO A C   1 
ATOM   226  O O   . PRO A 1 27  ? -4.896  4.447   -10.239 1.00 6.89  ? 27  PRO A O   1 
ATOM   227  C CB  . PRO A 1 27  ? -4.282  6.562   -12.806 1.00 6.86  ? 27  PRO A CB  1 
ATOM   228  C CG  . PRO A 1 27  ? -3.861  7.364   -11.715 1.00 9.67  ? 27  PRO A CG  1 
ATOM   229  C CD  . PRO A 1 27  ? -5.157  7.759   -10.937 1.00 8.20  ? 27  PRO A CD  1 
ATOM   230  N N   . ARG A 1 28  ? -4.563  3.466   -12.260 1.00 6.04  ? 28  ARG A N   1 
ATOM   231  C CA  . ARG A 1 28  ? -4.011  2.272   -11.657 1.00 6.40  ? 28  ARG A CA  1 
ATOM   232  C C   . ARG A 1 28  ? -2.768  2.600   -10.798 1.00 6.61  ? 28  ARG A C   1 
ATOM   233  O O   . ARG A 1 28  ? -1.954  3.463   -11.166 1.00 6.93  ? 28  ARG A O   1 
ATOM   234  C CB  . ARG A 1 28  ? -3.580  1.319   -12.749 1.00 7.78  ? 28  ARG A CB  1 
ATOM   235  C CG  . ARG A 1 28  ? -4.663  0.810   -13.571 1.00 9.11  ? 28  ARG A CG  1 
ATOM   236  C CD  . ARG A 1 28  ? -3.957  0.019   -14.617 1.00 17.54 ? 28  ARG A CD  1 
ATOM   237  N NE  . ARG A 1 28  ? -4.859  -0.684  -15.503 1.00 22.80 ? 28  ARG A NE  1 
ATOM   238  C CZ  . ARG A 1 28  ? -4.711  -0.739  -16.825 1.00 24.92 ? 28  ARG A CZ  1 
ATOM   239  N NH1 . ARG A 1 28  ? -3.677  -0.143  -17.420 1.00 23.39 ? 28  ARG A NH1 1 
ATOM   240  N NH2 . ARG A 1 28  ? -5.666  -1.303  -17.557 1.00 25.21 ? 28  ARG A NH2 1 
ATOM   241  N N   . GLY A 1 29  ? -2.612  1.926   -9.649  1.00 5.60  ? 29  GLY A N   1 
ATOM   242  C CA  . GLY A 1 29  ? -1.458  2.196   -8.824  1.00 6.17  ? 29  GLY A CA  1 
ATOM   243  C C   . GLY A 1 29  ? -1.647  3.334   -7.839  1.00 5.56  ? 29  GLY A C   1 
ATOM   244  O O   . GLY A 1 29  ? -0.680  3.672   -7.121  1.00 5.67  ? 29  GLY A O   1 
ATOM   245  N N   . THR A 1 30  ? -2.835  3.971   -7.802  1.00 5.39  ? 30  THR A N   1 
ATOM   246  C CA  . THR A 1 30  ? -3.074  4.977   -6.737  1.00 4.87  ? 30  THR A CA  1 
ATOM   247  C C   . THR A 1 30  ? -3.013  4.161   -5.396  1.00 5.17  ? 30  THR A C   1 
ATOM   248  O O   . THR A 1 30  ? -3.477  3.016   -5.304  1.00 6.23  ? 30  THR A O   1 
ATOM   249  C CB  . THR A 1 30  ? -4.440  5.629   -6.918  1.00 5.41  ? 30  THR A CB  1 
ATOM   250  O OG1 . THR A 1 30  ? -4.450  6.307   -8.182  1.00 7.05  ? 30  THR A OG1 1 
ATOM   251  C CG2 . THR A 1 30  ? -4.707  6.660   -5.821  1.00 6.35  ? 30  THR A CG2 1 
ATOM   252  N N   . PHE A 1 31  ? -2.412  4.733   -4.367  1.00 5.67  ? 31  PHE A N   1 
ATOM   253  C CA  . PHE A 1 31  ? -2.200  3.944   -3.170  1.00 5.55  ? 31  PHE A CA  1 
ATOM   254  C C   . PHE A 1 31  ? -2.146  4.753   -1.870  1.00 5.92  ? 31  PHE A C   1 
ATOM   255  O O   . PHE A 1 31  ? -2.029  5.995   -1.859  1.00 5.79  ? 31  PHE A O   1 
ATOM   256  C CB  . PHE A 1 31  ? -0.841  3.184   -3.331  1.00 5.90  ? 31  PHE A CB  1 
ATOM   257  C CG  . PHE A 1 31  ? 0.405   4.075   -3.117  1.00 5.58  ? 31  PHE A CG  1 
ATOM   258  C CD1 . PHE A 1 31  ? 1.047   4.110   -1.875  1.00 5.75  ? 31  PHE A CD1 1 
ATOM   259  C CD2 . PHE A 1 31  ? 0.873   4.929   -4.145  1.00 6.12  ? 31  PHE A CD2 1 
ATOM   260  C CE1 . PHE A 1 31  ? 2.167   5.009   -1.649  1.00 6.12  ? 31  PHE A CE1 1 
ATOM   261  C CE2 . PHE A 1 31  ? 1.965   5.814   -3.939  1.00 6.14  ? 31  PHE A CE2 1 
ATOM   262  C CZ  . PHE A 1 31  ? 2.608   5.869   -2.700  1.00 6.10  ? 31  PHE A CZ  1 
ATOM   263  N N   . LEU A 1 32  ? -2.128  3.991   -0.778  1.00 5.61  ? 32  LEU A N   1 
ATOM   264  C CA  . LEU A 1 32  ? -1.969  4.574   0.556   1.00 6.00  ? 32  LEU A CA  1 
ATOM   265  C C   . LEU A 1 32  ? -1.455  3.441   1.451   1.00 4.97  ? 32  LEU A C   1 
ATOM   266  O O   . LEU A 1 32  ? -1.531  2.256   1.063   1.00 4.46  ? 32  LEU A O   1 
ATOM   267  C CB  . LEU A 1 32  ? -3.298  5.166   1.105   1.00 5.71  ? 32  LEU A CB  1 
ATOM   268  C CG  . LEU A 1 32  ? -4.501  4.200   1.284   1.00 6.79  ? 32  LEU A CG  1 
ATOM   269  C CD1 . LEU A 1 32  ? -4.374  3.491   2.657   1.00 6.56  ? 32  LEU A CD1 1 
ATOM   270  C CD2 . LEU A 1 32  ? -5.804  4.928   1.206   1.00 6.81  ? 32  LEU A CD2 1 
ATOM   271  N N   . VAL A 1 33  ? -0.853  3.819   2.590   1.00 5.81  ? 33  VAL A N   1 
ATOM   272  C CA  . VAL A 1 33  ? -0.400  2.829   3.588   1.00 6.12  ? 33  VAL A CA  1 
ATOM   273  C C   . VAL A 1 33  ? -1.194  3.163   4.853   1.00 6.55  ? 33  VAL A C   1 
ATOM   274  O O   . VAL A 1 33  ? -1.369  4.336   5.183   1.00 6.96  ? 33  VAL A O   1 
ATOM   275  C CB  . VAL A 1 33  ? 1.131   2.894   3.865   1.00 6.20  ? 33  VAL A CB  1 
ATOM   276  C CG1 . VAL A 1 33  ? 1.507   1.942   5.008   1.00 7.31  ? 33  VAL A CG1 1 
ATOM   277  C CG2 . VAL A 1 33  ? 1.895   2.460   2.559   1.00 6.59  ? 33  VAL A CG2 1 
ATOM   278  N N   . ARG A 1 34  ? -1.729  2.134   5.495   1.00 6.46  ? 34  ARG A N   1 
ATOM   279  C CA  . ARG A 1 34  ? -2.529  2.328   6.701   1.00 7.03  ? 34  ARG A CA  1 
ATOM   280  C C   . ARG A 1 34  ? -2.171  1.215   7.678   1.00 7.07  ? 34  ARG A C   1 
ATOM   281  O O   . ARG A 1 34  ? -1.421  0.290   7.349   1.00 6.91  ? 34  ARG A O   1 
ATOM   282  C CB  . ARG A 1 34  ? -4.034  2.225   6.350   1.00 5.42  ? 34  ARG A CB  1 
ATOM   283  C CG  . ARG A 1 34  ? -4.418  0.835   5.765   1.00 6.13  ? 34  ARG A CG  1 
ATOM   284  C CD  . ARG A 1 34  ? -5.910  0.728   5.476   1.00 7.04  ? 34  ARG A CD  1 
ATOM   285  N NE  . ARG A 1 34  ? -6.320  -0.464  4.745   1.00 5.51  ? 34  ARG A NE  1 
ATOM   286  C CZ  . ARG A 1 34  ? -6.574  -1.649  5.304   1.00 6.75  ? 34  ARG A CZ  1 
ATOM   287  N NH1 . ARG A 1 34  ? -6.995  -2.678  4.548   1.00 6.93  ? 34  ARG A NH1 1 
ATOM   288  N NH2 . ARG A 1 34  ? -6.366  -1.827  6.613   1.00 6.65  ? 34  ARG A NH2 1 
ATOM   289  N N   . GLU A 1 35  ? -2.682  1.321   8.915   1.00 7.81  ? 35  GLU A N   1 
ATOM   290  C CA  . GLU A 1 35  ? -2.476  0.255   9.873   1.00 8.17  ? 35  GLU A CA  1 
ATOM   291  C C   . GLU A 1 35  ? -3.365  -0.911  9.458   1.00 8.10  ? 35  GLU A C   1 
ATOM   292  O O   . GLU A 1 35  ? -4.446  -0.719  8.822   1.00 8.64  ? 35  GLU A O   1 
ATOM   293  C CB  . GLU A 1 35  ? -2.994  0.646   11.239  1.00 8.81  ? 35  GLU A CB  1 
ATOM   294  C CG  . GLU A 1 35  ? -2.194  1.708   11.903  1.00 12.66 ? 35  GLU A CG  1 
ATOM   295  C CD  . GLU A 1 35  ? -2.753  2.032   13.300  1.00 17.91 ? 35  GLU A CD  1 
ATOM   296  O OE1 . GLU A 1 35  ? -2.106  2.831   14.005  1.00 17.65 ? 35  GLU A OE1 1 
ATOM   297  O OE2 . GLU A 1 35  ? -3.846  1.515   13.675  1.00 17.54 ? 35  GLU A OE2 1 
ATOM   298  N N   . SER A 1 36  ? -2.894  -2.117  9.759   1.00 8.25  ? 36  SER A N   1 
ATOM   299  C CA  . SER A 1 36  ? -3.703  -3.317  9.568   1.00 9.48  ? 36  SER A CA  1 
ATOM   300  C C   . SER A 1 36  ? -4.846  -3.210  10.639  1.00 9.10  ? 36  SER A C   1 
ATOM   301  O O   . SER A 1 36  ? -4.643  -2.679  11.759  1.00 9.28  ? 36  SER A O   1 
ATOM   302  C CB  . SER A 1 36  ? -2.842  -4.563  9.860   1.00 10.44 ? 36  SER A CB  1 
ATOM   303  O OG  . SER A 1 36  ? -3.635  -5.654  10.278  1.00 11.77 ? 36  SER A OG  1 
ATOM   304  N N   . GLU A 1 37  ? -6.048  -3.676  10.307  1.00 8.35  ? 37  GLU A N   1 
ATOM   305  C CA  . GLU A 1 37  ? -7.127  -3.608  11.310  1.00 9.43  ? 37  GLU A CA  1 
ATOM   306  C C   . GLU A 1 37  ? -6.892  -4.577  12.478  1.00 11.27 ? 37  GLU A C   1 
ATOM   307  O O   . GLU A 1 37  ? -7.126  -4.217  13.658  1.00 11.63 ? 37  GLU A O   1 
ATOM   308  C CB  . GLU A 1 37  ? -8.503  -3.940  10.709  1.00 8.49  ? 37  GLU A CB  1 
ATOM   309  C CG  . GLU A 1 37  ? -9.020  -2.880  9.711   1.00 7.31  ? 37  GLU A CG  1 
ATOM   310  C CD  . GLU A 1 37  ? -10.432 -3.156  9.276   1.00 9.31  ? 37  GLU A CD  1 
ATOM   311  O OE1 . GLU A 1 37  ? -11.093 -4.143  9.732   1.00 9.10  ? 37  GLU A OE1 1 
ATOM   312  O OE2 . GLU A 1 37  ? -10.939 -2.309  8.521   1.00 6.77  ? 37  GLU A OE2 1 
ATOM   313  N N   . THR A 1 38  ? -6.434  -5.790  12.164  1.00 11.92 ? 38  THR A N   1 
ATOM   314  C CA  . THR A 1 38  ? -6.330  -6.779  13.221  1.00 13.70 ? 38  THR A CA  1 
ATOM   315  C C   . THR A 1 38  ? -4.969  -7.406  13.491  1.00 16.06 ? 38  THR A C   1 
ATOM   316  O O   . THR A 1 38  ? -4.852  -8.222  14.423  1.00 16.21 ? 38  THR A O   1 
ATOM   317  C CB  . THR A 1 38  ? -7.395  -7.918  13.012  1.00 12.56 ? 38  THR A CB  1 
ATOM   318  O OG1 . THR A 1 38  ? -7.094  -8.659  11.817  1.00 13.21 ? 38  THR A OG1 1 
ATOM   319  C CG2 . THR A 1 38  ? -8.842  -7.351  12.902  1.00 12.95 ? 38  THR A CG2 1 
ATOM   320  N N   . THR A 1 39  ? -3.963  -7.102  12.664  1.00 17.17 ? 39  THR A N   1 
ATOM   321  C CA  . THR A 1 39  ? -2.593  -7.655  12.891  1.00 19.17 ? 39  THR A CA  1 
ATOM   322  C C   . THR A 1 39  ? -1.717  -6.569  13.599  1.00 19.61 ? 39  THR A C   1 
ATOM   323  O O   . THR A 1 39  ? -1.265  -5.587  12.990  1.00 19.78 ? 39  THR A O   1 
ATOM   324  C CB  . THR A 1 39  ? -1.975  -8.170  11.565  1.00 19.63 ? 39  THR A CB  1 
ATOM   325  O OG1 . THR A 1 39  ? -2.950  -8.951  10.863  1.00 21.37 ? 39  THR A OG1 1 
ATOM   326  C CG2 . THR A 1 39  ? -0.738  -9.033  11.811  1.00 20.15 ? 39  THR A CG2 1 
ATOM   327  N N   . LYS A 1 40  ? -1.501  -6.737  14.911  1.00 21.08 ? 40  LYS A N   1 
ATOM   328  C CA  . LYS A 1 40  ? -0.733  -5.741  15.660  1.00 21.80 ? 40  LYS A CA  1 
ATOM   329  C C   . LYS A 1 40  ? 0.651   -5.596  15.043  1.00 20.75 ? 40  LYS A C   1 
ATOM   330  O O   . LYS A 1 40  ? 1.238   -6.558  14.520  1.00 20.82 ? 40  LYS A O   1 
ATOM   331  C CB  . LYS A 1 40  ? -0.623  -6.043  17.183  1.00 25.36 ? 40  LYS A CB  1 
ATOM   332  C CG  . LYS A 1 40  ? 0.419   -7.130  17.549  1.00 31.75 ? 40  LYS A CG  1 
ATOM   333  C CD  . LYS A 1 40  ? -0.056  -8.565  17.147  1.00 39.41 ? 40  LYS A CD  1 
ATOM   334  C CE  . LYS A 1 40  ? 1.065   -9.432  16.473  1.00 44.22 ? 40  LYS A CE  1 
ATOM   335  N NZ  . LYS A 1 40  ? 1.103   -9.394  14.947  1.00 44.63 ? 40  LYS A NZ  1 
ATOM   336  N N   . GLY A 1 41  ? 1.079   -4.339  14.990  1.00 20.36 ? 41  GLY A N   1 
ATOM   337  C CA  . GLY A 1 41  ? 2.383   -4.021  14.457  1.00 19.87 ? 41  GLY A CA  1 
ATOM   338  C C   . GLY A 1 41  ? 2.557   -4.189  12.956  1.00 18.68 ? 41  GLY A C   1 
ATOM   339  O O   . GLY A 1 41  ? 3.683   -3.991  12.487  1.00 18.76 ? 41  GLY A O   1 
ATOM   340  N N   . ALA A 1 42  ? 1.485   -4.549  12.226  1.00 16.74 ? 42  ALA A N   1 
ATOM   341  C CA  . ALA A 1 42  ? 1.559   -4.698  10.766  1.00 14.04 ? 42  ALA A CA  1 
ATOM   342  C C   . ALA A 1 42  ? 0.860   -3.523  10.082  1.00 12.92 ? 42  ALA A C   1 
ATOM   343  O O   . ALA A 1 42  ? -0.026  -2.877  10.689  1.00 12.93 ? 42  ALA A O   1 
ATOM   344  C CB  . ALA A 1 42  ? 0.915   -5.999  10.308  1.00 14.81 ? 42  ALA A CB  1 
ATOM   345  N N   . TYR A 1 43  ? 1.284   -3.228  8.850   1.00 10.31 ? 43  TYR A N   1 
ATOM   346  C CA  . TYR A 1 43  ? 0.680   -2.171  8.033   1.00 8.67  ? 43  TYR A CA  1 
ATOM   347  C C   . TYR A 1 43  ? 0.018   -2.810  6.826   1.00 7.48  ? 43  TYR A C   1 
ATOM   348  O O   . TYR A 1 43  ? 0.140   -4.014  6.605   1.00 6.70  ? 43  TYR A O   1 
ATOM   349  C CB  . TYR A 1 43  ? 1.714   -1.167  7.559   1.00 9.95  ? 43  TYR A CB  1 
ATOM   350  C CG  . TYR A 1 43  ? 2.429   -0.524  8.708   1.00 12.17 ? 43  TYR A CG  1 
ATOM   351  C CD1 . TYR A 1 43  ? 3.693   -1.006  9.125   1.00 16.54 ? 43  TYR A CD1 1 
ATOM   352  C CD2 . TYR A 1 43  ? 1.840   0.519   9.406   1.00 13.62 ? 43  TYR A CD2 1 
ATOM   353  C CE1 . TYR A 1 43  ? 4.357   -0.445  10.247  1.00 21.47 ? 43  TYR A CE1 1 
ATOM   354  C CE2 . TYR A 1 43  ? 2.475   1.099   10.520  1.00 18.43 ? 43  TYR A CE2 1 
ATOM   355  C CZ  . TYR A 1 43  ? 3.725   0.617   10.938  1.00 24.01 ? 43  TYR A CZ  1 
ATOM   356  O OH  . TYR A 1 43  ? 4.344   1.208   12.048  1.00 29.22 ? 43  TYR A OH  1 
ATOM   357  N N   . CYS A 1 44  ? -0.700  -1.998  6.059   1.00 6.99  ? 44  CYS A N   1 
ATOM   358  C CA  . CYS A 1 44  ? -1.361  -2.501  4.868   1.00 6.90  ? 44  CYS A CA  1 
ATOM   359  C C   . CYS A 1 44  ? -1.182  -1.471  3.758   1.00 6.08  ? 44  CYS A C   1 
ATOM   360  O O   . CYS A 1 44  ? -1.356  -0.284  3.993   1.00 5.25  ? 44  CYS A O   1 
ATOM   361  C CB  . CYS A 1 44  ? -2.841  -2.722  5.130   1.00 7.89  ? 44  CYS A CB  1 
ATOM   362  S SG  . CYS A 1 44  ? -3.747  -3.105  3.587   1.00 8.90  ? 44  CYS A SG  1 
ATOM   363  N N   . LEU A 1 45  ? -0.702  -1.949  2.616   1.00 5.44  ? 45  LEU A N   1 
ATOM   364  C CA  . LEU A 1 45  ? -0.534  -1.136  1.413   1.00 5.92  ? 45  LEU A CA  1 
ATOM   365  C C   . LEU A 1 45  ? -1.809  -1.386  0.572   1.00 6.29  ? 45  LEU A C   1 
ATOM   366  O O   . LEU A 1 45  ? -2.012  -2.506  0.102   1.00 5.61  ? 45  LEU A O   1 
ATOM   367  C CB  . LEU A 1 45  ? 0.684   -1.618  0.608   1.00 5.85  ? 45  LEU A CB  1 
ATOM   368  C CG  . LEU A 1 45  ? 0.911   -1.024  -0.799  1.00 4.70  ? 45  LEU A CG  1 
ATOM   369  C CD1 . LEU A 1 45  ? 1.059   0.485   -0.759  1.00 5.20  ? 45  LEU A CD1 1 
ATOM   370  C CD2 . LEU A 1 45  ? 2.178   -1.672  -1.392  1.00 5.87  ? 45  LEU A CD2 1 
ATOM   371  N N   . SER A 1 46  ? -2.669  -0.368  0.447   1.00 4.92  ? 46  SER A N   1 
ATOM   372  C CA  . SER A 1 46  ? -3.904  -0.511  -0.313  1.00 5.59  ? 46  SER A CA  1 
ATOM   373  C C   . SER A 1 46  ? -3.674  0.189   -1.672  1.00 5.58  ? 46  SER A C   1 
ATOM   374  O O   . SER A 1 46  ? -3.227  1.364   -1.739  1.00 5.01  ? 46  SER A O   1 
ATOM   375  C CB  . SER A 1 46  ? -5.054  0.101   0.482   1.00 5.41  ? 46  SER A CB  1 
ATOM   376  O OG  . SER A 1 46  ? -5.221  -0.636  1.691   1.00 4.51  ? 46  SER A OG  1 
ATOM   377  N N   . VAL A 1 47  ? -3.989  -0.555  -2.743  1.00 5.71  ? 47  VAL A N   1 
ATOM   378  C CA  . VAL A 1 47  ? -3.676  -0.115  -4.116  1.00 5.69  ? 47  VAL A CA  1 
ATOM   379  C C   . VAL A 1 47  ? -4.850  -0.263  -5.058  1.00 6.60  ? 47  VAL A C   1 
ATOM   380  O O   . VAL A 1 47  ? -5.530  -1.298  -5.041  1.00 5.99  ? 47  VAL A O   1 
ATOM   381  C CB  . VAL A 1 47  ? -2.481  -0.978  -4.682  1.00 6.75  ? 47  VAL A CB  1 
ATOM   382  C CG1 . VAL A 1 47  ? -1.991  -0.402  -6.039  1.00 7.13  ? 47  VAL A CG1 1 
ATOM   383  C CG2 . VAL A 1 47  ? -1.304  -1.045  -3.691  1.00 6.35  ? 47  VAL A CG2 1 
ATOM   384  N N   . SER A 1 48  ? -5.069  0.760   -5.886  1.00 6.26  ? 48  SER A N   1 
ATOM   385  C CA  . SER A 1 48  ? -6.173  0.685   -6.868  1.00 7.65  ? 48  SER A CA  1 
ATOM   386  C C   . SER A 1 48  ? -5.652  -0.004  -8.126  1.00 8.80  ? 48  SER A C   1 
ATOM   387  O O   . SER A 1 48  ? -4.437  0.097   -8.479  1.00 8.15  ? 48  SER A O   1 
ATOM   388  C CB  . SER A 1 48  ? -6.699  2.084   -7.236  1.00 7.42  ? 48  SER A CB  1 
ATOM   389  O OG  . SER A 1 48  ? -5.780  2.835   -8.018  1.00 8.44  ? 48  SER A OG  1 
ATOM   390  N N   . ASP A 1 49  ? -6.575  -0.727  -8.781  1.00 9.60  ? 49  ASP A N   1 
ATOM   391  C CA  . ASP A 1 49  ? -6.330  -1.392  -10.050 1.00 9.57  ? 49  ASP A CA  1 
ATOM   392  C C   . ASP A 1 49  ? -7.532  -1.142  -10.951 1.00 9.82  ? 49  ASP A C   1 
ATOM   393  O O   . ASP A 1 49  ? -8.577  -0.647  -10.512 1.00 9.63  ? 49  ASP A O   1 
ATOM   394  C CB  . ASP A 1 49  ? -6.138  -2.893  -9.914  1.00 10.16 ? 49  ASP A CB  1 
ATOM   395  C CG  . ASP A 1 49  ? -5.377  -3.499  -11.119 1.00 11.81 ? 49  ASP A CG  1 
ATOM   396  O OD1 . ASP A 1 49  ? -4.867  -2.762  -12.037 1.00 14.02 ? 49  ASP A OD1 1 
ATOM   397  O OD2 . ASP A 1 49  ? -5.270  -4.737  -11.134 1.00 11.93 ? 49  ASP A OD2 1 
ATOM   398  N N   . PHE A 1 50  ? -7.340  -1.432  -12.224 1.00 10.52 ? 50  PHE A N   1 
ATOM   399  C CA  . PHE A 1 50  ? -8.406  -1.297  -13.216 1.00 12.45 ? 50  PHE A CA  1 
ATOM   400  C C   . PHE A 1 50  ? -8.218  -2.319  -14.343 1.00 13.80 ? 50  PHE A C   1 
ATOM   401  O O   . PHE A 1 50  ? -7.106  -2.528  -14.820 1.00 14.50 ? 50  PHE A O   1 
ATOM   402  C CB  . PHE A 1 50  ? -8.367  0.119   -13.849 1.00 12.08 ? 50  PHE A CB  1 
ATOM   403  C CG  . PHE A 1 50  ? -9.432  0.337   -14.902 1.00 11.73 ? 50  PHE A CG  1 
ATOM   404  C CD1 . PHE A 1 50  ? -9.149  0.076   -16.259 1.00 12.73 ? 50  PHE A CD1 1 
ATOM   405  C CD2 . PHE A 1 50  ? -10.736 0.641   -14.527 1.00 12.21 ? 50  PHE A CD2 1 
ATOM   406  C CE1 . PHE A 1 50  ? -10.166 0.101   -17.234 1.00 14.96 ? 50  PHE A CE1 1 
ATOM   407  C CE2 . PHE A 1 50  ? -11.777 0.671   -15.497 1.00 13.36 ? 50  PHE A CE2 1 
ATOM   408  C CZ  . PHE A 1 50  ? -11.472 0.388   -16.853 1.00 12.24 ? 50  PHE A CZ  1 
ATOM   409  N N   . ASP A 1 51  ? -9.292  -2.994  -14.717 1.00 15.34 ? 51  ASP A N   1 
ATOM   410  C CA  . ASP A 1 51  ? -9.287  -3.814  -15.921 1.00 16.24 ? 51  ASP A CA  1 
ATOM   411  C C   . ASP A 1 51  ? -10.709 -3.822  -16.468 1.00 17.27 ? 51  ASP A C   1 
ATOM   412  O O   . ASP A 1 51  ? -11.642 -3.275  -15.837 1.00 15.48 ? 51  ASP A O   1 
ATOM   413  C CB  . ASP A 1 51  ? -8.590  -5.188  -15.820 1.00 19.30 ? 51  ASP A CB  1 
ATOM   414  C CG  . ASP A 1 51  ? -9.184  -6.118  -14.788 1.00 24.58 ? 51  ASP A CG  1 
ATOM   415  O OD1 . ASP A 1 51  ? -8.400  -6.821  -14.071 1.00 32.25 ? 51  ASP A OD1 1 
ATOM   416  O OD2 . ASP A 1 51  ? -10.409 -6.213  -14.744 1.00 26.05 ? 51  ASP A OD2 1 
ATOM   417  N N   . ASN A 1 52  ? -10.835 -4.202  -17.740 1.00 19.16 ? 52  ASN A N   1 
ATOM   418  C CA  . ASN A 1 52  ? -12.154 -4.254  -18.348 1.00 21.96 ? 52  ASN A CA  1 
ATOM   419  C C   . ASN A 1 52  ? -12.970 -5.359  -17.627 1.00 24.26 ? 52  ASN A C   1 
ATOM   420  O O   . ASN A 1 52  ? -14.173 -5.152  -17.382 1.00 25.96 ? 52  ASN A O   1 
ATOM   421  C CB  . ASN A 1 52  ? -12.078 -4.489  -19.887 1.00 23.16 ? 52  ASN A CB  1 
ATOM   422  C CG  . ASN A 1 52  ? -11.333 -3.328  -20.656 1.00 23.77 ? 52  ASN A CG  1 
ATOM   423  O OD1 . ASN A 1 52  ? -11.305 -2.173  -20.212 1.00 21.76 ? 52  ASN A OD1 1 
ATOM   424  N ND2 . ASN A 1 52  ? -10.744 -3.657  -21.803 1.00 19.45 ? 52  ASN A ND2 1 
ATOM   425  N N   . ALA A 1 53  ? -12.286 -6.412  -17.124 1.00 25.41 ? 53  ALA A N   1 
ATOM   426  C CA  . ALA A 1 53  ? -12.955 -7.529  -16.398 1.00 26.44 ? 53  ALA A CA  1 
ATOM   427  C C   . ALA A 1 53  ? -13.671 -7.031  -15.135 1.00 26.12 ? 53  ALA A C   1 
ATOM   428  O O   . ALA A 1 53  ? -14.899 -7.084  -15.044 1.00 27.15 ? 53  ALA A O   1 
ATOM   429  C CB  . ALA A 1 53  ? -11.924 -8.711  -16.044 1.00 26.36 ? 53  ALA A CB  1 
ATOM   430  N N   . LYS A 1 54  ? -12.915 -6.402  -14.244 1.00 25.28 ? 54  LYS A N   1 
ATOM   431  C CA  . LYS A 1 54  ? -13.457 -5.911  -12.969 1.00 24.04 ? 54  LYS A CA  1 
ATOM   432  C C   . LYS A 1 54  ? -13.761 -4.412  -12.864 1.00 22.20 ? 54  LYS A C   1 
ATOM   433  O O   . LYS A 1 54  ? -14.420 -3.969  -11.921 1.00 22.34 ? 54  LYS A O   1 
ATOM   434  C CB  . LYS A 1 54  ? -12.459 -6.201  -11.847 1.00 23.89 ? 54  LYS A CB  1 
ATOM   435  C CG  . LYS A 1 54  ? -12.168 -7.637  -11.646 1.00 27.06 ? 54  LYS A CG  1 
ATOM   436  C CD  . LYS A 1 54  ? -11.017 -7.763  -10.694 1.00 28.91 ? 54  LYS A CD  1 
ATOM   437  C CE  . LYS A 1 54  ? -10.755 -9.213  -10.356 1.00 30.79 ? 54  LYS A CE  1 
ATOM   438  N NZ  . LYS A 1 54  ? -9.933  -9.388  -9.081  1.00 29.94 ? 54  LYS A NZ  1 
ATOM   439  N N   . GLY A 1 55  ? -13.211 -3.621  -13.776 1.00 19.99 ? 55  GLY A N   1 
ATOM   440  C CA  . GLY A 1 55  ? -13.394 -2.187  -13.656 1.00 17.01 ? 55  GLY A CA  1 
ATOM   441  C C   . GLY A 1 55  ? -12.429 -1.749  -12.531 1.00 14.32 ? 55  GLY A C   1 
ATOM   442  O O   . GLY A 1 55  ? -11.451 -2.434  -12.229 1.00 13.21 ? 55  GLY A O   1 
ATOM   443  N N   . LEU A 1 56  ? -12.749 -0.644  -11.887 1.00 12.74 ? 56  LEU A N   1 
ATOM   444  C CA  . LEU A 1 56  ? -11.899 -0.115  -10.817 1.00 11.98 ? 56  LEU A CA  1 
ATOM   445  C C   . LEU A 1 56  ? -12.060 -0.983  -9.568  1.00 10.82 ? 56  LEU A C   1 
ATOM   446  O O   . LEU A 1 56  ? -13.183 -1.261  -9.158  1.00 10.15 ? 56  LEU A O   1 
ATOM   447  C CB  . LEU A 1 56  ? -12.269 1.344   -10.563 1.00 14.58 ? 56  LEU A CB  1 
ATOM   448  C CG  . LEU A 1 56  ? -11.538 2.275   -9.590  1.00 19.11 ? 56  LEU A CG  1 
ATOM   449  C CD1 . LEU A 1 56  ? -10.139 2.406   -9.924  1.00 20.40 ? 56  LEU A CD1 1 
ATOM   450  C CD2 . LEU A 1 56  ? -12.222 3.632   -9.603  1.00 22.12 ? 56  LEU A CD2 1 
ATOM   451  N N   . ASN A 1 57  ? -10.940 -1.410  -8.965  1.00 9.18  ? 57  ASN A N   1 
ATOM   452  C CA  . ASN A 1 57  ? -11.013 -2.278  -7.798  1.00 9.13  ? 57  ASN A CA  1 
ATOM   453  C C   . ASN A 1 57  ? -9.810  -2.061  -6.926  1.00 8.18  ? 57  ASN A C   1 
ATOM   454  O O   . ASN A 1 57  ? -8.887  -1.380  -7.347  1.00 9.14  ? 57  ASN A O   1 
ATOM   455  C CB  . ASN A 1 57  ? -11.179 -3.764  -8.176  1.00 9.07  ? 57  ASN A CB  1 
ATOM   456  C CG  . ASN A 1 57  ? -10.004 -4.320  -8.952  1.00 10.06 ? 57  ASN A CG  1 
ATOM   457  O OD1 . ASN A 1 57  ? -9.188  -5.064  -8.382  1.00 13.37 ? 57  ASN A OD1 1 
ATOM   458  N ND2 . ASN A 1 57  ? -9.897  -3.973  -10.242 1.00 9.91  ? 57  ASN A ND2 1 
ATOM   459  N N   . VAL A 1 58  ? -9.804  -2.646  -5.728  1.00 7.57  ? 58  VAL A N   1 
ATOM   460  C CA  . VAL A 1 58  ? -8.735  -2.386  -4.768  1.00 6.81  ? 58  VAL A CA  1 
ATOM   461  C C   . VAL A 1 58  ? -8.122  -3.664  -4.214  1.00 7.26  ? 58  VAL A C   1 
ATOM   462  O O   . VAL A 1 58  ? -8.830  -4.662  -3.960  1.00 6.94  ? 58  VAL A O   1 
ATOM   463  C CB  . VAL A 1 58  ? -9.295  -1.513  -3.593  1.00 6.28  ? 58  VAL A CB  1 
ATOM   464  C CG1 . VAL A 1 58  ? -8.203  -1.251  -2.499  1.00 7.49  ? 58  VAL A CG1 1 
ATOM   465  C CG2 . VAL A 1 58  ? -9.904  -0.213  -4.107  1.00 7.18  ? 58  VAL A CG2 1 
ATOM   466  N N   . LYS A 1 59  ? -6.790  -3.656  -4.058  1.00 7.16  ? 59  LYS A N   1 
ATOM   467  C CA  . LYS A 1 59  ? -6.065  -4.798  -3.501  1.00 7.48  ? 59  LYS A CA  1 
ATOM   468  C C   . LYS A 1 59  ? -5.340  -4.343  -2.233  1.00 7.36  ? 59  LYS A C   1 
ATOM   469  O O   . LYS A 1 59  ? -4.924  -3.185  -2.154  1.00 6.95  ? 59  LYS A O   1 
ATOM   470  C CB  . LYS A 1 59  ? -5.061  -5.353  -4.501  1.00 8.47  ? 59  LYS A CB  1 
ATOM   471  C CG  . LYS A 1 59  ? -5.713  -6.084  -5.713  1.00 12.05 ? 59  LYS A CG  1 
ATOM   472  C CD  . LYS A 1 59  ? -6.256  -7.497  -5.317  1.00 17.12 ? 59  LYS A CD  1 
ATOM   473  C CE  . LYS A 1 59  ? -6.759  -8.270  -6.560  1.00 22.13 ? 59  LYS A CE  1 
ATOM   474  N NZ  . LYS A 1 59  ? -7.698  -9.397  -6.288  1.00 21.27 ? 59  LYS A NZ  1 
ATOM   475  N N   . HIS A 1 60  ? -5.210  -5.245  -1.246  1.00 6.40  ? 60  HIS A N   1 
ATOM   476  C CA  . HIS A 1 60  ? -4.545  -4.930  0.037   1.00 6.26  ? 60  HIS A CA  1 
ATOM   477  C C   . HIS A 1 60  ? -3.379  -5.893  0.229   1.00 5.55  ? 60  HIS A C   1 
ATOM   478  O O   . HIS A 1 60  ? -3.529  -7.093  0.027   1.00 6.03  ? 60  HIS A O   1 
ATOM   479  C CB  . HIS A 1 60  ? -5.546  -5.095  1.204   1.00 4.68  ? 60  HIS A CB  1 
ATOM   480  C CG  . HIS A 1 60  ? -6.796  -4.290  1.020   1.00 5.30  ? 60  HIS A CG  1 
ATOM   481  N ND1 . HIS A 1 60  ? -6.845  -2.920  1.228   1.00 4.88  ? 60  HIS A ND1 1 
ATOM   482  C CD2 . HIS A 1 60  ? -8.027  -4.633  0.570   1.00 4.80  ? 60  HIS A CD2 1 
ATOM   483  C CE1 . HIS A 1 60  ? -8.037  -2.461  0.911   1.00 4.79  ? 60  HIS A CE1 1 
ATOM   484  N NE2 . HIS A 1 60  ? -8.776  -3.485  0.500   1.00 5.59  ? 60  HIS A NE2 1 
ATOM   485  N N   . TYR A 1 61  ? -2.218  -5.349  0.593   1.00 5.29  ? 61  TYR A N   1 
ATOM   486  C CA  . TYR A 1 61  ? -0.999  -6.147  0.796   1.00 5.54  ? 61  TYR A CA  1 
ATOM   487  C C   . TYR A 1 61  ? -0.461  -5.875  2.188   1.00 5.93  ? 61  TYR A C   1 
ATOM   488  O O   . TYR A 1 61  ? -0.297  -4.723  2.596   1.00 6.70  ? 61  TYR A O   1 
ATOM   489  C CB  . TYR A 1 61  ? 0.096   -5.771  -0.226  1.00 5.12  ? 61  TYR A CB  1 
ATOM   490  C CG  . TYR A 1 61  ? -0.437  -5.910  -1.629  1.00 5.81  ? 61  TYR A CG  1 
ATOM   491  C CD1 . TYR A 1 61  ? -0.944  -4.784  -2.323  1.00 4.45  ? 61  TYR A CD1 1 
ATOM   492  C CD2 . TYR A 1 61  ? -0.483  -7.182  -2.275  1.00 7.97  ? 61  TYR A CD2 1 
ATOM   493  C CE1 . TYR A 1 61  ? -1.482  -4.910  -3.641  1.00 5.64  ? 61  TYR A CE1 1 
ATOM   494  C CE2 . TYR A 1 61  ? -1.023  -7.336  -3.599  1.00 6.35  ? 61  TYR A CE2 1 
ATOM   495  C CZ  . TYR A 1 61  ? -1.511  -6.192  -4.259  1.00 5.51  ? 61  TYR A CZ  1 
ATOM   496  O OH  . TYR A 1 61  ? -1.982  -6.305  -5.552  1.00 7.73  ? 61  TYR A OH  1 
ATOM   497  N N   . LYS A 1 62  ? -0.216  -6.941  2.921   1.00 6.92  ? 62  LYS A N   1 
ATOM   498  C CA  . LYS A 1 62  ? 0.274   -6.773  4.264   1.00 8.11  ? 62  LYS A CA  1 
ATOM   499  C C   . LYS A 1 62  ? 1.771   -6.458  4.310   1.00 7.61  ? 62  LYS A C   1 
ATOM   500  O O   . LYS A 1 62  ? 2.559   -7.148  3.684   1.00 8.36  ? 62  LYS A O   1 
ATOM   501  C CB  . LYS A 1 62  ? -0.040  -8.023  5.090   1.00 9.41  ? 62  LYS A CB  1 
ATOM   502  C CG  . LYS A 1 62  ? 0.170   -7.775  6.594   1.00 15.99 ? 62  LYS A CG  1 
ATOM   503  C CD  . LYS A 1 62  ? -0.495  -8.827  7.467   1.00 24.16 ? 62  LYS A CD  1 
ATOM   504  C CE  . LYS A 1 62  ? -2.027  -8.708  7.457   1.00 27.09 ? 62  LYS A CE  1 
ATOM   505  N NZ  . LYS A 1 62  ? -2.620  -9.867  8.197   1.00 33.21 ? 62  LYS A NZ  1 
ATOM   506  N N   . ILE A 1 63  ? 2.131   -5.425  5.059   1.00 7.79  ? 63  ILE A N   1 
ATOM   507  C CA  . ILE A 1 63  ? 3.536   -5.068  5.247   1.00 7.27  ? 63  ILE A CA  1 
ATOM   508  C C   . ILE A 1 63  ? 3.911   -5.457  6.692   1.00 8.96  ? 63  ILE A C   1 
ATOM   509  O O   . ILE A 1 63  ? 3.286   -4.970  7.667   1.00 8.13  ? 63  ILE A O   1 
ATOM   510  C CB  . ILE A 1 63  ? 3.754   -3.582  5.080   1.00 6.88  ? 63  ILE A CB  1 
ATOM   511  C CG1 . ILE A 1 63  ? 3.415   -3.152  3.635   1.00 6.75  ? 63  ILE A CG1 1 
ATOM   512  C CG2 . ILE A 1 63  ? 5.159   -3.211  5.485   1.00 7.14  ? 63  ILE A CG2 1 
ATOM   513  C CD1 . ILE A 1 63  ? 3.489   -1.627  3.446   1.00 6.03  ? 63  ILE A CD1 1 
ATOM   514  N N   . ARG A 1 64  ? 4.904   -6.349  6.816   1.00 9.11  ? 64  ARG A N   1 
ATOM   515  C CA  . ARG A 1 64  ? 5.414   -6.806  8.100   1.00 11.52 ? 64  ARG A CA  1 
ATOM   516  C C   . ARG A 1 64  ? 6.630   -5.981  8.462   1.00 12.49 ? 64  ARG A C   1 
ATOM   517  O O   . ARG A 1 64  ? 7.365   -5.449  7.600   1.00 10.24 ? 64  ARG A O   1 
ATOM   518  C CB  . ARG A 1 64  ? 5.834   -8.287  8.006   1.00 14.06 ? 64  ARG A CB  1 
ATOM   519  C CG  . ARG A 1 64  ? 4.840   -9.147  7.200   1.00 21.82 ? 64  ARG A CG  1 
ATOM   520  C CD  . ARG A 1 64  ? 3.575   -9.626  7.949   1.00 30.77 ? 64  ARG A CD  1 
ATOM   521  N NE  . ARG A 1 64  ? 3.733   -11.060 8.221   1.00 39.84 ? 64  ARG A NE  1 
ATOM   522  C CZ  . ARG A 1 64  ? 4.410   -11.517 9.274   1.00 46.58 ? 64  ARG A CZ  1 
ATOM   523  N NH1 . ARG A 1 64  ? 4.929   -10.640 10.140  1.00 48.07 ? 64  ARG A NH1 1 
ATOM   524  N NH2 . ARG A 1 64  ? 4.731   -12.804 9.389   1.00 48.79 ? 64  ARG A NH2 1 
ATOM   525  N N   . LYS A 1 65  ? 6.818   -5.819  9.760   1.00 14.78 ? 65  LYS A N   1 
ATOM   526  C CA  . LYS A 1 65  ? 7.978   -5.095  10.216  1.00 17.92 ? 65  LYS A CA  1 
ATOM   527  C C   . LYS A 1 65  ? 8.598   -5.940  11.313  1.00 20.04 ? 65  LYS A C   1 
ATOM   528  O O   . LYS A 1 65  ? 7.920   -6.306  12.294  1.00 19.88 ? 65  LYS A O   1 
ATOM   529  C CB  . LYS A 1 65  ? 7.627   -3.732  10.750  1.00 20.96 ? 65  LYS A CB  1 
ATOM   530  C CG  . LYS A 1 65  ? 8.884   -3.048  11.261  1.00 28.06 ? 65  LYS A CG  1 
ATOM   531  C CD  . LYS A 1 65  ? 8.570   -2.244  12.481  1.00 35.31 ? 65  LYS A CD  1 
ATOM   532  C CE  . LYS A 1 65  ? 9.729   -1.325  12.860  1.00 39.64 ? 65  LYS A CE  1 
ATOM   533  N NZ  . LYS A 1 65  ? 9.049   -0.069  13.371  1.00 44.19 ? 65  LYS A NZ  1 
ATOM   534  N N   . LEU A 1 66  ? 9.877   -6.241  11.147  1.00 22.21 ? 66  LEU A N   1 
ATOM   535  C CA  . LEU A 1 66  ? 10.615  -7.043  12.113  1.00 25.76 ? 66  LEU A CA  1 
ATOM   536  C C   . LEU A 1 66  ? 11.246  -6.161  13.223  1.00 27.81 ? 66  LEU A C   1 
ATOM   537  O O   . LEU A 1 66  ? 11.550  -4.973  13.004  1.00 27.23 ? 66  LEU A O   1 
ATOM   538  C CB  . LEU A 1 66  ? 11.707  -7.830  11.383  1.00 26.20 ? 66  LEU A CB  1 
ATOM   539  C CG  . LEU A 1 66  ? 11.305  -8.759  10.237  1.00 25.32 ? 66  LEU A CG  1 
ATOM   540  C CD1 . LEU A 1 66  ? 12.515  -9.164  9.489   1.00 23.47 ? 66  LEU A CD1 1 
ATOM   541  C CD2 . LEU A 1 66  ? 10.581  -9.985  10.738  1.00 28.63 ? 66  LEU A CD2 1 
ATOM   542  N N   . ASP A 1 67  ? 11.421  -6.740  14.421  1.00 30.87 ? 67  ASP A N   1 
ATOM   543  C CA  . ASP A 1 67  ? 12.067  -6.017  15.531  1.00 33.58 ? 67  ASP A CA  1 
ATOM   544  C C   . ASP A 1 67  ? 13.526  -5.831  15.123  1.00 34.03 ? 67  ASP A C   1 
ATOM   545  O O   . ASP A 1 67  ? 14.163  -4.827  15.485  1.00 34.78 ? 67  ASP A O   1 
ATOM   546  C CB  . ASP A 1 67  ? 11.954  -6.810  16.818  1.00 38.78 ? 67  ASP A CB  1 
ATOM   547  C CG  . ASP A 1 67  ? 10.549  -6.804  17.345  1.00 47.83 ? 67  ASP A CG  1 
ATOM   548  O OD1 . ASP A 1 67  ? 9.974   -5.690  17.494  1.00 54.75 ? 67  ASP A OD1 1 
ATOM   549  O OD2 . ASP A 1 67  ? 9.978   -7.900  17.556  1.00 54.08 ? 67  ASP A OD2 1 
ATOM   550  N N   . SER A 1 68  ? 14.010  -6.813  14.345  1.00 33.91 ? 68  SER A N   1 
ATOM   551  C CA  . SER A 1 68  ? 15.344  -6.849  13.716  1.00 33.79 ? 68  SER A CA  1 
ATOM   552  C C   . SER A 1 68  ? 15.480  -5.702  12.673  1.00 32.92 ? 68  SER A C   1 
ATOM   553  O O   . SER A 1 68  ? 16.532  -5.585  12.032  1.00 34.11 ? 68  SER A O   1 
ATOM   554  C CB  . SER A 1 68  ? 15.562  -8.201  12.998  1.00 36.36 ? 68  SER A CB  1 
ATOM   555  O OG  . SER A 1 68  ? 14.650  -9.173  13.523  1.00 41.48 ? 68  SER A OG  1 
ATOM   556  N N   . GLY A 1 69  ? 14.381  -5.003  12.368  1.00 30.40 ? 69  GLY A N   1 
ATOM   557  C CA  . GLY A 1 69  ? 14.474  -3.853  11.498  1.00 26.72 ? 69  GLY A CA  1 
ATOM   558  C C   . GLY A 1 69  ? 13.889  -3.791  10.109  1.00 23.77 ? 69  GLY A C   1 
ATOM   559  O O   . GLY A 1 69  ? 13.471  -2.708  9.704   1.00 24.29 ? 69  GLY A O   1 
ATOM   560  N N   . GLY A 1 70  ? 13.792  -4.915  9.416   1.00 21.58 ? 70  GLY A N   1 
ATOM   561  C CA  . GLY A 1 70  ? 13.288  -4.876  8.048   1.00 18.11 ? 70  GLY A CA  1 
ATOM   562  C C   . GLY A 1 70  ? 11.788  -4.776  7.870   1.00 15.78 ? 70  GLY A C   1 
ATOM   563  O O   . GLY A 1 70  ? 11.035  -5.178  8.763   1.00 16.65 ? 70  GLY A O   1 
ATOM   564  N N   . PHE A 1 71  ? 11.384  -4.104  6.790   1.00 12.98 ? 71  PHE A N   1 
ATOM   565  C CA  . PHE A 1 71  ? 9.964   -3.979  6.368   1.00 10.40 ? 71  PHE A CA  1 
ATOM   566  C C   . PHE A 1 71  ? 9.851   -4.790  5.071   1.00 8.79  ? 71  PHE A C   1 
ATOM   567  O O   . PHE A 1 71  ? 10.751  -4.753  4.212   1.00 7.73  ? 71  PHE A O   1 
ATOM   568  C CB  . PHE A 1 71  ? 9.592   -2.553  5.997   1.00 9.77  ? 71  PHE A CB  1 
ATOM   569  C CG  . PHE A 1 71  ? 9.553   -1.609  7.159   1.00 12.58 ? 71  PHE A CG  1 
ATOM   570  C CD1 . PHE A 1 71  ? 10.752  -1.035  7.657   1.00 12.51 ? 71  PHE A CD1 1 
ATOM   571  C CD2 . PHE A 1 71  ? 8.332   -1.272  7.733   1.00 12.40 ? 71  PHE A CD2 1 
ATOM   572  C CE1 . PHE A 1 71  ? 10.716  -0.112  8.715   1.00 13.81 ? 71  PHE A CE1 1 
ATOM   573  C CE2 . PHE A 1 71  ? 8.290   -0.355  8.784   1.00 11.30 ? 71  PHE A CE2 1 
ATOM   574  C CZ  . PHE A 1 71  ? 9.487   0.213   9.270   1.00 12.25 ? 71  PHE A CZ  1 
ATOM   575  N N   . TYR A 1 72  ? 8.724   -5.462  4.884   1.00 7.62  ? 72  TYR A N   1 
ATOM   576  C CA  . TYR A 1 72  ? 8.545   -6.225  3.667   1.00 7.31  ? 72  TYR A CA  1 
ATOM   577  C C   . TYR A 1 72  ? 7.103   -6.670  3.496   1.00 7.20  ? 72  TYR A C   1 
ATOM   578  O O   . TYR A 1 72  ? 6.351   -6.738  4.477   1.00 7.04  ? 72  TYR A O   1 
ATOM   579  C CB  . TYR A 1 72  ? 9.453   -7.497  3.676   1.00 7.54  ? 72  TYR A CB  1 
ATOM   580  C CG  . TYR A 1 72  ? 9.184   -8.504  4.776   1.00 8.99  ? 72  TYR A CG  1 
ATOM   581  C CD1 . TYR A 1 72  ? 8.182   -9.494  4.624   1.00 10.46 ? 72  TYR A CD1 1 
ATOM   582  C CD2 . TYR A 1 72  ? 9.925   -8.465  5.986   1.00 11.87 ? 72  TYR A CD2 1 
ATOM   583  C CE1 . TYR A 1 72  ? 7.904   -10.431 5.649   1.00 14.03 ? 72  TYR A CE1 1 
ATOM   584  C CE2 . TYR A 1 72  ? 9.669   -9.386  7.005   1.00 15.55 ? 72  TYR A CE2 1 
ATOM   585  C CZ  . TYR A 1 72  ? 8.667   -10.353 6.831   1.00 16.64 ? 72  TYR A CZ  1 
ATOM   586  O OH  . TYR A 1 72  ? 8.460   -11.231 7.847   1.00 19.70 ? 72  TYR A OH  1 
ATOM   587  N N   . ILE A 1 73  ? 6.793   -7.050  2.245   1.00 7.45  ? 73  ILE A N   1 
ATOM   588  C CA  . ILE A 1 73  ? 5.515   -7.667  1.894   1.00 7.39  ? 73  ILE A CA  1 
ATOM   589  C C   . ILE A 1 73  ? 5.936   -9.152  1.728   1.00 7.36  ? 73  ILE A C   1 
ATOM   590  O O   . ILE A 1 73  ? 5.262   -10.063 2.249   1.00 8.49  ? 73  ILE A O   1 
ATOM   591  C CB  . ILE A 1 73  ? 4.908   -7.096  0.591   1.00 7.49  ? 73  ILE A CB  1 
ATOM   592  C CG1 . ILE A 1 73  ? 4.512   -5.669  0.842   1.00 8.26  ? 73  ILE A CG1 1 
ATOM   593  C CG2 . ILE A 1 73  ? 3.684   -7.953  0.167   1.00 7.82  ? 73  ILE A CG2 1 
ATOM   594  C CD1 . ILE A 1 73  ? 4.031   -4.922  -0.390  1.00 7.20  ? 73  ILE A CD1 1 
ATOM   595  N N   . THR A 1 74  ? 7.002   -9.391  0.940   1.00 6.65  ? 74  THR A N   1 
ATOM   596  C CA  . THR A 1 74  ? 7.549   -10.752 0.797   1.00 7.18  ? 74  THR A CA  1 
ATOM   597  C C   . THR A 1 74  ? 8.909   -10.752 1.504   1.00 7.82  ? 74  THR A C   1 
ATOM   598  O O   . THR A 1 74  ? 9.715   -9.848  1.336   1.00 6.11  ? 74  THR A O   1 
ATOM   599  C CB  . THR A 1 74  ? 7.689   -11.238 -0.662  1.00 8.04  ? 74  THR A CB  1 
ATOM   600  O OG1 . THR A 1 74  ? 8.369   -12.501 -0.661  1.00 9.70  ? 74  THR A OG1 1 
ATOM   601  C CG2 . THR A 1 74  ? 8.468   -10.236 -1.522  1.00 8.33  ? 74  THR A CG2 1 
ATOM   602  N N   . SER A 1 75  ? 9.148   -11.793 2.292   1.00 7.88  ? 75  SER A N   1 
ATOM   603  C CA  . SER A 1 75  ? 10.358  -11.864 3.099   1.00 8.41  ? 75  SER A CA  1 
ATOM   604  C C   . SER A 1 75  ? 11.625  -11.908 2.272   1.00 8.92  ? 75  SER A C   1 
ATOM   605  O O   . SER A 1 75  ? 12.706  -11.588 2.795   1.00 8.75  ? 75  SER A O   1 
ATOM   606  C CB  . SER A 1 75  ? 10.323  -13.071 4.039   1.00 10.31 ? 75  SER A CB  1 
ATOM   607  O OG  . SER A 1 75  ? 10.392  -14.280 3.281   1.00 12.01 ? 75  SER A OG  1 
ATOM   608  N N   . ARG A 1 76  ? 11.493  -12.293 1.013   1.00 9.45  ? 76  ARG A N   1 
ATOM   609  C CA  . ARG A 1 76  ? 12.663  -12.359 0.141   1.00 10.70 ? 76  ARG A CA  1 
ATOM   610  C C   . ARG A 1 76  ? 13.140  -10.960 -0.249  1.00 10.46 ? 76  ARG A C   1 
ATOM   611  O O   . ARG A 1 76  ? 14.304  -10.814 -0.649  1.00 11.79 ? 76  ARG A O   1 
ATOM   612  C CB  . ARG A 1 76  ? 12.333  -13.103 -1.178  1.00 14.07 ? 76  ARG A CB  1 
ATOM   613  C CG  . ARG A 1 76  ? 11.763  -14.538 -1.062  1.00 23.76 ? 76  ARG A CG  1 
ATOM   614  C CD  . ARG A 1 76  ? 12.602  -15.481 -0.195  1.00 35.15 ? 76  ARG A CD  1 
ATOM   615  N NE  . ARG A 1 76  ? 14.030  -15.387 -0.518  1.00 45.38 ? 76  ARG A NE  1 
ATOM   616  C CZ  . ARG A 1 76  ? 15.057  -15.686 0.307   1.00 51.25 ? 76  ARG A CZ  1 
ATOM   617  N NH1 . ARG A 1 76  ? 16.307  -15.505 -0.134  1.00 55.11 ? 76  ARG A NH1 1 
ATOM   618  N NH2 . ARG A 1 76  ? 14.884  -16.267 1.508   1.00 50.73 ? 76  ARG A NH2 1 
ATOM   619  N N   . THR A 1 77  ? 12.292  -9.938  -0.080  1.00 8.18  ? 77  THR A N   1 
ATOM   620  C CA  . THR A 1 77  ? 12.584  -8.581  -0.553  1.00 7.53  ? 77  THR A CA  1 
ATOM   621  C C   . THR A 1 77  ? 12.251  -7.590  0.558   1.00 7.74  ? 77  THR A C   1 
ATOM   622  O O   . THR A 1 77  ? 11.118  -7.095  0.650   1.00 7.69  ? 77  THR A O   1 
ATOM   623  C CB  . THR A 1 77  ? 11.712  -8.356  -1.849  1.00 7.29  ? 77  THR A CB  1 
ATOM   624  O OG1 . THR A 1 77  ? 11.961  -9.467  -2.739  1.00 9.24  ? 77  THR A OG1 1 
ATOM   625  C CG2 . THR A 1 77  ? 11.990  -7.001  -2.567  1.00 5.20  ? 77  THR A CG2 1 
ATOM   626  N N   . GLN A 1 78  ? 13.283  -7.267  1.343   1.00 6.66  ? 78  GLN A N   1 
ATOM   627  C CA  . GLN A 1 78  ? 13.144  -6.421  2.521   1.00 7.24  ? 78  GLN A CA  1 
ATOM   628  C C   . GLN A 1 78  ? 13.778  -5.065  2.389   1.00 7.00  ? 78  GLN A C   1 
ATOM   629  O O   . GLN A 1 78  ? 14.721  -4.893  1.546   1.00 6.97  ? 78  GLN A O   1 
ATOM   630  C CB  . GLN A 1 78  ? 13.754  -7.132  3.709   1.00 7.21  ? 78  GLN A CB  1 
ATOM   631  C CG  . GLN A 1 78  ? 13.216  -8.526  3.872   1.00 8.94  ? 78  GLN A CG  1 
ATOM   632  C CD  . GLN A 1 78  ? 13.557  -9.124  5.232   1.00 13.82 ? 78  GLN A CD  1 
ATOM   633  O OE1 . GLN A 1 78  ? 13.323  -10.311 5.457   1.00 17.52 ? 78  GLN A OE1 1 
ATOM   634  N NE2 . GLN A 1 78  ? 14.038  -8.317  6.151   1.00 12.41 ? 78  GLN A NE2 1 
ATOM   635  N N   . PHE A 1 79  ? 13.291  -4.118  3.201   1.00 6.76  ? 79  PHE A N   1 
ATOM   636  C CA  . PHE A 1 79  ? 13.764  -2.734  3.171   1.00 8.12  ? 79  PHE A CA  1 
ATOM   637  C C   . PHE A 1 79  ? 14.109  -2.203  4.566   1.00 8.30  ? 79  PHE A C   1 
ATOM   638  O O   . PHE A 1 79  ? 13.573  -2.702  5.574   1.00 8.50  ? 79  PHE A O   1 
ATOM   639  C CB  . PHE A 1 79  ? 12.740  -1.833  2.479   1.00 8.12  ? 79  PHE A CB  1 
ATOM   640  C CG  . PHE A 1 79  ? 12.386  -2.328  1.105   1.00 6.65  ? 79  PHE A CG  1 
ATOM   641  C CD1 . PHE A 1 79  ? 11.362  -3.273  0.940   1.00 7.32  ? 79  PHE A CD1 1 
ATOM   642  C CD2 . PHE A 1 79  ? 13.180  -1.962  -0.005  1.00 5.35  ? 79  PHE A CD2 1 
ATOM   643  C CE1 . PHE A 1 79  ? 11.117  -3.865  -0.308  1.00 6.69  ? 79  PHE A CE1 1 
ATOM   644  C CE2 . PHE A 1 79  ? 12.960  -2.547  -1.266  1.00 7.05  ? 79  PHE A CE2 1 
ATOM   645  C CZ  . PHE A 1 79  ? 11.930  -3.504  -1.417  1.00 8.25  ? 79  PHE A CZ  1 
ATOM   646  N N   . ASN A 1 80  ? 15.030  -1.242  4.602   1.00 8.82  ? 80  ASN A N   1 
ATOM   647  C CA  . ASN A 1 80  ? 15.459  -0.660  5.874   1.00 9.67  ? 80  ASN A CA  1 
ATOM   648  C C   . ASN A 1 80  ? 14.396  0.337   6.391   1.00 10.73 ? 80  ASN A C   1 
ATOM   649  O O   . ASN A 1 80  ? 14.425  0.721   7.557   1.00 11.81 ? 80  ASN A O   1 
ATOM   650  C CB  . ASN A 1 80  ? 16.829  0.049   5.734   1.00 9.88  ? 80  ASN A CB  1 
ATOM   651  C CG  . ASN A 1 80  ? 18.017  -0.945  5.447   1.00 11.92 ? 80  ASN A CG  1 
ATOM   652  O OD1 . ASN A 1 80  ? 17.969  -2.114  5.836   1.00 12.54 ? 80  ASN A OD1 1 
ATOM   653  N ND2 . ASN A 1 80  ? 19.087  -0.452  4.792   1.00 10.94 ? 80  ASN A ND2 1 
ATOM   654  N N   . SER A 1 81  ? 13.446  0.736   5.549   1.00 9.73  ? 81  SER A N   1 
ATOM   655  C CA  . SER A 1 81  ? 12.409  1.675   5.994   1.00 9.70  ? 81  SER A CA  1 
ATOM   656  C C   . SER A 1 81  ? 11.181  1.509   5.115   1.00 10.03 ? 81  SER A C   1 
ATOM   657  O O   . SER A 1 81  ? 11.265  0.974   4.003   1.00 10.77 ? 81  SER A O   1 
ATOM   658  C CB  . SER A 1 81  ? 12.895  3.116   5.866   1.00 7.89  ? 81  SER A CB  1 
ATOM   659  O OG  . SER A 1 81  ? 13.126  3.463   4.485   1.00 9.67  ? 81  SER A OG  1 
ATOM   660  N N   . LEU A 1 82  ? 10.054  2.003   5.598   1.00 9.56  ? 82  LEU A N   1 
ATOM   661  C CA  . LEU A 1 82  ? 8.800   1.946   4.864   1.00 10.07 ? 82  LEU A CA  1 
ATOM   662  C C   . LEU A 1 82  ? 8.914   2.847   3.612   1.00 9.80  ? 82  LEU A C   1 
ATOM   663  O O   . LEU A 1 82  ? 8.403   2.521   2.537   1.00 9.68  ? 82  LEU A O   1 
ATOM   664  C CB  . LEU A 1 82  ? 7.666   2.425   5.805   1.00 11.01 ? 82  LEU A CB  1 
ATOM   665  C CG  . LEU A 1 82  ? 6.215   2.150   5.451   1.00 15.33 ? 82  LEU A CG  1 
ATOM   666  C CD1 . LEU A 1 82  ? 6.036   0.625   5.060   1.00 15.28 ? 82  LEU A CD1 1 
ATOM   667  C CD2 . LEU A 1 82  ? 5.358   2.492   6.687   1.00 17.58 ? 82  LEU A CD2 1 
ATOM   668  N N   . GLN A 1 83  ? 9.616   3.969   3.750   1.00 9.17  ? 83  GLN A N   1 
ATOM   669  C CA  . GLN A 1 83  ? 9.840   4.907   2.656   1.00 9.65  ? 83  GLN A CA  1 
ATOM   670  C C   . GLN A 1 83  ? 10.566  4.197   1.470   1.00 8.52  ? 83  GLN A C   1 
ATOM   671  O O   . GLN A 1 83  ? 10.209  4.344   0.315   1.00 8.10  ? 83  GLN A O   1 
ATOM   672  C CB  . GLN A 1 83  ? 10.671  6.098   3.160   1.00 13.52 ? 83  GLN A CB  1 
ATOM   673  C CG  . GLN A 1 83  ? 9.933   6.949   4.241   1.00 17.71 ? 83  GLN A CG  1 
ATOM   674  C CD  . GLN A 1 83  ? 9.940   6.478   5.763   1.00 18.91 ? 83  GLN A CD  1 
ATOM   675  O OE1 . GLN A 1 83  ? 9.594   7.275   6.670   1.00 25.53 ? 83  GLN A OE1 1 
ATOM   676  N NE2 . GLN A 1 83  ? 10.324  5.270   6.029   1.00 12.94 ? 83  GLN A NE2 1 
ATOM   677  N N   . GLN A 1 84  ? 11.609  3.423   1.800   1.00 8.47  ? 84  GLN A N   1 
ATOM   678  C CA  . GLN A 1 84  ? 12.362  2.656   0.790   1.00 7.50  ? 84  GLN A CA  1 
ATOM   679  C C   . GLN A 1 84  ? 11.502  1.577   0.131   1.00 6.52  ? 84  GLN A C   1 
ATOM   680  O O   . GLN A 1 84  ? 11.631  1.338   -1.078  1.00 6.91  ? 84  GLN A O   1 
ATOM   681  C CB  . GLN A 1 84  ? 13.616  2.052   1.450   1.00 8.17  ? 84  GLN A CB  1 
ATOM   682  C CG  . GLN A 1 84  ? 14.648  3.132   1.640   1.00 10.54 ? 84  GLN A CG  1 
ATOM   683  C CD  . GLN A 1 84  ? 15.780  2.710   2.597   1.00 14.28 ? 84  GLN A CD  1 
ATOM   684  O OE1 . GLN A 1 84  ? 15.522  2.253   3.721   1.00 14.02 ? 84  GLN A OE1 1 
ATOM   685  N NE2 . GLN A 1 84  ? 17.024  2.847   2.138   1.00 12.00 ? 84  GLN A NE2 1 
ATOM   686  N N   . LEU A 1 85  ? 10.581  0.982   0.896   1.00 6.34  ? 85  LEU A N   1 
ATOM   687  C CA  . LEU A 1 85  ? 9.677   -0.039  0.371   1.00 5.79  ? 85  LEU A CA  1 
ATOM   688  C C   . LEU A 1 85  ? 8.755   0.623   -0.642  1.00 6.15  ? 85  LEU A C   1 
ATOM   689  O O   . LEU A 1 85  ? 8.619   0.169   -1.789  1.00 5.72  ? 85  LEU A O   1 
ATOM   690  C CB  . LEU A 1 85  ? 8.881   -0.695  1.521   1.00 6.19  ? 85  LEU A CB  1 
ATOM   691  C CG  . LEU A 1 85  ? 7.891   -1.824  1.119   1.00 8.21  ? 85  LEU A CG  1 
ATOM   692  C CD1 . LEU A 1 85  ? 7.645   -2.792  2.261   1.00 8.10  ? 85  LEU A CD1 1 
ATOM   693  C CD2 . LEU A 1 85  ? 6.544   -1.237  0.659   1.00 6.23  ? 85  LEU A CD2 1 
ATOM   694  N N   . VAL A 1 86  ? 8.194   1.765   -0.257  1.00 5.33  ? 86  VAL A N   1 
ATOM   695  C CA  . VAL A 1 86  ? 7.317   2.464   -1.167  1.00 6.47  ? 86  VAL A CA  1 
ATOM   696  C C   . VAL A 1 86  ? 8.081   2.883   -2.454  1.00 6.31  ? 86  VAL A C   1 
ATOM   697  O O   . VAL A 1 86  ? 7.554   2.744   -3.577  1.00 6.29  ? 86  VAL A O   1 
ATOM   698  C CB  . VAL A 1 86  ? 6.643   3.683   -0.444  1.00 6.48  ? 86  VAL A CB  1 
ATOM   699  C CG1 . VAL A 1 86  ? 6.040   4.627   -1.435  1.00 7.68  ? 86  VAL A CG1 1 
ATOM   700  C CG2 . VAL A 1 86  ? 5.560   3.166   0.516   1.00 6.66  ? 86  VAL A CG2 1 
ATOM   701  N N   . ALA A 1 87  ? 9.320   3.383   -2.305  1.00 6.27  ? 87  ALA A N   1 
ATOM   702  C CA  . ALA A 1 87  ? 10.099  3.815   -3.475  1.00 6.30  ? 87  ALA A CA  1 
ATOM   703  C C   . ALA A 1 87  ? 10.416  2.621   -4.410  1.00 6.59  ? 87  ALA A C   1 
ATOM   704  O O   . ALA A 1 87  ? 10.356  2.724   -5.656  1.00 7.28  ? 87  ALA A O   1 
ATOM   705  C CB  . ALA A 1 87  ? 11.406  4.534   -3.046  1.00 7.06  ? 87  ALA A CB  1 
ATOM   706  N N   . TYR A 1 88  ? 10.664  1.464   -3.827  1.00 5.65  ? 88  TYR A N   1 
ATOM   707  C CA  . TYR A 1 88  ? 10.958  0.294   -4.645  1.00 5.53  ? 88  TYR A CA  1 
ATOM   708  C C   . TYR A 1 88  ? 9.729   -0.147  -5.463  1.00 4.96  ? 88  TYR A C   1 
ATOM   709  O O   . TYR A 1 88  ? 9.835   -0.410  -6.657  1.00 5.74  ? 88  TYR A O   1 
ATOM   710  C CB  . TYR A 1 88  ? 11.390  -0.844  -3.719  1.00 4.10  ? 88  TYR A CB  1 
ATOM   711  C CG  . TYR A 1 88  ? 11.579  -2.146  -4.430  1.00 5.28  ? 88  TYR A CG  1 
ATOM   712  C CD1 . TYR A 1 88  ? 12.851  -2.549  -4.890  1.00 7.26  ? 88  TYR A CD1 1 
ATOM   713  C CD2 . TYR A 1 88  ? 10.493  -3.002  -4.639  1.00 6.57  ? 88  TYR A CD2 1 
ATOM   714  C CE1 . TYR A 1 88  ? 13.017  -3.800  -5.543  1.00 6.18  ? 88  TYR A CE1 1 
ATOM   715  C CE2 . TYR A 1 88  ? 10.626  -4.240  -5.288  1.00 6.02  ? 88  TYR A CE2 1 
ATOM   716  C CZ  . TYR A 1 88  ? 11.908  -4.647  -5.746  1.00 7.39  ? 88  TYR A CZ  1 
ATOM   717  O OH  . TYR A 1 88  ? 12.041  -5.859  -6.413  1.00 6.61  ? 88  TYR A OH  1 
ATOM   718  N N   . TYR A 1 89  ? 8.559   -0.210  -4.802  1.00 5.65  ? 89  TYR A N   1 
ATOM   719  C CA  . TYR A 1 89  ? 7.340   -0.629  -5.482  1.00 5.26  ? 89  TYR A CA  1 
ATOM   720  C C   . TYR A 1 89  ? 6.751   0.410   -6.420  1.00 6.16  ? 89  TYR A C   1 
ATOM   721  O O   . TYR A 1 89  ? 5.790   0.152   -7.127  1.00 4.94  ? 89  TYR A O   1 
ATOM   722  C CB  . TYR A 1 89  ? 6.314   -1.237  -4.526  1.00 6.00  ? 89  TYR A CB  1 
ATOM   723  C CG  . TYR A 1 89  ? 6.757   -2.602  -3.996  1.00 4.97  ? 89  TYR A CG  1 
ATOM   724  C CD1 . TYR A 1 89  ? 7.176   -2.761  -2.642  1.00 5.31  ? 89  TYR A CD1 1 
ATOM   725  C CD2 . TYR A 1 89  ? 6.750   -3.743  -4.838  1.00 3.96  ? 89  TYR A CD2 1 
ATOM   726  C CE1 . TYR A 1 89  ? 7.560   -3.989  -2.159  1.00 5.03  ? 89  TYR A CE1 1 
ATOM   727  C CE2 . TYR A 1 89  ? 7.150   -4.980  -4.360  1.00 3.99  ? 89  TYR A CE2 1 
ATOM   728  C CZ  . TYR A 1 89  ? 7.551   -5.091  -3.028  1.00 6.39  ? 89  TYR A CZ  1 
ATOM   729  O OH  . TYR A 1 89  ? 8.009   -6.286  -2.549  1.00 6.57  ? 89  TYR A OH  1 
ATOM   730  N N   . SER A 1 90  ? 7.361   1.596   -6.426  1.00 7.03  ? 90  SER A N   1 
ATOM   731  C CA  . SER A 1 90  ? 6.972   2.644   -7.383  1.00 7.59  ? 90  SER A CA  1 
ATOM   732  C C   . SER A 1 90  ? 7.729   2.379   -8.673  1.00 8.78  ? 90  SER A C   1 
ATOM   733  O O   . SER A 1 90  ? 7.423   2.996   -9.703  1.00 10.17 ? 90  SER A O   1 
ATOM   734  C CB  . SER A 1 90  ? 7.298   4.049   -6.864  1.00 7.51  ? 90  SER A CB  1 
ATOM   735  O OG  . SER A 1 90  ? 6.551   4.333   -5.689  1.00 9.18  ? 90  SER A OG  1 
ATOM   736  N N   . LYS A 1 91  ? 8.726   1.492   -8.635  1.00 7.83  ? 91  LYS A N   1 
ATOM   737  C CA  . LYS A 1 91  ? 9.476   1.148   -9.845  1.00 9.55  ? 91  LYS A CA  1 
ATOM   738  C C   . LYS A 1 91  ? 9.205   -0.279  -10.325 1.00 8.52  ? 91  LYS A C   1 
ATOM   739  O O   . LYS A 1 91  ? 9.162   -0.531  -11.502 1.00 10.25 ? 91  LYS A O   1 
ATOM   740  C CB  . LYS A 1 91  ? 10.994  1.312   -9.614  1.00 9.86  ? 91  LYS A CB  1 
ATOM   741  C CG  . LYS A 1 91  ? 11.460  2.749   -9.469  1.00 17.21 ? 91  LYS A CG  1 
ATOM   742  C CD  . LYS A 1 91  ? 11.304  3.498   -10.800 1.00 24.70 ? 91  LYS A CD  1 
ATOM   743  C CE  . LYS A 1 91  ? 11.966  4.879   -10.703 1.00 31.92 ? 91  LYS A CE  1 
ATOM   744  N NZ  . LYS A 1 91  ? 11.641  5.729   -11.894 1.00 33.90 ? 91  LYS A NZ  1 
ATOM   745  N N   . HIS A 1 92  ? 8.953   -1.197  -9.412  1.00 7.33  ? 92  HIS A N   1 
ATOM   746  C CA  . HIS A 1 92  ? 8.722   -2.575  -9.742  1.00 7.05  ? 92  HIS A CA  1 
ATOM   747  C C   . HIS A 1 92  ? 7.335   -3.013  -9.371  1.00 7.10  ? 92  HIS A C   1 
ATOM   748  O O   . HIS A 1 92  ? 6.936   -2.808  -8.229  1.00 7.99  ? 92  HIS A O   1 
ATOM   749  C CB  . HIS A 1 92  ? 9.633   -3.471  -8.908  1.00 6.59  ? 92  HIS A CB  1 
ATOM   750  C CG  . HIS A 1 92  ? 11.087  -3.138  -9.039  1.00 8.40  ? 92  HIS A CG  1 
ATOM   751  N ND1 . HIS A 1 92  ? 11.932  -3.814  -9.911  1.00 12.03 ? 92  HIS A ND1 1 
ATOM   752  C CD2 . HIS A 1 92  ? 11.865  -2.226  -8.393  1.00 8.45  ? 92  HIS A CD2 1 
ATOM   753  C CE1 . HIS A 1 92  ? 13.152  -3.333  -9.793  1.00 11.93 ? 92  HIS A CE1 1 
ATOM   754  N NE2 . HIS A 1 92  ? 13.140  -2.365  -8.882  1.00 9.77  ? 92  HIS A NE2 1 
ATOM   755  N N   . ALA A 1 93  ? 6.604   -3.645  -10.294 1.00 7.36  ? 93  ALA A N   1 
ATOM   756  C CA  . ALA A 1 93  ? 5.290   -4.169  -9.911  1.00 6.87  ? 93  ALA A CA  1 
ATOM   757  C C   . ALA A 1 93  ? 5.495   -5.446  -9.096  1.00 6.78  ? 93  ALA A C   1 
ATOM   758  O O   . ALA A 1 93  ? 4.803   -5.665  -8.110  1.00 6.56  ? 93  ALA A O   1 
ATOM   759  C CB  . ALA A 1 93  ? 4.474   -4.513  -11.119 1.00 6.59  ? 93  ALA A CB  1 
ATOM   760  N N   . ASP A 1 94  ? 6.479   -6.260  -9.487  1.00 6.30  ? 94  ASP A N   1 
ATOM   761  C CA  . ASP A 1 94  ? 6.735   -7.557  -8.864  1.00 6.87  ? 94  ASP A CA  1 
ATOM   762  C C   . ASP A 1 94  ? 5.411   -8.320  -8.772  1.00 7.25  ? 94  ASP A C   1 
ATOM   763  O O   . ASP A 1 94  ? 4.761   -8.542  -9.792  1.00 7.42  ? 94  ASP A O   1 
ATOM   764  C CB  . ASP A 1 94  ? 7.488   -7.419  -7.528  1.00 7.50  ? 94  ASP A CB  1 
ATOM   765  C CG  . ASP A 1 94  ? 8.973   -7.053  -7.738  1.00 6.62  ? 94  ASP A CG  1 
ATOM   766  O OD1 . ASP A 1 94  ? 9.395   -6.850  -8.926  1.00 7.58  ? 94  ASP A OD1 1 
ATOM   767  O OD2 . ASP A 1 94  ? 9.682   -6.985  -6.711  1.00 6.29  ? 94  ASP A OD2 1 
ATOM   768  N N   . GLY A 1 95  ? 4.997   -8.687  -7.561  1.00 7.41  ? 95  GLY A N   1 
ATOM   769  C CA  . GLY A 1 95  ? 3.733   -9.402  -7.404  1.00 7.94  ? 95  GLY A CA  1 
ATOM   770  C C   . GLY A 1 95  ? 2.504   -8.522  -7.115  1.00 7.71  ? 95  GLY A C   1 
ATOM   771  O O   . GLY A 1 95  ? 1.421   -9.074  -6.890  1.00 8.35  ? 95  GLY A O   1 
ATOM   772  N N   . LEU A 1 96  ? 2.662   -7.197  -7.110  1.00 7.19  ? 96  LEU A N   1 
ATOM   773  C CA  . LEU A 1 96  ? 1.538   -6.279  -6.877  1.00 5.82  ? 96  LEU A CA  1 
ATOM   774  C C   . LEU A 1 96  ? 0.659   -6.145  -8.121  1.00 6.57  ? 96  LEU A C   1 
ATOM   775  O O   . LEU A 1 96  ? 1.086   -6.370  -9.235  1.00 6.01  ? 96  LEU A O   1 
ATOM   776  C CB  . LEU A 1 96  ? 2.035   -4.897  -6.513  1.00 5.80  ? 96  LEU A CB  1 
ATOM   777  C CG  . LEU A 1 96  ? 2.975   -4.799  -5.292  1.00 7.34  ? 96  LEU A CG  1 
ATOM   778  C CD1 . LEU A 1 96  ? 3.183   -3.337  -4.952  1.00 7.72  ? 96  LEU A CD1 1 
ATOM   779  C CD2 . LEU A 1 96  ? 2.450   -5.570  -4.083  1.00 9.89  ? 96  LEU A CD2 1 
ATOM   780  N N   . CYS A 1 97  ? -0.570  -5.688  -7.925  1.00 5.95  ? 97  CYS A N   1 
ATOM   781  C CA  . CYS A 1 97  ? -1.476  -5.525  -9.045  1.00 6.87  ? 97  CYS A CA  1 
ATOM   782  C C   . CYS A 1 97  ? -0.985  -4.459  -10.029 1.00 6.95  ? 97  CYS A C   1 
ATOM   783  O O   . CYS A 1 97  ? -1.335  -4.506  -11.227 1.00 8.10  ? 97  CYS A O   1 
ATOM   784  C CB  . CYS A 1 97  ? -2.894  -5.198  -8.536  1.00 8.09  ? 97  CYS A CB  1 
ATOM   785  S SG  . CYS A 1 97  ? -3.037  -3.694  -7.540  1.00 8.97  ? 97  CYS A SG  1 
ATOM   786  N N   . HIS A 1 98  ? -0.138  -3.545  -9.561  1.00 6.91  ? 98  HIS A N   1 
ATOM   787  C CA  . HIS A 1 98  ? 0.377   -2.480  -10.397 1.00 7.45  ? 98  HIS A CA  1 
ATOM   788  C C   . HIS A 1 98  ? 1.491   -1.817  -9.615  1.00 7.83  ? 98  HIS A C   1 
ATOM   789  O O   . HIS A 1 98  ? 1.500   -1.892  -8.364  1.00 7.96  ? 98  HIS A O   1 
ATOM   790  C CB  . HIS A 1 98  ? -0.721  -1.430  -10.662 1.00 7.99  ? 98  HIS A CB  1 
ATOM   791  C CG  . HIS A 1 98  ? -0.438  -0.553  -11.835 1.00 9.27  ? 98  HIS A CG  1 
ATOM   792  N ND1 . HIS A 1 98  ? 0.307   0.604   -11.743 1.00 9.52  ? 98  HIS A ND1 1 
ATOM   793  C CD2 . HIS A 1 98  ? -0.784  -0.667  -13.132 1.00 9.20  ? 98  HIS A CD2 1 
ATOM   794  C CE1 . HIS A 1 98  ? 0.410   1.157   -12.930 1.00 10.50 ? 98  HIS A CE1 1 
ATOM   795  N NE2 . HIS A 1 98  ? -0.245  0.404   -13.792 1.00 9.68  ? 98  HIS A NE2 1 
ATOM   796  N N   . ARG A 1 99  ? 2.436   -1.167  -10.312 1.00 8.22  ? 99  ARG A N   1 
ATOM   797  C CA  . ARG A 1 99  ? 3.479   -0.438  -9.584  1.00 7.83  ? 99  ARG A CA  1 
ATOM   798  C C   . ARG A 1 99  ? 2.751   0.762   -8.881  1.00 6.84  ? 99  ARG A C   1 
ATOM   799  O O   . ARG A 1 99  ? 1.661   1.219   -9.346  1.00 7.01  ? 99  ARG A O   1 
ATOM   800  C CB  . ARG A 1 99  ? 4.587   0.092   -10.544 1.00 11.04 ? 99  ARG A CB  1 
ATOM   801  C CG  . ARG A 1 99  ? 4.285   1.369   -11.238 1.00 13.27 ? 99  ARG A CG  1 
ATOM   802  C CD  . ARG A 1 99  ? 5.491   1.892   -12.123 1.00 15.05 ? 99  ARG A CD  1 
ATOM   803  N NE  . ARG A 1 99  ? 5.094   3.149   -12.793 1.00 15.86 ? 99  ARG A NE  1 
ATOM   804  C CZ  . ARG A 1 99  ? 5.201   4.391   -12.283 1.00 18.27 ? 99  ARG A CZ  1 
ATOM   805  N NH1 . ARG A 1 99  ? 5.709   4.635   -11.080 1.00 16.50 ? 99  ARG A NH1 1 
ATOM   806  N NH2 . ARG A 1 99  ? 4.621   5.410   -12.919 1.00 20.77 ? 99  ARG A NH2 1 
ATOM   807  N N   . LEU A 1 100 ? 3.311   1.247   -7.771  1.00 7.06  ? 100 LEU A N   1 
ATOM   808  C CA  . LEU A 1 100 ? 2.717   2.410   -7.089  1.00 7.23  ? 100 LEU A CA  1 
ATOM   809  C C   . LEU A 1 100 ? 2.955   3.640   -7.948  1.00 8.22  ? 100 LEU A C   1 
ATOM   810  O O   . LEU A 1 100 ? 4.102   3.923   -8.347  1.00 8.15  ? 100 LEU A O   1 
ATOM   811  C CB  . LEU A 1 100 ? 3.314   2.618   -5.690  1.00 6.71  ? 100 LEU A CB  1 
ATOM   812  C CG  . LEU A 1 100 ? 3.273   1.334   -4.849  1.00 5.43  ? 100 LEU A CG  1 
ATOM   813  C CD1 . LEU A 1 100 ? 3.949   1.571   -3.474  1.00 4.86  ? 100 LEU A CD1 1 
ATOM   814  C CD2 . LEU A 1 100 ? 1.776   0.800   -4.757  1.00 5.16  ? 100 LEU A CD2 1 
ATOM   815  N N   . THR A 1 101 ? 1.888   4.393   -8.182  1.00 8.56  ? 101 THR A N   1 
ATOM   816  C CA  . THR A 1 101 ? 1.963   5.582   -9.015  1.00 9.57  ? 101 THR A CA  1 
ATOM   817  C C   . THR A 1 101 ? 1.731   6.932   -8.315  1.00 11.93 ? 101 THR A C   1 
ATOM   818  O O   . THR A 1 101 ? 2.674   7.717   -8.100  1.00 15.88 ? 101 THR A O   1 
ATOM   819  C CB  . THR A 1 101 ? 0.970   5.494   -10.247 1.00 10.35 ? 101 THR A CB  1 
ATOM   820  O OG1 . THR A 1 101 ? -0.380  5.319   -9.776  1.00 7.20  ? 101 THR A OG1 1 
ATOM   821  C CG2 . THR A 1 101 ? 1.333   4.365   -11.203 1.00 8.29  ? 101 THR A CG2 1 
ATOM   822  N N   . THR A 1 102 ? 0.523   7.115   -7.809  1.00 10.82 ? 102 THR A N   1 
ATOM   823  C CA  . THR A 1 102 ? 0.098   8.384   -7.247  1.00 11.98 ? 102 THR A CA  1 
ATOM   824  C C   . THR A 1 102 ? -0.496  8.175   -5.818  1.00 9.71  ? 102 THR A C   1 
ATOM   825  O O   . THR A 1 102 ? -1.149  7.180   -5.570  1.00 9.37  ? 102 THR A O   1 
ATOM   826  C CB  . THR A 1 102 ? -0.964  8.978   -8.317  1.00 17.11 ? 102 THR A CB  1 
ATOM   827  O OG1 . THR A 1 102 ? -1.928  9.837   -7.724  1.00 21.53 ? 102 THR A OG1 1 
ATOM   828  C CG2 . THR A 1 102 ? -1.741  7.847   -9.067  1.00 18.40 ? 102 THR A CG2 1 
ATOM   829  N N   . VAL A 1 103 ? -0.177  9.049   -4.887  1.00 9.03  ? 103 VAL A N   1 
ATOM   830  C CA  . VAL A 1 103 ? -0.762  8.966   -3.542  1.00 9.01  ? 103 VAL A CA  1 
ATOM   831  C C   . VAL A 1 103 ? -2.272  9.257   -3.633  1.00 8.73  ? 103 VAL A C   1 
ATOM   832  O O   . VAL A 1 103 ? -2.704  10.239  -4.236  1.00 8.57  ? 103 VAL A O   1 
ATOM   833  C CB  . VAL A 1 103 ? -0.106  9.992   -2.573  1.00 10.26 ? 103 VAL A CB  1 
ATOM   834  C CG1 . VAL A 1 103 ? -0.719  9.958   -1.190  1.00 11.00 ? 103 VAL A CG1 1 
ATOM   835  C CG2 . VAL A 1 103 ? 1.416   9.713   -2.533  1.00 12.69 ? 103 VAL A CG2 1 
ATOM   836  N N   . CYS A 1 104 ? -3.063  8.433   -2.966  1.00 7.71  ? 104 CYS A N   1 
ATOM   837  C CA  . CYS A 1 104 ? -4.496  8.627   -2.972  1.00 8.52  ? 104 CYS A CA  1 
ATOM   838  C C   . CYS A 1 104 ? -4.948  9.977   -2.457  1.00 8.77  ? 104 CYS A C   1 
ATOM   839  O O   . CYS A 1 104 ? -4.524  10.376  -1.382  1.00 9.08  ? 104 CYS A O   1 
ATOM   840  C CB  . CYS A 1 104 ? -5.156  7.595   -2.089  1.00 8.67  ? 104 CYS A CB  1 
ATOM   841  S SG  . CYS A 1 104 ? -6.961  7.455   -2.341  1.00 8.63  ? 104 CYS A SG  1 
ATOM   842  N N   . PRO A 1 105 ? -5.744  10.722  -3.253  1.00 9.37  ? 105 PRO A N   1 
ATOM   843  C CA  . PRO A 1 105 ? -6.249  12.024  -2.799  1.00 10.90 ? 105 PRO A CA  1 
ATOM   844  C C   . PRO A 1 105 ? -7.259  11.744  -1.627  1.00 12.03 ? 105 PRO A C   1 
ATOM   845  O O   . PRO A 1 105 ? -7.980  10.704  -1.671  1.00 10.54 ? 105 PRO A O   1 
ATOM   846  C CB  . PRO A 1 105 ? -7.029  12.529  -4.027  1.00 13.59 ? 105 PRO A CB  1 
ATOM   847  C CG  . PRO A 1 105 ? -6.441  11.813  -5.188  1.00 11.72 ? 105 PRO A CG  1 
ATOM   848  C CD  . PRO A 1 105 ? -6.106  10.451  -4.664  1.00 10.04 ? 105 PRO A CD  1 
HETATM 849  C C1  . 787 B 2 .   ? -3.604  -7.382  3.680   1.00 13.01 ? 300 787 A C1  1 
HETATM 850  C C2  . 787 B 2 .   ? -3.412  -6.440  4.703   1.00 12.33 ? 300 787 A C2  1 
HETATM 851  C C3  . 787 B 2 .   ? -4.272  -6.368  5.830   1.00 12.81 ? 300 787 A C3  1 
HETATM 852  C C4  . 787 B 2 .   ? -5.415  -7.267  5.818   1.00 12.77 ? 300 787 A C4  1 
HETATM 853  C C5  . 787 B 2 .   ? -5.550  -8.300  4.849   1.00 15.43 ? 300 787 A C5  1 
HETATM 854  C C6  . 787 B 2 .   ? -4.666  -8.307  3.713   1.00 13.69 ? 300 787 A C6  1 
HETATM 855  C C7  . 787 B 2 .   ? -6.345  -7.125  6.851   1.00 12.46 ? 300 787 A C7  1 
HETATM 856  P P8  . 787 B 2 .   ? -7.169  -5.562  6.954   1.00 12.98 ? 300 787 A P8  1 
HETATM 857  P P9  . 787 B 2 .   ? -5.839  -7.786  8.525   1.00 14.62 ? 300 787 A P9  1 
HETATM 858  O O11 . 787 B 2 .   ? -6.800  -7.219  9.550   1.00 15.17 ? 300 787 A O11 1 
HETATM 859  O O12 . 787 B 2 .   ? -4.514  -7.247  8.876   1.00 15.54 ? 300 787 A O12 1 
HETATM 860  O O13 . 787 B 2 .   ? -5.826  -9.232  8.441   1.00 17.07 ? 300 787 A O13 1 
HETATM 861  O O14 . 787 B 2 .   ? -8.495  -5.883  7.900   1.00 13.69 ? 300 787 A O14 1 
HETATM 862  O O15 . 787 B 2 .   ? -7.624  -5.184  5.586   1.00 11.14 ? 300 787 A O15 1 
HETATM 863  O O16 . 787 B 2 .   ? -6.418  -4.527  7.588   1.00 10.34 ? 300 787 A O16 1 
HETATM 864  O O   . HOH C 3 .   ? -1.362  4.383   -13.750 1.00 9.59  ? 301 HOH A O   1 
HETATM 865  O O   . HOH C 3 .   ? -2.741  -6.602  -12.206 1.00 11.11 ? 302 HOH A O   1 
HETATM 866  O O   . HOH C 3 .   ? 8.689   -8.104  -4.516  1.00 7.03  ? 303 HOH A O   1 
HETATM 867  O O   . HOH C 3 .   ? -11.586 4.756   8.913   1.00 7.65  ? 304 HOH A O   1 
HETATM 868  O O   . HOH C 3 .   ? -7.119  2.158   -10.517 1.00 11.95 ? 305 HOH A O   1 
HETATM 869  O O   . HOH C 3 .   ? -8.541  3.395   -12.828 1.00 13.05 ? 306 HOH A O   1 
HETATM 870  O O   . HOH C 3 .   ? 6.643   10.836  -0.175  1.00 16.14 ? 307 HOH A O   1 
HETATM 871  O O   . HOH C 3 .   ? -12.448 -5.285  7.604   1.00 11.00 ? 308 HOH A O   1 
HETATM 872  O O   . HOH C 3 .   ? 3.006   -9.770  3.596   1.00 11.00 ? 309 HOH A O   1 
HETATM 873  O O   . HOH C 3 .   ? -11.601 -6.496  10.907  1.00 8.99  ? 310 HOH A O   1 
HETATM 874  O O   . HOH C 3 .   ? 14.551  -9.157  -3.796  1.00 12.85 ? 311 HOH A O   1 
HETATM 875  O O   . HOH C 3 .   ? 14.527  -7.026  -5.453  1.00 10.74 ? 312 HOH A O   1 
HETATM 876  O O   . HOH C 3 .   ? 10.990  5.216   -6.793  1.00 13.03 ? 313 HOH A O   1 
HETATM 877  O O   . HOH C 3 .   ? 10.411  -10.251 -4.706  1.00 11.12 ? 314 HOH A O   1 
HETATM 878  O O   . HOH C 3 .   ? -0.553  -9.434  -8.864  1.00 14.07 ? 315 HOH A O   1 
HETATM 879  O O   . HOH C 3 .   ? -15.830 5.491   -3.365  1.00 16.61 ? 316 HOH A O   1 
HETATM 880  O O   . HOH C 3 .   ? 5.156   6.761   -5.672  1.00 34.64 ? 317 HOH A O   1 
HETATM 881  O O   . HOH C 3 .   ? -12.513 -3.571  -5.147  1.00 21.59 ? 318 HOH A O   1 
HETATM 882  O O   . HOH C 3 .   ? -15.768 -1.274  0.448   1.00 11.53 ? 319 HOH A O   1 
HETATM 883  O O   . HOH C 3 .   ? -15.920 1.429   0.629   1.00 20.36 ? 320 HOH A O   1 
HETATM 884  O O   . HOH C 3 .   ? -6.901  -0.275  9.758   1.00 33.13 ? 321 HOH A O   1 
HETATM 885  O O   . HOH C 3 .   ? 5.496   6.251   -8.785  1.00 26.78 ? 322 HOH A O   1 
HETATM 886  O O   . HOH C 3 .   ? 15.095  3.980   -2.071  1.00 12.71 ? 323 HOH A O   1 
HETATM 887  O O   . HOH C 3 .   ? -7.843  0.840   11.615  1.00 15.99 ? 324 HOH A O   1 
HETATM 888  O O   . HOH C 3 .   ? -5.777  -0.421  13.246  1.00 14.20 ? 325 HOH A O   1 
HETATM 889  O O   . HOH C 3 .   ? -5.487  -5.630  -13.758 1.00 26.28 ? 326 HOH A O   1 
HETATM 890  O O   . HOH C 3 .   ? -12.671 -5.781  0.571   1.00 19.88 ? 327 HOH A O   1 
HETATM 891  O O   . HOH C 3 .   ? 2.438   13.004  -3.016  1.00 28.90 ? 328 HOH A O   1 
HETATM 892  O O   . HOH C 3 .   ? -2.815  -3.237  13.787  1.00 46.42 ? 329 HOH A O   1 
HETATM 893  O O   . HOH C 3 .   ? -15.536 4.701   5.759   1.00 13.59 ? 330 HOH A O   1 
HETATM 894  O O   . HOH C 3 .   ? -10.021 9.735   -3.189  1.00 9.93  ? 331 HOH A O   1 
HETATM 895  O O   . HOH C 3 .   ? -13.921 8.490   -3.247  1.00 15.52 ? 332 HOH A O   1 
HETATM 896  O O   . HOH C 3 .   ? -14.375 -2.808  -7.004  1.00 41.80 ? 333 HOH A O   1 
HETATM 897  O O   . HOH C 3 .   ? 8.431   8.760   0.788   1.00 27.15 ? 334 HOH A O   1 
HETATM 898  O O   . HOH C 3 .   ? 19.409  2.444   4.010   1.00 14.85 ? 335 HOH A O   1 
HETATM 899  O O   . HOH C 3 .   ? -6.391  -6.093  -9.133  1.00 30.07 ? 336 HOH A O   1 
HETATM 900  O O   . HOH C 3 .   ? -3.734  12.754  -0.497  1.00 17.43 ? 337 HOH A O   1 
HETATM 901  O O   . HOH C 3 .   ? 3.252   1.160   -14.629 1.00 22.85 ? 338 HOH A O   1 
HETATM 902  O O   . HOH C 3 .   ? 2.442   -11.345 5.791   1.00 20.19 ? 339 HOH A O   1 
HETATM 903  O O   . HOH C 3 .   ? -9.224  -6.800  -2.247  1.00 17.22 ? 340 HOH A O   1 
HETATM 904  O O   . HOH C 3 .   ? -9.394  12.595  -7.417  1.00 31.71 ? 341 HOH A O   1 
HETATM 905  O O   . HOH C 3 .   ? 9.470   6.905   -0.686  1.00 16.62 ? 342 HOH A O   1 
HETATM 906  O O   . HOH C 3 .   ? 1.450   11.311  -5.661  1.00 29.16 ? 343 HOH A O   1 
HETATM 907  O O   . HOH C 3 .   ? -16.078 8.369   -8.478  1.00 26.39 ? 344 HOH A O   1 
HETATM 908  O O   . HOH C 3 .   ? -9.829  -6.471  -6.193  1.00 18.76 ? 345 HOH A O   1 
HETATM 909  O O   . HOH C 3 .   ? 0.117   13.908  -1.701  1.00 40.58 ? 346 HOH A O   1 
HETATM 910  O O   . HOH C 3 .   ? -2.155  12.980  1.720   1.00 24.41 ? 347 HOH A O   1 
HETATM 911  O O   . HOH C 3 .   ? -8.447  -6.616  -21.547 1.00 25.65 ? 348 HOH A O   1 
HETATM 912  O O   . HOH C 3 .   ? 13.749  5.833   -0.220  1.00 29.49 ? 349 HOH A O   1 
HETATM 913  O O   . HOH C 3 .   ? -2.580  13.235  -3.262  1.00 28.84 ? 350 HOH A O   1 
HETATM 914  O O   . HOH C 3 .   ? -12.416 -9.011  -19.807 1.00 22.94 ? 351 HOH A O   1 
HETATM 915  O O   . HOH C 3 .   ? 1.108   -10.284 -4.328  1.00 40.92 ? 352 HOH A O   1 
HETATM 916  O O   . HOH C 3 .   ? 16.589  4.010   6.276   1.00 30.43 ? 353 HOH A O   1 
HETATM 917  O O   . HOH C 3 .   ? 12.732  -15.759 3.119   1.00 49.50 ? 354 HOH A O   1 
HETATM 918  O O   . HOH C 3 .   ? -1.725  9.590   9.344   1.00 36.57 ? 355 HOH A O   1 
HETATM 919  O O   . HOH C 3 .   ? 0.797   -1.669  -15.572 1.00 19.32 ? 356 HOH A O   1 
HETATM 920  O O   . HOH C 3 .   ? -10.097 6.846   12.129  1.00 41.55 ? 357 HOH A O   1 
HETATM 921  O O   . HOH C 3 .   ? -16.108 8.161   -5.319  1.00 41.80 ? 358 HOH A O   1 
HETATM 922  O O   . HOH C 3 .   ? 4.016   -10.173 -3.435  1.00 34.38 ? 359 HOH A O   1 
HETATM 923  O O   . HOH C 3 .   ? 15.530  -12.228 2.697   1.00 22.35 ? 360 HOH A O   1 
HETATM 924  O O   . HOH C 3 .   ? -18.117 6.393   -2.306  1.00 37.41 ? 361 HOH A O   1 
HETATM 925  O O   . HOH C 3 .   ? 16.883  -12.031 -1.225  1.00 35.89 ? 362 HOH A O   1 
HETATM 926  O O   . HOH C 3 .   ? 14.581  2.894   9.293   1.00 49.79 ? 363 HOH A O   1 
HETATM 927  O O   . HOH C 3 .   ? -9.722  10.292  -5.899  1.00 18.12 ? 364 HOH A O   1 
HETATM 928  O O   . HOH C 3 .   ? -0.870  15.243  0.570   1.00 31.62 ? 365 HOH A O   1 
HETATM 929  O O   . HOH C 3 .   ? -9.773  9.211   5.575   1.00 29.59 ? 366 HOH A O   1 
HETATM 930  O O   . HOH C 3 .   ? -9.662  14.082  -1.620  1.00 19.71 ? 367 HOH A O   1 
HETATM 931  O O   . HOH C 3 .   ? -4.390  1.028   16.383  1.00 16.05 ? 368 HOH A O   1 
HETATM 932  O O   . HOH C 3 .   ? -5.857  15.021  -0.163  1.00 42.70 ? 369 HOH A O   1 
HETATM 933  O O   . HOH C 3 .   ? -3.860  11.551  5.687   1.00 33.70 ? 370 HOH A O   1 
HETATM 934  O O   . HOH C 3 .   ? -17.620 4.133   4.031   1.00 17.62 ? 371 HOH A O   1 
HETATM 935  O O   . HOH C 3 .   ? -9.036  -10.080 10.348  1.00 31.75 ? 372 HOH A O   1 
HETATM 936  O O   . HOH C 3 .   ? -8.345  -7.498  -9.453  1.00 40.78 ? 373 HOH A O   1 
HETATM 937  O O   . HOH C 3 .   ? -8.489  -1.174  -20.240 1.00 32.98 ? 374 HOH A O   1 
HETATM 938  O O   . HOH C 3 .   ? -3.210  4.529   16.309  1.00 26.54 ? 375 HOH A O   1 
HETATM 939  O O   . HOH C 3 .   ? -3.281  -10.754 -5.075  1.00 22.41 ? 376 HOH A O   1 
HETATM 940  O O   . HOH C 3 .   ? -15.046 10.985  -9.356  1.00 43.05 ? 377 HOH A O   1 
HETATM 941  O O   . HOH C 3 .   ? 14.251  -18.676 -0.229  1.00 33.50 ? 378 HOH A O   1 
HETATM 942  O O   . HOH C 3 .   ? 15.747  -8.575  0.766   1.00 8.06  ? 379 HOH A O   1 
HETATM 943  O O   . HOH C 3 .   ? -6.125  -11.252 -5.042  1.00 16.14 ? 380 HOH A O   1 
HETATM 944  O O   . HOH C 3 .   ? -2.427  -8.733  -6.547  1.00 13.87 ? 381 HOH A O   1 
HETATM 945  O O   . HOH C 3 .   ? 11.021  -6.138  -11.433 1.00 15.65 ? 382 HOH A O   1 
HETATM 946  O O   . HOH C 3 .   ? -11.086 5.075   -13.442 1.00 16.85 ? 383 HOH A O   1 
HETATM 947  O O   . HOH C 3 .   ? -7.745  14.217  1.385   1.00 27.24 ? 384 HOH A O   1 
HETATM 948  O O   . HOH C 3 .   ? -6.352  10.694  -8.260  1.00 32.83 ? 385 HOH A O   1 
HETATM 949  O O   . HOH C 3 .   ? -7.779  -10.449 3.904   1.00 43.07 ? 386 HOH A O   1 
HETATM 950  O O   . HOH C 3 .   ? -17.176 8.874   -1.002  1.00 22.79 ? 387 HOH A O   1 
HETATM 951  O O   . HOH C 3 .   ? -0.659  -9.533  1.864   1.00 23.89 ? 388 HOH A O   1 
HETATM 952  O O   . HOH C 3 .   ? -1.181  0.981   -16.333 1.00 19.39 ? 389 HOH A O   1 
HETATM 953  O O   . HOH C 3 .   ? -3.767  7.443   12.721  1.00 21.61 ? 390 HOH A O   1 
HETATM 954  O O   . HOH C 3 .   ? -0.426  4.676   12.819  1.00 14.91 ? 391 HOH A O   1 
HETATM 955  O O   . HOH C 3 .   ? -10.456 4.878   15.481  1.00 21.38 ? 392 HOH A O   1 
HETATM 956  O O   . HOH C 3 .   ? -14.690 1.186   -13.229 1.00 18.73 ? 393 HOH A O   1 
HETATM 957  O O   . HOH C 3 .   ? 16.504  -2.818  0.698   1.00 6.05  ? 394 HOH A O   1 
HETATM 958  O O   . HOH C 3 .   ? -12.295 10.651  -2.509  1.00 27.46 ? 395 HOH A O   1 
HETATM 959  O O   . HOH C 3 .   ? -6.730  11.272  -12.699 1.00 11.83 ? 396 HOH A O   1 
HETATM 960  O O   . HOH C 3 .   ? -7.998  -5.037  -12.119 1.00 26.88 ? 397 HOH A O   1 
HETATM 961  O O   . HOH C 3 .   ? -7.976  -4.537  -19.307 1.00 36.86 ? 398 HOH A O   1 
HETATM 962  O O   . HOH C 3 .   ? -6.920  -7.754  -1.413  1.00 12.71 ? 399 HOH A O   1 
HETATM 963  O O   . HOH C 3 .   ? 8.577   -7.073  0.068   1.00 5.72  ? 400 HOH A O   1 
HETATM 964  O O   . HOH C 3 .   ? 10.192  3.450   8.144   1.00 14.66 ? 401 HOH A O   1 
HETATM 965  O O   . HOH C 3 .   ? 17.583  3.096   -0.974  1.00 13.13 ? 402 HOH A O   1 
HETATM 966  O O   . HOH C 3 .   ? 2.093   -8.674  -10.231 1.00 6.55  ? 403 HOH A O   1 
HETATM 967  O O   . HOH C 3 .   ? -6.052  9.339   7.652   1.00 27.67 ? 404 HOH A O   1 
HETATM 968  O O   . HOH C 3 .   ? -17.730 3.173   1.397   1.00 23.85 ? 405 HOH A O   1 
HETATM 969  O O   . HOH C 3 .   ? -13.874 14.092  -12.871 1.00 37.57 ? 406 HOH A O   1 
HETATM 970  O O   . HOH C 3 .   ? 4.773   -6.516  11.381  1.00 21.56 ? 407 HOH A O   1 
HETATM 971  O O   . HOH C 3 .   ? -16.250 -2.117  -11.478 1.00 57.83 ? 408 HOH A O   1 
HETATM 972  O O   . HOH C 3 .   ? -1.577  -11.059 -3.035  1.00 70.71 ? 409 HOH A O   1 
HETATM 973  O O   . HOH C 3 .   ? -4.672  -11.394 6.790   1.00 40.09 ? 410 HOH A O   1 
HETATM 974  O O   . HOH C 3 .   ? 16.566  -0.566  2.342   1.00 7.88  ? 411 HOH A O   1 
HETATM 975  O O   . HOH C 3 .   ? -0.112  -0.477  -18.286 1.00 22.75 ? 412 HOH A O   1 
HETATM 976  O O   . HOH C 3 .   ? -12.140 11.909  2.351   1.00 35.48 ? 413 HOH A O   1 
HETATM 977  O O   . HOH C 3 .   ? -2.800  -3.623  -13.641 1.00 20.52 ? 414 HOH A O   1 
HETATM 978  O O   . HOH C 3 .   ? -12.450 -5.044  -3.136  1.00 39.62 ? 415 HOH A O   1 
HETATM 979  O O   . HOH C 3 .   ? 12.991  6.950   6.891   1.00 35.27 ? 416 HOH A O   1 
HETATM 980  O O   . HOH C 3 .   ? -4.428  -4.780  15.932  1.00 48.00 ? 417 HOH A O   1 
HETATM 981  O O   . HOH C 3 .   ? 1.993   0.631   -17.347 1.00 57.41 ? 418 HOH A O   1 
HETATM 982  O O   . HOH C 3 .   ? -8.768  -11.263 13.266  1.00 29.89 ? 419 HOH A O   1 
HETATM 983  O O   . HOH C 3 .   ? 12.659  -7.134  -13.198 1.00 22.21 ? 420 HOH A O   1 
HETATM 984  O O   . HOH C 3 .   ? -12.248 -6.894  -5.820  1.00 36.30 ? 421 HOH A O   1 
HETATM 985  O O   . HOH C 3 .   ? -6.674  8.308   15.139  1.00 47.11 ? 422 HOH A O   1 
HETATM 986  O O   . HOH C 3 .   ? -9.715  8.008   15.483  1.00 35.19 ? 423 HOH A O   1 
HETATM 987  O O   . HOH C 3 .   ? -17.006 1.024   -7.648  1.00 61.88 ? 424 HOH A O   1 
HETATM 988  O O   . HOH C 3 .   ? 2.244   -12.754 -4.299  1.00 57.23 ? 425 HOH A O   1 
HETATM 989  O O   . HOH C 3 .   ? -1.694  12.108  4.837   1.00 41.30 ? 426 HOH A O   1 
HETATM 990  O O   . HOH C 3 .   ? -12.013 9.178   12.316  1.00 55.67 ? 427 HOH A O   1 
HETATM 991  O O   . HOH C 3 .   ? -13.439 11.808  12.517  1.00 67.86 ? 428 HOH A O   1 
HETATM 992  O O   . HOH C 3 .   ? -8.708  11.354  3.921   1.00 90.79 ? 429 HOH A O   1 
HETATM 993  O O   . HOH C 3 .   ? -3.535  -1.411  16.892  1.00 46.60 ? 430 HOH A O   1 
HETATM 994  O O   . HOH C 3 .   ? -19.510 4.712   -0.143  1.00 33.97 ? 431 HOH A O   1 
HETATM 995  O O   . HOH C 3 .   ? -15.419 -5.455  -0.622  1.00 30.63 ? 432 HOH A O   1 
HETATM 996  O O   . HOH C 3 .   ? -18.524 11.074  -6.888  1.00 60.98 ? 433 HOH A O   1 
HETATM 997  O O   . HOH C 3 .   ? -15.049 11.383  -11.994 1.00 55.34 ? 434 HOH A O   1 
HETATM 998  O O   . HOH C 3 .   ? -9.642  -9.019  -4.344  1.00 34.20 ? 435 HOH A O   1 
HETATM 999  O O   . HOH C 3 .   ? -5.872  -9.935  -2.063  1.00 30.50 ? 436 HOH A O   1 
HETATM 1000 O O   . HOH C 3 .   ? 12.254  3.556   9.711   1.00 44.73 ? 437 HOH A O   1 
HETATM 1001 O O   . HOH C 3 .   ? 14.389  6.119   4.500   1.00 48.47 ? 438 HOH A O   1 
HETATM 1002 O O   . HOH C 3 .   ? -2.241  11.209  -10.343 1.00 60.27 ? 439 HOH A O   1 
HETATM 1003 O O   . HOH C 3 .   ? 1.600   10.315  -9.331  1.00 56.72 ? 440 HOH A O   1 
HETATM 1004 O O   . HOH C 3 .   ? -11.424 -7.464  -1.117  1.00 27.44 ? 441 HOH A O   1 
HETATM 1005 O O   . HOH C 3 .   ? -8.046  -10.514 8.067   1.00 40.26 ? 442 HOH A O   1 
HETATM 1006 O O   . HOH C 3 .   ? 4.261   1.283   15.996  1.00 47.86 ? 443 HOH A O   1 
HETATM 1007 O O   . HOH C 3 .   ? 6.071   -9.027  -4.925  1.00 10.97 ? 444 HOH A O   1 
HETATM 1008 O O   . HOH C 3 .   ? -9.774  -10.456 1.809   1.00 35.64 ? 445 HOH A O   1 
HETATM 1009 O O   . HOH C 3 .   ? -6.350  -9.203  0.954   1.00 44.94 ? 446 HOH A O   1 
HETATM 1010 O O   . HOH C 3 .   ? -8.688  -11.778 -2.918  1.00 40.89 ? 447 HOH A O   1 
HETATM 1011 O O   . HOH C 3 .   ? -4.992  -10.864 11.211  1.00 42.16 ? 448 HOH A O   1 
HETATM 1012 O O   . HOH C 3 .   ? -10.503 -6.398  -23.273 1.00 37.87 ? 449 HOH A O   1 
HETATM 1013 O O   . HOH C 3 .   ? -1.633  -1.676  -19.934 1.00 40.92 ? 450 HOH A O   1 
HETATM 1014 O O   . HOH C 3 .   ? 3.749   3.238   -16.276 1.00 35.64 ? 451 HOH A O   1 
HETATM 1015 O O   . HOH C 3 .   ? -15.708 0.204   -9.714  1.00 41.08 ? 452 HOH A O   1 
HETATM 1016 O O   . HOH C 3 .   ? -2.046  -10.162 15.334  1.00 44.76 ? 453 HOH A O   1 
HETATM 1017 O O   . HOH C 3 .   ? -20.730 3.527   3.702   1.00 45.68 ? 454 HOH A O   1 
HETATM 1018 O O   . HOH C 3 .   ? -10.323 -7.549  -18.656 1.00 46.33 ? 455 HOH A O   1 
HETATM 1019 O O   . HOH C 3 .   ? -2.188  -9.625  -0.436  1.00 32.54 ? 456 HOH A O   1 
HETATM 1020 O O   . HOH C 3 .   ? -11.245 -10.206 -0.215  1.00 44.91 ? 457 HOH A O   1 
HETATM 1021 O O   . HOH C 3 .   ? 1.385   3.638   -15.548 1.00 42.17 ? 458 HOH A O   1 
HETATM 1022 O O   . HOH C 3 .   ? -3.781  -8.797  -2.329  1.00 42.04 ? 459 HOH A O   1 
HETATM 1023 O O   . HOH C 3 .   ? 15.948  -18.530 -2.449  1.00 45.92 ? 460 HOH A O   1 
HETATM 1024 O O   . HOH C 3 .   ? -15.545 3.716   -9.003  1.00 52.21 ? 461 HOH A O   1 
HETATM 1025 O O   . HOH C 3 .   ? 1.971   -10.323 10.509  1.00 48.58 ? 462 HOH A O   1 
HETATM 1026 O O   . HOH C 3 .   ? 7.350   -5.070  14.721  1.00 43.83 ? 463 HOH A O   1 
HETATM 1027 O O   . HOH C 3 .   ? 7.150   10.657  11.536  1.00 47.13 ? 464 HOH A O   1 
HETATM 1028 O O   . HOH C 3 .   ? -1.011  7.618   12.929  1.00 35.93 ? 465 HOH A O   1 
HETATM 1029 O O   . HOH C 3 .   ? -17.250 2.454   -2.005  1.00 46.78 ? 466 HOH A O   1 
HETATM 1030 O O   . HOH C 3 .   ? -14.754 -5.050  -9.191  1.00 37.84 ? 467 HOH A O   1 
HETATM 1031 O O   . HOH C 3 .   ? 11.154  10.688  4.361   1.00 45.36 ? 468 HOH A O   1 
HETATM 1032 O O   . HOH C 3 .   ? -13.595 -2.878  -3.090  1.00 39.84 ? 469 HOH A O   1 
HETATM 1033 O O   . HOH C 3 .   ? -10.862 12.957  0.119   1.00 33.65 ? 470 HOH A O   1 
HETATM 1034 O O   . HOH C 3 .   ? -13.407 11.848  0.236   1.00 33.27 ? 471 HOH A O   1 
HETATM 1035 O O   . HOH C 3 .   ? 3.290   -8.716  11.994  1.00 46.98 ? 472 HOH A O   1 
# 
loop_
_pdbx_poly_seq_scheme.asym_id 
_pdbx_poly_seq_scheme.entity_id 
_pdbx_poly_seq_scheme.seq_id 
_pdbx_poly_seq_scheme.mon_id 
_pdbx_poly_seq_scheme.ndb_seq_num 
_pdbx_poly_seq_scheme.pdb_seq_num 
_pdbx_poly_seq_scheme.auth_seq_num 
_pdbx_poly_seq_scheme.pdb_mon_id 
_pdbx_poly_seq_scheme.auth_mon_id 
_pdbx_poly_seq_scheme.pdb_strand_id 
_pdbx_poly_seq_scheme.pdb_ins_code 
_pdbx_poly_seq_scheme.hetero 
A 1 1   SER 1   1   1   SER SER A . n 
A 1 2   ILE 2   2   2   ILE ILE A . n 
A 1 3   GLN 3   3   3   GLN GLN A . n 
A 1 4   ALA 4   4   4   ALA ALA A . n 
A 1 5   GLU 5   5   5   GLU GLU A . n 
A 1 6   GLU 6   6   6   GLU GLU A . n 
A 1 7   TRP 7   7   7   TRP TRP A . n 
A 1 8   TYR 8   8   8   TYR TYR A . n 
A 1 9   PHE 9   9   9   PHE PHE A . n 
A 1 10  GLY 10  10  10  GLY GLY A . n 
A 1 11  LYS 11  11  11  LYS LYS A . n 
A 1 12  ILE 12  12  12  ILE ILE A . n 
A 1 13  THR 13  13  13  THR THR A . n 
A 1 14  ARG 14  14  14  ARG ARG A . n 
A 1 15  ARG 15  15  15  ARG ARG A . n 
A 1 16  GLU 16  16  16  GLU GLU A . n 
A 1 17  SER 17  17  17  SER SER A . n 
A 1 18  GLU 18  18  18  GLU GLU A . n 
A 1 19  ARG 19  19  19  ARG ARG A . n 
A 1 20  LEU 20  20  20  LEU LEU A . n 
A 1 21  LEU 21  21  21  LEU LEU A . n 
A 1 22  LEU 22  22  22  LEU LEU A . n 
A 1 23  ASN 23  23  23  ASN ASN A . n 
A 1 24  ALA 24  24  24  ALA ALA A . n 
A 1 25  GLU 25  25  25  GLU GLU A . n 
A 1 26  ASN 26  26  26  ASN ASN A . n 
A 1 27  PRO 27  27  27  PRO PRO A . n 
A 1 28  ARG 28  28  28  ARG ARG A . n 
A 1 29  GLY 29  29  29  GLY GLY A . n 
A 1 30  THR 30  30  30  THR THR A . n 
A 1 31  PHE 31  31  31  PHE PHE A . n 
A 1 32  LEU 32  32  32  LEU LEU A . n 
A 1 33  VAL 33  33  33  VAL VAL A . n 
A 1 34  ARG 34  34  34  ARG ARG A . n 
A 1 35  GLU 35  35  35  GLU GLU A . n 
A 1 36  SER 36  36  36  SER SER A . n 
A 1 37  GLU 37  37  37  GLU GLU A . n 
A 1 38  THR 38  38  38  THR THR A . n 
A 1 39  THR 39  39  39  THR THR A . n 
A 1 40  LYS 40  40  40  LYS LYS A . n 
A 1 41  GLY 41  41  41  GLY GLY A . n 
A 1 42  ALA 42  42  42  ALA ALA A . n 
A 1 43  TYR 43  43  43  TYR TYR A . n 
A 1 44  CYS 44  44  44  CYS CYS A . n 
A 1 45  LEU 45  45  45  LEU LEU A . n 
A 1 46  SER 46  46  46  SER SER A . n 
A 1 47  VAL 47  47  47  VAL VAL A . n 
A 1 48  SER 48  48  48  SER SER A . n 
A 1 49  ASP 49  49  49  ASP ASP A . n 
A 1 50  PHE 50  50  50  PHE PHE A . n 
A 1 51  ASP 51  51  51  ASP ASP A . n 
A 1 52  ASN 52  52  52  ASN ASN A . n 
A 1 53  ALA 53  53  53  ALA ALA A . n 
A 1 54  LYS 54  54  54  LYS LYS A . n 
A 1 55  GLY 55  55  55  GLY GLY A . n 
A 1 56  LEU 56  56  56  LEU LEU A . n 
A 1 57  ASN 57  57  57  ASN ASN A . n 
A 1 58  VAL 58  58  58  VAL VAL A . n 
A 1 59  LYS 59  59  59  LYS LYS A . n 
A 1 60  HIS 60  60  60  HIS HIS A . n 
A 1 61  TYR 61  61  61  TYR TYR A . n 
A 1 62  LYS 62  62  62  LYS LYS A . n 
A 1 63  ILE 63  63  63  ILE ILE A . n 
A 1 64  ARG 64  64  64  ARG ARG A . n 
A 1 65  LYS 65  65  65  LYS LYS A . n 
A 1 66  LEU 66  66  66  LEU LEU A . n 
A 1 67  ASP 67  67  67  ASP ASP A . n 
A 1 68  SER 68  68  68  SER SER A . n 
A 1 69  GLY 69  69  69  GLY GLY A . n 
A 1 70  GLY 70  70  70  GLY GLY A . n 
A 1 71  PHE 71  71  71  PHE PHE A . n 
A 1 72  TYR 72  72  72  TYR TYR A . n 
A 1 73  ILE 73  73  73  ILE ILE A . n 
A 1 74  THR 74  74  74  THR THR A . n 
A 1 75  SER 75  75  75  SER SER A . n 
A 1 76  ARG 76  76  76  ARG ARG A . n 
A 1 77  THR 77  77  77  THR THR A . n 
A 1 78  GLN 78  78  78  GLN GLN A . n 
A 1 79  PHE 79  79  79  PHE PHE A . n 
A 1 80  ASN 80  80  80  ASN ASN A . n 
A 1 81  SER 81  81  81  SER SER A . n 
A 1 82  LEU 82  82  82  LEU LEU A . n 
A 1 83  GLN 83  83  83  GLN GLN A . n 
A 1 84  GLN 84  84  84  GLN GLN A . n 
A 1 85  LEU 85  85  85  LEU LEU A . n 
A 1 86  VAL 86  86  86  VAL VAL A . n 
A 1 87  ALA 87  87  87  ALA ALA A . n 
A 1 88  TYR 88  88  88  TYR TYR A . n 
A 1 89  TYR 89  89  89  TYR TYR A . n 
A 1 90  SER 90  90  90  SER SER A . n 
A 1 91  LYS 91  91  91  LYS LYS A . n 
A 1 92  HIS 92  92  92  HIS HIS A . n 
A 1 93  ALA 93  93  93  ALA ALA A . n 
A 1 94  ASP 94  94  94  ASP ASP A . n 
A 1 95  GLY 95  95  95  GLY GLY A . n 
A 1 96  LEU 96  96  96  LEU LEU A . n 
A 1 97  CYS 97  97  97  CYS CYS A . n 
A 1 98  HIS 98  98  98  HIS HIS A . n 
A 1 99  ARG 99  99  99  ARG ARG A . n 
A 1 100 LEU 100 100 100 LEU LEU A . n 
A 1 101 THR 101 101 101 THR THR A . n 
A 1 102 THR 102 102 102 THR THR A . n 
A 1 103 VAL 103 103 103 VAL VAL A . n 
A 1 104 CYS 104 104 104 CYS CYS A . n 
A 1 105 PRO 105 105 105 PRO PRO A . n 
A 1 106 THR 106 106 ?   ?   ?   A . n 
A 1 107 SER 107 107 ?   ?   ?   A . n 
A 1 108 LYS 108 108 ?   ?   ?   A . n 
# 
loop_
_pdbx_nonpoly_scheme.asym_id 
_pdbx_nonpoly_scheme.entity_id 
_pdbx_nonpoly_scheme.mon_id 
_pdbx_nonpoly_scheme.ndb_seq_num 
_pdbx_nonpoly_scheme.pdb_seq_num 
_pdbx_nonpoly_scheme.auth_seq_num 
_pdbx_nonpoly_scheme.pdb_mon_id 
_pdbx_nonpoly_scheme.auth_mon_id 
_pdbx_nonpoly_scheme.pdb_strand_id 
_pdbx_nonpoly_scheme.pdb_ins_code 
B 2 787 1   300 200 787 INH A . 
C 3 HOH 1   301 1   HOH HOH A . 
C 3 HOH 2   302 2   HOH HOH A . 
C 3 HOH 3   303 3   HOH HOH A . 
C 3 HOH 4   304 4   HOH HOH A . 
C 3 HOH 5   305 5   HOH HOH A . 
C 3 HOH 6   306 6   HOH HOH A . 
C 3 HOH 7   307 7   HOH HOH A . 
C 3 HOH 8   308 8   HOH HOH A . 
C 3 HOH 9   309 9   HOH HOH A . 
C 3 HOH 10  310 10  HOH HOH A . 
C 3 HOH 11  311 11  HOH HOH A . 
C 3 HOH 12  312 12  HOH HOH A . 
C 3 HOH 13  313 13  HOH HOH A . 
C 3 HOH 14  314 14  HOH HOH A . 
C 3 HOH 15  315 15  HOH HOH A . 
C 3 HOH 16  316 16  HOH HOH A . 
C 3 HOH 17  317 17  HOH HOH A . 
C 3 HOH 18  318 18  HOH HOH A . 
C 3 HOH 19  319 19  HOH HOH A . 
C 3 HOH 20  320 20  HOH HOH A . 
C 3 HOH 21  321 21  HOH HOH A . 
C 3 HOH 22  322 22  HOH HOH A . 
C 3 HOH 23  323 23  HOH HOH A . 
C 3 HOH 24  324 24  HOH HOH A . 
C 3 HOH 25  325 25  HOH HOH A . 
C 3 HOH 26  326 26  HOH HOH A . 
C 3 HOH 27  327 27  HOH HOH A . 
C 3 HOH 28  328 28  HOH HOH A . 
C 3 HOH 29  329 29  HOH HOH A . 
C 3 HOH 30  330 30  HOH HOH A . 
C 3 HOH 31  331 31  HOH HOH A . 
C 3 HOH 32  332 32  HOH HOH A . 
C 3 HOH 33  333 33  HOH HOH A . 
C 3 HOH 34  334 34  HOH HOH A . 
C 3 HOH 35  335 36  HOH HOH A . 
C 3 HOH 36  336 37  HOH HOH A . 
C 3 HOH 37  337 38  HOH HOH A . 
C 3 HOH 38  338 39  HOH HOH A . 
C 3 HOH 39  339 40  HOH HOH A . 
C 3 HOH 40  340 41  HOH HOH A . 
C 3 HOH 41  341 42  HOH HOH A . 
C 3 HOH 42  342 43  HOH HOH A . 
C 3 HOH 43  343 45  HOH HOH A . 
C 3 HOH 44  344 46  HOH HOH A . 
C 3 HOH 45  345 47  HOH HOH A . 
C 3 HOH 46  346 48  HOH HOH A . 
C 3 HOH 47  347 49  HOH HOH A . 
C 3 HOH 48  348 50  HOH HOH A . 
C 3 HOH 49  349 52  HOH HOH A . 
C 3 HOH 50  350 54  HOH HOH A . 
C 3 HOH 51  351 55  HOH HOH A . 
C 3 HOH 52  352 56  HOH HOH A . 
C 3 HOH 53  353 57  HOH HOH A . 
C 3 HOH 54  354 58  HOH HOH A . 
C 3 HOH 55  355 59  HOH HOH A . 
C 3 HOH 56  356 60  HOH HOH A . 
C 3 HOH 57  357 62  HOH HOH A . 
C 3 HOH 58  358 64  HOH HOH A . 
C 3 HOH 59  359 65  HOH HOH A . 
C 3 HOH 60  360 66  HOH HOH A . 
C 3 HOH 61  361 67  HOH HOH A . 
C 3 HOH 62  362 68  HOH HOH A . 
C 3 HOH 63  363 69  HOH HOH A . 
C 3 HOH 64  364 70  HOH HOH A . 
C 3 HOH 65  365 71  HOH HOH A . 
C 3 HOH 66  366 72  HOH HOH A . 
C 3 HOH 67  367 73  HOH HOH A . 
C 3 HOH 68  368 74  HOH HOH A . 
C 3 HOH 69  369 76  HOH HOH A . 
C 3 HOH 70  370 77  HOH HOH A . 
C 3 HOH 71  371 78  HOH HOH A . 
C 3 HOH 72  372 79  HOH HOH A . 
C 3 HOH 73  373 80  HOH HOH A . 
C 3 HOH 74  374 81  HOH HOH A . 
C 3 HOH 75  375 82  HOH HOH A . 
C 3 HOH 76  376 84  HOH HOH A . 
C 3 HOH 77  377 85  HOH HOH A . 
C 3 HOH 78  378 86  HOH HOH A . 
C 3 HOH 79  379 89  HOH HOH A . 
C 3 HOH 80  380 91  HOH HOH A . 
C 3 HOH 81  381 92  HOH HOH A . 
C 3 HOH 82  382 93  HOH HOH A . 
C 3 HOH 83  383 94  HOH HOH A . 
C 3 HOH 84  384 95  HOH HOH A . 
C 3 HOH 85  385 96  HOH HOH A . 
C 3 HOH 86  386 97  HOH HOH A . 
C 3 HOH 87  387 98  HOH HOH A . 
C 3 HOH 88  388 99  HOH HOH A . 
C 3 HOH 89  389 100 HOH HOH A . 
C 3 HOH 90  390 101 HOH HOH A . 
C 3 HOH 91  391 102 HOH HOH A . 
C 3 HOH 92  392 103 HOH HOH A . 
C 3 HOH 93  393 104 HOH HOH A . 
C 3 HOH 94  394 105 HOH HOH A . 
C 3 HOH 95  395 106 HOH HOH A . 
C 3 HOH 96  396 107 HOH HOH A . 
C 3 HOH 97  397 108 HOH HOH A . 
C 3 HOH 98  398 109 HOH HOH A . 
C 3 HOH 99  399 110 HOH HOH A . 
C 3 HOH 100 400 111 HOH HOH A . 
C 3 HOH 101 401 112 HOH HOH A . 
C 3 HOH 102 402 113 HOH HOH A . 
C 3 HOH 103 403 114 HOH HOH A . 
C 3 HOH 104 404 116 HOH HOH A . 
C 3 HOH 105 405 118 HOH HOH A . 
C 3 HOH 106 406 120 HOH HOH A . 
C 3 HOH 107 407 123 HOH HOH A . 
C 3 HOH 108 408 124 HOH HOH A . 
C 3 HOH 109 409 126 HOH HOH A . 
C 3 HOH 110 410 127 HOH HOH A . 
C 3 HOH 111 411 128 HOH HOH A . 
C 3 HOH 112 412 132 HOH HOH A . 
C 3 HOH 113 413 133 HOH HOH A . 
C 3 HOH 114 414 134 HOH HOH A . 
C 3 HOH 115 415 136 HOH HOH A . 
C 3 HOH 116 416 137 HOH HOH A . 
C 3 HOH 117 417 141 HOH HOH A . 
C 3 HOH 118 418 149 HOH HOH A . 
C 3 HOH 119 419 150 HOH HOH A . 
C 3 HOH 120 420 151 HOH HOH A . 
C 3 HOH 121 421 152 HOH HOH A . 
C 3 HOH 122 422 153 HOH HOH A . 
C 3 HOH 123 423 154 HOH HOH A . 
C 3 HOH 124 424 155 HOH HOH A . 
C 3 HOH 125 425 157 HOH HOH A . 
C 3 HOH 126 426 160 HOH HOH A . 
C 3 HOH 127 427 162 HOH HOH A . 
C 3 HOH 128 428 163 HOH HOH A . 
C 3 HOH 129 429 164 HOH HOH A . 
C 3 HOH 130 430 167 HOH HOH A . 
C 3 HOH 131 431 170 HOH HOH A . 
C 3 HOH 132 432 172 HOH HOH A . 
C 3 HOH 133 433 174 HOH HOH A . 
C 3 HOH 134 434 175 HOH HOH A . 
C 3 HOH 135 435 178 HOH HOH A . 
C 3 HOH 136 436 179 HOH HOH A . 
C 3 HOH 137 437 181 HOH HOH A . 
C 3 HOH 138 438 182 HOH HOH A . 
C 3 HOH 139 439 184 HOH HOH A . 
C 3 HOH 140 440 185 HOH HOH A . 
C 3 HOH 141 441 186 HOH HOH A . 
C 3 HOH 142 442 187 HOH HOH A . 
C 3 HOH 143 443 189 HOH HOH A . 
C 3 HOH 144 444 201 HOH HOH A . 
C 3 HOH 145 445 202 HOH HOH A . 
C 3 HOH 146 446 203 HOH HOH A . 
C 3 HOH 147 447 204 HOH HOH A . 
C 3 HOH 148 448 205 HOH HOH A . 
C 3 HOH 149 449 206 HOH HOH A . 
C 3 HOH 150 450 207 HOH HOH A . 
C 3 HOH 151 451 208 HOH HOH A . 
C 3 HOH 152 452 209 HOH HOH A . 
C 3 HOH 153 453 210 HOH HOH A . 
C 3 HOH 154 454 211 HOH HOH A . 
C 3 HOH 155 455 212 HOH HOH A . 
C 3 HOH 156 456 213 HOH HOH A . 
C 3 HOH 157 457 214 HOH HOH A . 
C 3 HOH 158 458 215 HOH HOH A . 
C 3 HOH 159 459 216 HOH HOH A . 
C 3 HOH 160 460 217 HOH HOH A . 
C 3 HOH 161 461 218 HOH HOH A . 
C 3 HOH 162 462 219 HOH HOH A . 
C 3 HOH 163 463 220 HOH HOH A . 
C 3 HOH 164 464 221 HOH HOH A . 
C 3 HOH 165 465 222 HOH HOH A . 
C 3 HOH 166 466 223 HOH HOH A . 
C 3 HOH 167 467 224 HOH HOH A . 
C 3 HOH 168 468 225 HOH HOH A . 
C 3 HOH 169 469 226 HOH HOH A . 
C 3 HOH 170 470 227 HOH HOH A . 
C 3 HOH 171 471 228 HOH HOH A . 
C 3 HOH 172 472 229 HOH HOH A . 
# 
_pdbx_struct_assembly.id                   1 
_pdbx_struct_assembly.details              author_defined_assembly 
_pdbx_struct_assembly.method_details       ? 
_pdbx_struct_assembly.oligomeric_details   monomeric 
_pdbx_struct_assembly.oligomeric_count     1 
# 
_pdbx_struct_assembly_gen.assembly_id       1 
_pdbx_struct_assembly_gen.oper_expression   1 
_pdbx_struct_assembly_gen.asym_id_list      A,B,C 
# 
_pdbx_struct_oper_list.id                   1 
_pdbx_struct_oper_list.type                 'identity operation' 
_pdbx_struct_oper_list.name                 1_555 
_pdbx_struct_oper_list.symmetry_operation   x,y,z 
_pdbx_struct_oper_list.matrix[1][1]         1.0000000000 
_pdbx_struct_oper_list.matrix[1][2]         0.0000000000 
_pdbx_struct_oper_list.matrix[1][3]         0.0000000000 
_pdbx_struct_oper_list.vector[1]            0.0000000000 
_pdbx_struct_oper_list.matrix[2][1]         0.0000000000 
_pdbx_struct_oper_list.matrix[2][2]         1.0000000000 
_pdbx_struct_oper_list.matrix[2][3]         0.0000000000 
_pdbx_struct_oper_list.vector[2]            0.0000000000 
_pdbx_struct_oper_list.matrix[3][1]         0.0000000000 
_pdbx_struct_oper_list.matrix[3][2]         0.0000000000 
_pdbx_struct_oper_list.matrix[3][3]         1.0000000000 
_pdbx_struct_oper_list.vector[3]            0.0000000000 
# 
loop_
_pdbx_audit_revision_history.ordinal 
_pdbx_audit_revision_history.data_content_type 
_pdbx_audit_revision_history.major_revision 
_pdbx_audit_revision_history.minor_revision 
_pdbx_audit_revision_history.revision_date 
1 'Structure model' 1 0 2004-02-17 
2 'Structure model' 1 1 2008-04-26 
3 'Structure model' 1 2 2011-07-13 
4 'Structure model' 1 3 2023-08-16 
# 
_pdbx_audit_revision_details.ordinal             1 
_pdbx_audit_revision_details.revision_ordinal    1 
_pdbx_audit_revision_details.data_content_type   'Structure model' 
_pdbx_audit_revision_details.provider            repository 
_pdbx_audit_revision_details.type                'Initial release' 
_pdbx_audit_revision_details.description         ? 
_pdbx_audit_revision_details.details             ? 
# 
loop_
_pdbx_audit_revision_group.ordinal 
_pdbx_audit_revision_group.revision_ordinal 
_pdbx_audit_revision_group.data_content_type 
_pdbx_audit_revision_group.group 
1 2 'Structure model' 'Version format compliance' 
2 3 'Structure model' 'Version format compliance' 
3 4 'Structure model' 'Data collection'           
4 4 'Structure model' 'Database references'       
5 4 'Structure model' 'Derived calculations'      
6 4 'Structure model' 'Refinement description'    
# 
loop_
_pdbx_audit_revision_category.ordinal 
_pdbx_audit_revision_category.revision_ordinal 
_pdbx_audit_revision_category.data_content_type 
_pdbx_audit_revision_category.category 
1 4 'Structure model' chem_comp_atom                
2 4 'Structure model' chem_comp_bond                
3 4 'Structure model' database_2                    
4 4 'Structure model' pdbx_initial_refinement_model 
5 4 'Structure model' struct_site                   
# 
loop_
_pdbx_audit_revision_item.ordinal 
_pdbx_audit_revision_item.revision_ordinal 
_pdbx_audit_revision_item.data_content_type 
_pdbx_audit_revision_item.item 
1 4 'Structure model' '_database_2.pdbx_DOI'                
2 4 'Structure model' '_database_2.pdbx_database_accession' 
3 4 'Structure model' '_struct_site.pdbx_auth_asym_id'      
4 4 'Structure model' '_struct_site.pdbx_auth_comp_id'      
5 4 'Structure model' '_struct_site.pdbx_auth_seq_id'       
# 
loop_
_software.name 
_software.classification 
_software.version 
_software.citation_id 
_software.pdbx_ordinal 
XDS    'data scaling'   .     ? 1 
XDS    'data reduction' .     ? 2 
X-PLOR 'model building' 3.851 ? 3 
X-PLOR refinement       3.851 ? 4 
X-PLOR phasing          3.851 ? 5 
# 
_pdbx_validate_torsion.id              1 
_pdbx_validate_torsion.PDB_model_num   1 
_pdbx_validate_torsion.auth_comp_id    ASP 
_pdbx_validate_torsion.auth_asym_id    A 
_pdbx_validate_torsion.auth_seq_id     94 
_pdbx_validate_torsion.PDB_ins_code    ? 
_pdbx_validate_torsion.label_alt_id    ? 
_pdbx_validate_torsion.phi             48.84 
_pdbx_validate_torsion.psi             -120.88 
# 
loop_
_pdbx_unobs_or_zero_occ_residues.id 
_pdbx_unobs_or_zero_occ_residues.PDB_model_num 
_pdbx_unobs_or_zero_occ_residues.polymer_flag 
_pdbx_unobs_or_zero_occ_residues.occupancy_flag 
_pdbx_unobs_or_zero_occ_residues.auth_asym_id 
_pdbx_unobs_or_zero_occ_residues.auth_comp_id 
_pdbx_unobs_or_zero_occ_residues.auth_seq_id 
_pdbx_unobs_or_zero_occ_residues.PDB_ins_code 
_pdbx_unobs_or_zero_occ_residues.label_asym_id 
_pdbx_unobs_or_zero_occ_residues.label_comp_id 
_pdbx_unobs_or_zero_occ_residues.label_seq_id 
1 1 Y 1 A THR 106 ? A THR 106 
2 1 Y 1 A SER 107 ? A SER 107 
3 1 Y 1 A LYS 108 ? A LYS 108 
# 
loop_
_chem_comp_atom.comp_id 
_chem_comp_atom.atom_id 
_chem_comp_atom.type_symbol 
_chem_comp_atom.pdbx_aromatic_flag 
_chem_comp_atom.pdbx_stereo_config 
_chem_comp_atom.pdbx_ordinal 
787 C1   C Y N 1   
787 C2   C Y N 2   
787 C3   C Y N 3   
787 C4   C Y N 4   
787 C5   C Y N 5   
787 C6   C Y N 6   
787 C7   C N N 7   
787 P8   P N N 8   
787 P9   P N N 9   
787 O11  O N N 10  
787 O12  O N N 11  
787 O13  O N N 12  
787 O14  O N N 13  
787 O15  O N N 14  
787 O16  O N N 15  
787 H1   H N N 16  
787 H2   H N N 17  
787 H3   H N N 18  
787 H5   H N N 19  
787 H6   H N N 20  
787 H7   H N N 21  
787 H11  H N N 22  
787 H12  H N N 23  
787 H14  H N N 24  
787 H16  H N N 25  
ALA N    N N N 26  
ALA CA   C N S 27  
ALA C    C N N 28  
ALA O    O N N 29  
ALA CB   C N N 30  
ALA OXT  O N N 31  
ALA H    H N N 32  
ALA H2   H N N 33  
ALA HA   H N N 34  
ALA HB1  H N N 35  
ALA HB2  H N N 36  
ALA HB3  H N N 37  
ALA HXT  H N N 38  
ARG N    N N N 39  
ARG CA   C N S 40  
ARG C    C N N 41  
ARG O    O N N 42  
ARG CB   C N N 43  
ARG CG   C N N 44  
ARG CD   C N N 45  
ARG NE   N N N 46  
ARG CZ   C N N 47  
ARG NH1  N N N 48  
ARG NH2  N N N 49  
ARG OXT  O N N 50  
ARG H    H N N 51  
ARG H2   H N N 52  
ARG HA   H N N 53  
ARG HB2  H N N 54  
ARG HB3  H N N 55  
ARG HG2  H N N 56  
ARG HG3  H N N 57  
ARG HD2  H N N 58  
ARG HD3  H N N 59  
ARG HE   H N N 60  
ARG HH11 H N N 61  
ARG HH12 H N N 62  
ARG HH21 H N N 63  
ARG HH22 H N N 64  
ARG HXT  H N N 65  
ASN N    N N N 66  
ASN CA   C N S 67  
ASN C    C N N 68  
ASN O    O N N 69  
ASN CB   C N N 70  
ASN CG   C N N 71  
ASN OD1  O N N 72  
ASN ND2  N N N 73  
ASN OXT  O N N 74  
ASN H    H N N 75  
ASN H2   H N N 76  
ASN HA   H N N 77  
ASN HB2  H N N 78  
ASN HB3  H N N 79  
ASN HD21 H N N 80  
ASN HD22 H N N 81  
ASN HXT  H N N 82  
ASP N    N N N 83  
ASP CA   C N S 84  
ASP C    C N N 85  
ASP O    O N N 86  
ASP CB   C N N 87  
ASP CG   C N N 88  
ASP OD1  O N N 89  
ASP OD2  O N N 90  
ASP OXT  O N N 91  
ASP H    H N N 92  
ASP H2   H N N 93  
ASP HA   H N N 94  
ASP HB2  H N N 95  
ASP HB3  H N N 96  
ASP HD2  H N N 97  
ASP HXT  H N N 98  
CYS N    N N N 99  
CYS CA   C N R 100 
CYS C    C N N 101 
CYS O    O N N 102 
CYS CB   C N N 103 
CYS SG   S N N 104 
CYS OXT  O N N 105 
CYS H    H N N 106 
CYS H2   H N N 107 
CYS HA   H N N 108 
CYS HB2  H N N 109 
CYS HB3  H N N 110 
CYS HG   H N N 111 
CYS HXT  H N N 112 
GLN N    N N N 113 
GLN CA   C N S 114 
GLN C    C N N 115 
GLN O    O N N 116 
GLN CB   C N N 117 
GLN CG   C N N 118 
GLN CD   C N N 119 
GLN OE1  O N N 120 
GLN NE2  N N N 121 
GLN OXT  O N N 122 
GLN H    H N N 123 
GLN H2   H N N 124 
GLN HA   H N N 125 
GLN HB2  H N N 126 
GLN HB3  H N N 127 
GLN HG2  H N N 128 
GLN HG3  H N N 129 
GLN HE21 H N N 130 
GLN HE22 H N N 131 
GLN HXT  H N N 132 
GLU N    N N N 133 
GLU CA   C N S 134 
GLU C    C N N 135 
GLU O    O N N 136 
GLU CB   C N N 137 
GLU CG   C N N 138 
GLU CD   C N N 139 
GLU OE1  O N N 140 
GLU OE2  O N N 141 
GLU OXT  O N N 142 
GLU H    H N N 143 
GLU H2   H N N 144 
GLU HA   H N N 145 
GLU HB2  H N N 146 
GLU HB3  H N N 147 
GLU HG2  H N N 148 
GLU HG3  H N N 149 
GLU HE2  H N N 150 
GLU HXT  H N N 151 
GLY N    N N N 152 
GLY CA   C N N 153 
GLY C    C N N 154 
GLY O    O N N 155 
GLY OXT  O N N 156 
GLY H    H N N 157 
GLY H2   H N N 158 
GLY HA2  H N N 159 
GLY HA3  H N N 160 
GLY HXT  H N N 161 
HIS N    N N N 162 
HIS CA   C N S 163 
HIS C    C N N 164 
HIS O    O N N 165 
HIS CB   C N N 166 
HIS CG   C Y N 167 
HIS ND1  N Y N 168 
HIS CD2  C Y N 169 
HIS CE1  C Y N 170 
HIS NE2  N Y N 171 
HIS OXT  O N N 172 
HIS H    H N N 173 
HIS H2   H N N 174 
HIS HA   H N N 175 
HIS HB2  H N N 176 
HIS HB3  H N N 177 
HIS HD1  H N N 178 
HIS HD2  H N N 179 
HIS HE1  H N N 180 
HIS HE2  H N N 181 
HIS HXT  H N N 182 
HOH O    O N N 183 
HOH H1   H N N 184 
HOH H2   H N N 185 
ILE N    N N N 186 
ILE CA   C N S 187 
ILE C    C N N 188 
ILE O    O N N 189 
ILE CB   C N S 190 
ILE CG1  C N N 191 
ILE CG2  C N N 192 
ILE CD1  C N N 193 
ILE OXT  O N N 194 
ILE H    H N N 195 
ILE H2   H N N 196 
ILE HA   H N N 197 
ILE HB   H N N 198 
ILE HG12 H N N 199 
ILE HG13 H N N 200 
ILE HG21 H N N 201 
ILE HG22 H N N 202 
ILE HG23 H N N 203 
ILE HD11 H N N 204 
ILE HD12 H N N 205 
ILE HD13 H N N 206 
ILE HXT  H N N 207 
LEU N    N N N 208 
LEU CA   C N S 209 
LEU C    C N N 210 
LEU O    O N N 211 
LEU CB   C N N 212 
LEU CG   C N N 213 
LEU CD1  C N N 214 
LEU CD2  C N N 215 
LEU OXT  O N N 216 
LEU H    H N N 217 
LEU H2   H N N 218 
LEU HA   H N N 219 
LEU HB2  H N N 220 
LEU HB3  H N N 221 
LEU HG   H N N 222 
LEU HD11 H N N 223 
LEU HD12 H N N 224 
LEU HD13 H N N 225 
LEU HD21 H N N 226 
LEU HD22 H N N 227 
LEU HD23 H N N 228 
LEU HXT  H N N 229 
LYS N    N N N 230 
LYS CA   C N S 231 
LYS C    C N N 232 
LYS O    O N N 233 
LYS CB   C N N 234 
LYS CG   C N N 235 
LYS CD   C N N 236 
LYS CE   C N N 237 
LYS NZ   N N N 238 
LYS OXT  O N N 239 
LYS H    H N N 240 
LYS H2   H N N 241 
LYS HA   H N N 242 
LYS HB2  H N N 243 
LYS HB3  H N N 244 
LYS HG2  H N N 245 
LYS HG3  H N N 246 
LYS HD2  H N N 247 
LYS HD3  H N N 248 
LYS HE2  H N N 249 
LYS HE3  H N N 250 
LYS HZ1  H N N 251 
LYS HZ2  H N N 252 
LYS HZ3  H N N 253 
LYS HXT  H N N 254 
PHE N    N N N 255 
PHE CA   C N S 256 
PHE C    C N N 257 
PHE O    O N N 258 
PHE CB   C N N 259 
PHE CG   C Y N 260 
PHE CD1  C Y N 261 
PHE CD2  C Y N 262 
PHE CE1  C Y N 263 
PHE CE2  C Y N 264 
PHE CZ   C Y N 265 
PHE OXT  O N N 266 
PHE H    H N N 267 
PHE H2   H N N 268 
PHE HA   H N N 269 
PHE HB2  H N N 270 
PHE HB3  H N N 271 
PHE HD1  H N N 272 
PHE HD2  H N N 273 
PHE HE1  H N N 274 
PHE HE2  H N N 275 
PHE HZ   H N N 276 
PHE HXT  H N N 277 
PRO N    N N N 278 
PRO CA   C N S 279 
PRO C    C N N 280 
PRO O    O N N 281 
PRO CB   C N N 282 
PRO CG   C N N 283 
PRO CD   C N N 284 
PRO OXT  O N N 285 
PRO H    H N N 286 
PRO HA   H N N 287 
PRO HB2  H N N 288 
PRO HB3  H N N 289 
PRO HG2  H N N 290 
PRO HG3  H N N 291 
PRO HD2  H N N 292 
PRO HD3  H N N 293 
PRO HXT  H N N 294 
SER N    N N N 295 
SER CA   C N S 296 
SER C    C N N 297 
SER O    O N N 298 
SER CB   C N N 299 
SER OG   O N N 300 
SER OXT  O N N 301 
SER H    H N N 302 
SER H2   H N N 303 
SER HA   H N N 304 
SER HB2  H N N 305 
SER HB3  H N N 306 
SER HG   H N N 307 
SER HXT  H N N 308 
THR N    N N N 309 
THR CA   C N S 310 
THR C    C N N 311 
THR O    O N N 312 
THR CB   C N R 313 
THR OG1  O N N 314 
THR CG2  C N N 315 
THR OXT  O N N 316 
THR H    H N N 317 
THR H2   H N N 318 
THR HA   H N N 319 
THR HB   H N N 320 
THR HG1  H N N 321 
THR HG21 H N N 322 
THR HG22 H N N 323 
THR HG23 H N N 324 
THR HXT  H N N 325 
TRP N    N N N 326 
TRP CA   C N S 327 
TRP C    C N N 328 
TRP O    O N N 329 
TRP CB   C N N 330 
TRP CG   C Y N 331 
TRP CD1  C Y N 332 
TRP CD2  C Y N 333 
TRP NE1  N Y N 334 
TRP CE2  C Y N 335 
TRP CE3  C Y N 336 
TRP CZ2  C Y N 337 
TRP CZ3  C Y N 338 
TRP CH2  C Y N 339 
TRP OXT  O N N 340 
TRP H    H N N 341 
TRP H2   H N N 342 
TRP HA   H N N 343 
TRP HB2  H N N 344 
TRP HB3  H N N 345 
TRP HD1  H N N 346 
TRP HE1  H N N 347 
TRP HE3  H N N 348 
TRP HZ2  H N N 349 
TRP HZ3  H N N 350 
TRP HH2  H N N 351 
TRP HXT  H N N 352 
TYR N    N N N 353 
TYR CA   C N S 354 
TYR C    C N N 355 
TYR O    O N N 356 
TYR CB   C N N 357 
TYR CG   C Y N 358 
TYR CD1  C Y N 359 
TYR CD2  C Y N 360 
TYR CE1  C Y N 361 
TYR CE2  C Y N 362 
TYR CZ   C Y N 363 
TYR OH   O N N 364 
TYR OXT  O N N 365 
TYR H    H N N 366 
TYR H2   H N N 367 
TYR HA   H N N 368 
TYR HB2  H N N 369 
TYR HB3  H N N 370 
TYR HD1  H N N 371 
TYR HD2  H N N 372 
TYR HE1  H N N 373 
TYR HE2  H N N 374 
TYR HH   H N N 375 
TYR HXT  H N N 376 
VAL N    N N N 377 
VAL CA   C N S 378 
VAL C    C N N 379 
VAL O    O N N 380 
VAL CB   C N N 381 
VAL CG1  C N N 382 
VAL CG2  C N N 383 
VAL OXT  O N N 384 
VAL H    H N N 385 
VAL H2   H N N 386 
VAL HA   H N N 387 
VAL HB   H N N 388 
VAL HG11 H N N 389 
VAL HG12 H N N 390 
VAL HG13 H N N 391 
VAL HG21 H N N 392 
VAL HG22 H N N 393 
VAL HG23 H N N 394 
VAL HXT  H N N 395 
# 
loop_
_chem_comp_bond.comp_id 
_chem_comp_bond.atom_id_1 
_chem_comp_bond.atom_id_2 
_chem_comp_bond.value_order 
_chem_comp_bond.pdbx_aromatic_flag 
_chem_comp_bond.pdbx_stereo_config 
_chem_comp_bond.pdbx_ordinal 
787 C1  C2   doub Y N 1   
787 C1  C6   sing Y N 2   
787 C1  H1   sing N N 3   
787 C2  C3   sing Y N 4   
787 C2  H2   sing N N 5   
787 C3  C4   doub Y N 6   
787 C3  H3   sing N N 7   
787 C4  C5   sing Y N 8   
787 C4  C7   sing N N 9   
787 C5  C6   doub Y N 10  
787 C5  H5   sing N N 11  
787 C6  H6   sing N N 12  
787 C7  P8   sing N N 13  
787 C7  P9   sing N N 14  
787 C7  H7   sing N N 15  
787 P8  O14  sing N N 16  
787 P8  O15  doub N N 17  
787 P8  O16  sing N N 18  
787 P9  O11  sing N N 19  
787 P9  O12  sing N N 20  
787 P9  O13  doub N N 21  
787 O11 H11  sing N N 22  
787 O12 H12  sing N N 23  
787 O14 H14  sing N N 24  
787 O16 H16  sing N N 25  
ALA N   CA   sing N N 26  
ALA N   H    sing N N 27  
ALA N   H2   sing N N 28  
ALA CA  C    sing N N 29  
ALA CA  CB   sing N N 30  
ALA CA  HA   sing N N 31  
ALA C   O    doub N N 32  
ALA C   OXT  sing N N 33  
ALA CB  HB1  sing N N 34  
ALA CB  HB2  sing N N 35  
ALA CB  HB3  sing N N 36  
ALA OXT HXT  sing N N 37  
ARG N   CA   sing N N 38  
ARG N   H    sing N N 39  
ARG N   H2   sing N N 40  
ARG CA  C    sing N N 41  
ARG CA  CB   sing N N 42  
ARG CA  HA   sing N N 43  
ARG C   O    doub N N 44  
ARG C   OXT  sing N N 45  
ARG CB  CG   sing N N 46  
ARG CB  HB2  sing N N 47  
ARG CB  HB3  sing N N 48  
ARG CG  CD   sing N N 49  
ARG CG  HG2  sing N N 50  
ARG CG  HG3  sing N N 51  
ARG CD  NE   sing N N 52  
ARG CD  HD2  sing N N 53  
ARG CD  HD3  sing N N 54  
ARG NE  CZ   sing N N 55  
ARG NE  HE   sing N N 56  
ARG CZ  NH1  sing N N 57  
ARG CZ  NH2  doub N N 58  
ARG NH1 HH11 sing N N 59  
ARG NH1 HH12 sing N N 60  
ARG NH2 HH21 sing N N 61  
ARG NH2 HH22 sing N N 62  
ARG OXT HXT  sing N N 63  
ASN N   CA   sing N N 64  
ASN N   H    sing N N 65  
ASN N   H2   sing N N 66  
ASN CA  C    sing N N 67  
ASN CA  CB   sing N N 68  
ASN CA  HA   sing N N 69  
ASN C   O    doub N N 70  
ASN C   OXT  sing N N 71  
ASN CB  CG   sing N N 72  
ASN CB  HB2  sing N N 73  
ASN CB  HB3  sing N N 74  
ASN CG  OD1  doub N N 75  
ASN CG  ND2  sing N N 76  
ASN ND2 HD21 sing N N 77  
ASN ND2 HD22 sing N N 78  
ASN OXT HXT  sing N N 79  
ASP N   CA   sing N N 80  
ASP N   H    sing N N 81  
ASP N   H2   sing N N 82  
ASP CA  C    sing N N 83  
ASP CA  CB   sing N N 84  
ASP CA  HA   sing N N 85  
ASP C   O    doub N N 86  
ASP C   OXT  sing N N 87  
ASP CB  CG   sing N N 88  
ASP CB  HB2  sing N N 89  
ASP CB  HB3  sing N N 90  
ASP CG  OD1  doub N N 91  
ASP CG  OD2  sing N N 92  
ASP OD2 HD2  sing N N 93  
ASP OXT HXT  sing N N 94  
CYS N   CA   sing N N 95  
CYS N   H    sing N N 96  
CYS N   H2   sing N N 97  
CYS CA  C    sing N N 98  
CYS CA  CB   sing N N 99  
CYS CA  HA   sing N N 100 
CYS C   O    doub N N 101 
CYS C   OXT  sing N N 102 
CYS CB  SG   sing N N 103 
CYS CB  HB2  sing N N 104 
CYS CB  HB3  sing N N 105 
CYS SG  HG   sing N N 106 
CYS OXT HXT  sing N N 107 
GLN N   CA   sing N N 108 
GLN N   H    sing N N 109 
GLN N   H2   sing N N 110 
GLN CA  C    sing N N 111 
GLN CA  CB   sing N N 112 
GLN CA  HA   sing N N 113 
GLN C   O    doub N N 114 
GLN C   OXT  sing N N 115 
GLN CB  CG   sing N N 116 
GLN CB  HB2  sing N N 117 
GLN CB  HB3  sing N N 118 
GLN CG  CD   sing N N 119 
GLN CG  HG2  sing N N 120 
GLN CG  HG3  sing N N 121 
GLN CD  OE1  doub N N 122 
GLN CD  NE2  sing N N 123 
GLN NE2 HE21 sing N N 124 
GLN NE2 HE22 sing N N 125 
GLN OXT HXT  sing N N 126 
GLU N   CA   sing N N 127 
GLU N   H    sing N N 128 
GLU N   H2   sing N N 129 
GLU CA  C    sing N N 130 
GLU CA  CB   sing N N 131 
GLU CA  HA   sing N N 132 
GLU C   O    doub N N 133 
GLU C   OXT  sing N N 134 
GLU CB  CG   sing N N 135 
GLU CB  HB2  sing N N 136 
GLU CB  HB3  sing N N 137 
GLU CG  CD   sing N N 138 
GLU CG  HG2  sing N N 139 
GLU CG  HG3  sing N N 140 
GLU CD  OE1  doub N N 141 
GLU CD  OE2  sing N N 142 
GLU OE2 HE2  sing N N 143 
GLU OXT HXT  sing N N 144 
GLY N   CA   sing N N 145 
GLY N   H    sing N N 146 
GLY N   H2   sing N N 147 
GLY CA  C    sing N N 148 
GLY CA  HA2  sing N N 149 
GLY CA  HA3  sing N N 150 
GLY C   O    doub N N 151 
GLY C   OXT  sing N N 152 
GLY OXT HXT  sing N N 153 
HIS N   CA   sing N N 154 
HIS N   H    sing N N 155 
HIS N   H2   sing N N 156 
HIS CA  C    sing N N 157 
HIS CA  CB   sing N N 158 
HIS CA  HA   sing N N 159 
HIS C   O    doub N N 160 
HIS C   OXT  sing N N 161 
HIS CB  CG   sing N N 162 
HIS CB  HB2  sing N N 163 
HIS CB  HB3  sing N N 164 
HIS CG  ND1  sing Y N 165 
HIS CG  CD2  doub Y N 166 
HIS ND1 CE1  doub Y N 167 
HIS ND1 HD1  sing N N 168 
HIS CD2 NE2  sing Y N 169 
HIS CD2 HD2  sing N N 170 
HIS CE1 NE2  sing Y N 171 
HIS CE1 HE1  sing N N 172 
HIS NE2 HE2  sing N N 173 
HIS OXT HXT  sing N N 174 
HOH O   H1   sing N N 175 
HOH O   H2   sing N N 176 
ILE N   CA   sing N N 177 
ILE N   H    sing N N 178 
ILE N   H2   sing N N 179 
ILE CA  C    sing N N 180 
ILE CA  CB   sing N N 181 
ILE CA  HA   sing N N 182 
ILE C   O    doub N N 183 
ILE C   OXT  sing N N 184 
ILE CB  CG1  sing N N 185 
ILE CB  CG2  sing N N 186 
ILE CB  HB   sing N N 187 
ILE CG1 CD1  sing N N 188 
ILE CG1 HG12 sing N N 189 
ILE CG1 HG13 sing N N 190 
ILE CG2 HG21 sing N N 191 
ILE CG2 HG22 sing N N 192 
ILE CG2 HG23 sing N N 193 
ILE CD1 HD11 sing N N 194 
ILE CD1 HD12 sing N N 195 
ILE CD1 HD13 sing N N 196 
ILE OXT HXT  sing N N 197 
LEU N   CA   sing N N 198 
LEU N   H    sing N N 199 
LEU N   H2   sing N N 200 
LEU CA  C    sing N N 201 
LEU CA  CB   sing N N 202 
LEU CA  HA   sing N N 203 
LEU C   O    doub N N 204 
LEU C   OXT  sing N N 205 
LEU CB  CG   sing N N 206 
LEU CB  HB2  sing N N 207 
LEU CB  HB3  sing N N 208 
LEU CG  CD1  sing N N 209 
LEU CG  CD2  sing N N 210 
LEU CG  HG   sing N N 211 
LEU CD1 HD11 sing N N 212 
LEU CD1 HD12 sing N N 213 
LEU CD1 HD13 sing N N 214 
LEU CD2 HD21 sing N N 215 
LEU CD2 HD22 sing N N 216 
LEU CD2 HD23 sing N N 217 
LEU OXT HXT  sing N N 218 
LYS N   CA   sing N N 219 
LYS N   H    sing N N 220 
LYS N   H2   sing N N 221 
LYS CA  C    sing N N 222 
LYS CA  CB   sing N N 223 
LYS CA  HA   sing N N 224 
LYS C   O    doub N N 225 
LYS C   OXT  sing N N 226 
LYS CB  CG   sing N N 227 
LYS CB  HB2  sing N N 228 
LYS CB  HB3  sing N N 229 
LYS CG  CD   sing N N 230 
LYS CG  HG2  sing N N 231 
LYS CG  HG3  sing N N 232 
LYS CD  CE   sing N N 233 
LYS CD  HD2  sing N N 234 
LYS CD  HD3  sing N N 235 
LYS CE  NZ   sing N N 236 
LYS CE  HE2  sing N N 237 
LYS CE  HE3  sing N N 238 
LYS NZ  HZ1  sing N N 239 
LYS NZ  HZ2  sing N N 240 
LYS NZ  HZ3  sing N N 241 
LYS OXT HXT  sing N N 242 
PHE N   CA   sing N N 243 
PHE N   H    sing N N 244 
PHE N   H2   sing N N 245 
PHE CA  C    sing N N 246 
PHE CA  CB   sing N N 247 
PHE CA  HA   sing N N 248 
PHE C   O    doub N N 249 
PHE C   OXT  sing N N 250 
PHE CB  CG   sing N N 251 
PHE CB  HB2  sing N N 252 
PHE CB  HB3  sing N N 253 
PHE CG  CD1  doub Y N 254 
PHE CG  CD2  sing Y N 255 
PHE CD1 CE1  sing Y N 256 
PHE CD1 HD1  sing N N 257 
PHE CD2 CE2  doub Y N 258 
PHE CD2 HD2  sing N N 259 
PHE CE1 CZ   doub Y N 260 
PHE CE1 HE1  sing N N 261 
PHE CE2 CZ   sing Y N 262 
PHE CE2 HE2  sing N N 263 
PHE CZ  HZ   sing N N 264 
PHE OXT HXT  sing N N 265 
PRO N   CA   sing N N 266 
PRO N   CD   sing N N 267 
PRO N   H    sing N N 268 
PRO CA  C    sing N N 269 
PRO CA  CB   sing N N 270 
PRO CA  HA   sing N N 271 
PRO C   O    doub N N 272 
PRO C   OXT  sing N N 273 
PRO CB  CG   sing N N 274 
PRO CB  HB2  sing N N 275 
PRO CB  HB3  sing N N 276 
PRO CG  CD   sing N N 277 
PRO CG  HG2  sing N N 278 
PRO CG  HG3  sing N N 279 
PRO CD  HD2  sing N N 280 
PRO CD  HD3  sing N N 281 
PRO OXT HXT  sing N N 282 
SER N   CA   sing N N 283 
SER N   H    sing N N 284 
SER N   H2   sing N N 285 
SER CA  C    sing N N 286 
SER CA  CB   sing N N 287 
SER CA  HA   sing N N 288 
SER C   O    doub N N 289 
SER C   OXT  sing N N 290 
SER CB  OG   sing N N 291 
SER CB  HB2  sing N N 292 
SER CB  HB3  sing N N 293 
SER OG  HG   sing N N 294 
SER OXT HXT  sing N N 295 
THR N   CA   sing N N 296 
THR N   H    sing N N 297 
THR N   H2   sing N N 298 
THR CA  C    sing N N 299 
THR CA  CB   sing N N 300 
THR CA  HA   sing N N 301 
THR C   O    doub N N 302 
THR C   OXT  sing N N 303 
THR CB  OG1  sing N N 304 
THR CB  CG2  sing N N 305 
THR CB  HB   sing N N 306 
THR OG1 HG1  sing N N 307 
THR CG2 HG21 sing N N 308 
THR CG2 HG22 sing N N 309 
THR CG2 HG23 sing N N 310 
THR OXT HXT  sing N N 311 
TRP N   CA   sing N N 312 
TRP N   H    sing N N 313 
TRP N   H2   sing N N 314 
TRP CA  C    sing N N 315 
TRP CA  CB   sing N N 316 
TRP CA  HA   sing N N 317 
TRP C   O    doub N N 318 
TRP C   OXT  sing N N 319 
TRP CB  CG   sing N N 320 
TRP CB  HB2  sing N N 321 
TRP CB  HB3  sing N N 322 
TRP CG  CD1  doub Y N 323 
TRP CG  CD2  sing Y N 324 
TRP CD1 NE1  sing Y N 325 
TRP CD1 HD1  sing N N 326 
TRP CD2 CE2  doub Y N 327 
TRP CD2 CE3  sing Y N 328 
TRP NE1 CE2  sing Y N 329 
TRP NE1 HE1  sing N N 330 
TRP CE2 CZ2  sing Y N 331 
TRP CE3 CZ3  doub Y N 332 
TRP CE3 HE3  sing N N 333 
TRP CZ2 CH2  doub Y N 334 
TRP CZ2 HZ2  sing N N 335 
TRP CZ3 CH2  sing Y N 336 
TRP CZ3 HZ3  sing N N 337 
TRP CH2 HH2  sing N N 338 
TRP OXT HXT  sing N N 339 
TYR N   CA   sing N N 340 
TYR N   H    sing N N 341 
TYR N   H2   sing N N 342 
TYR CA  C    sing N N 343 
TYR CA  CB   sing N N 344 
TYR CA  HA   sing N N 345 
TYR C   O    doub N N 346 
TYR C   OXT  sing N N 347 
TYR CB  CG   sing N N 348 
TYR CB  HB2  sing N N 349 
TYR CB  HB3  sing N N 350 
TYR CG  CD1  doub Y N 351 
TYR CG  CD2  sing Y N 352 
TYR CD1 CE1  sing Y N 353 
TYR CD1 HD1  sing N N 354 
TYR CD2 CE2  doub Y N 355 
TYR CD2 HD2  sing N N 356 
TYR CE1 CZ   doub Y N 357 
TYR CE1 HE1  sing N N 358 
TYR CE2 CZ   sing Y N 359 
TYR CE2 HE2  sing N N 360 
TYR CZ  OH   sing N N 361 
TYR OH  HH   sing N N 362 
TYR OXT HXT  sing N N 363 
VAL N   CA   sing N N 364 
VAL N   H    sing N N 365 
VAL N   H2   sing N N 366 
VAL CA  C    sing N N 367 
VAL CA  CB   sing N N 368 
VAL CA  HA   sing N N 369 
VAL C   O    doub N N 370 
VAL C   OXT  sing N N 371 
VAL CB  CG1  sing N N 372 
VAL CB  CG2  sing N N 373 
VAL CB  HB   sing N N 374 
VAL CG1 HG11 sing N N 375 
VAL CG1 HG12 sing N N 376 
VAL CG1 HG13 sing N N 377 
VAL CG2 HG21 sing N N 378 
VAL CG2 HG22 sing N N 379 
VAL CG2 HG23 sing N N 380 
VAL OXT HXT  sing N N 381 
# 
loop_
_pdbx_entity_nonpoly.entity_id 
_pdbx_entity_nonpoly.name 
_pdbx_entity_nonpoly.comp_id 
2 '(PHENYL-PHOSPHONO-METHYL)-PHOSPHONIC ACID' 787 
3 water                                       HOH 
# 
_pdbx_initial_refinement_model.id               1 
_pdbx_initial_refinement_model.entity_id_list   ? 
_pdbx_initial_refinement_model.type             'experimental model' 
_pdbx_initial_refinement_model.source_name      PDB 
_pdbx_initial_refinement_model.accession_code   1SHD 
_pdbx_initial_refinement_model.details          ? 
# 
